data_7KAQ
#
_entry.id   7KAQ
#
_cell.length_a   1.00
_cell.length_b   1.00
_cell.length_c   1.00
_cell.angle_alpha   90.00
_cell.angle_beta   90.00
_cell.angle_gamma   90.00
#
_symmetry.space_group_name_H-M   'P 1'
#
loop_
_entity.id
_entity.type
_entity.pdbx_description
1 polymer 'Protein transport protein SEC61'
2 polymer 'Protein transport protein SSS1'
3 polymer 'Protein transport protein SBH1'
4 polymer 'Protein translocation protein SEC63'
5 polymer 'Translocation protein SEC66'
6 polymer 'Translocation protein SEC72'
7 polymer 'Protein transport protein Sec62'
#
loop_
_entity_poly.entity_id
_entity_poly.type
_entity_poly.pdbx_seq_one_letter_code
_entity_poly.pdbx_strand_id
1 'polypeptide(L)'
;MSSNRVLDLFKPFESFLPEVIAPERKVPYNQKLIWTGVSLLIFLILGQIPLYGIVSSETSDPLYWLRAMLASNRGTLLEL
GVSPIITSSLIFQFLQGTQLLQIRPESKQDRELFQIAQKVCAIILILGQALVVVMTGNYGAPSDLGLPICLLLIFQLMFA
SLIVMLLDELLSKGYGLGSGISLFIATNIAEQIFWRAFAPTTVNSGRGKEFEGAVIAFFHLLAVRKDKKRALVEAFYRTN
LPNMFQVLMTVAIFLFVLYLQGFRYELPIRSTKVRGQIGIYPIKLFYTSNTPIILQSALTSNIFLISQILFQKYPTNPLI
RLIGVWGIRPGTQGPQMALSGLAYYIQPLMSLSEALLDPIKTIVYITFVLGSCAVFSKTWIEISGTSPRDIAKQFKDQGM
VINGKRETSIYRELKKIIPTAAAFGGATIGALSVGSDLLGTLGSGASILLATTTIYGYYEAAAKEGGFTKNLVPGFSDLM
;
A
2 'polypeptide(L)' MARASEKGEEKKQSNNQVEKLVEAPVEFVREGTQFLAKCKKPDLKEYTKIVKAVGIGFIAVGIIGYAIKLIHIPIRYVIV C
3 'polypeptide(L)'
;MSSPTPPGGQRTLQKRKQGSSQKVAASAPKKNTNSNNSILKIYSDEATGLRVDPLVVLFLAVGFIFSVVALHVISKVAGK
LF
;
B
4 'polypeptide(L)'
;GGSGGSGGSGGSGGSPTNYEYDEASETWPSFILTGLLMVVGPMTLLQIYQIFFGANAEDGNSGKSKEFNEEVFKNLNEEY
TSDEIKQFRRKFDKNSNKKSKIWSRRNIIIIVGWILVAILLQRINSNDAIKDAATKLFDPYEILGISTSASDRDIKSAYR
KLSVKFHPDKLAKGLTPDEKSVMEETYVQITKAYESLTDELVRQNYLKYGHPDGPQSTSHGIALPRFLVDGSASPLLVVC
YVALLGLILPYFVSRWWARTQSYTKKGIHNVTASNFVSNLVNYKPSEIVTTDLILHWLSFAHEFKQFFPDLQPTDFEKLL
QDHINRRDSGKLNNAKFRIVAKCHSLLHGLLDIACGFRNLDIALGAINTFKCIVQAVPLTPNCQILQLPNVDKEHFITKT
GDIHTLGKLFTLEDAKIGEVLGIKDQAKLNETLRVASHIPNLKIIKADFLVPGENQVTPSSTPYISLKVLVRSAKQPLIP
TSLIPEENLTEPQDFESQRDPFAMMSKQPLVPYSFAPFFPTKRRGSWCCLVSSQKDGKILQTPIIIEKLSYKNLNDDKDF
FDKRIKMDLTKHEKFDINDWEIGTIKIPLGQPAPETVGDFFFRVIVKSTDYFTTDLDITMNMKVRDSPAVEQVEVYSEED
DEYSTDDDETESDDESDASDYTDIDTDTEAEDDESPEAGGATTASGTGENLYFQ
;
D
5 'polypeptide(L)'
;MSEFNETKFSNNGTFFETEEPIVETKSISVYTPLIYVFILVVSLVMFASSYRKKQAKKISEQPSIFDENDAHDLYFQIKE
MSENEKIHEKVLKAALLNRGAESVRRSLKLKELAPQINLLYKNGSIGEDYWKRFETEVKLIELEFKDTLQEAERLQPGWV
QLFVMVCKEICFNQALSRRYQSILKRKEVCIKEWELKINNDGRLVN
;
E
6 'polypeptide(L)'
;MVTLEYNANSKLITASDAVVALSTETNIDQINVLTTSLIGETNPNFTPQPNEALSKMIKGLFESGMKNLQQKKLNEALKN
VSLAIEMAQRKRAPWEAFAIQLPELHFMLRSKIDLCLILGKHLEALQDLDFLLGTGLIQPDVFVRKADCLLKLRQWEEAR
ATCERGLALAPEDMKLRALLIETARNLAEYNGE
;
F
7 'polypeptide(L)'
;(UNK)(UNK)(UNK)(UNK)(UNK)(UNK)(UNK)(UNK)(UNK)(UNK)(UNK)(UNK)(UNK)(UNK)(UNK)(UNK)
(UNK)(UNK)(UNK)(UNK)(UNK)(UNK)(UNK)(UNK)(UNK)(UNK)(UNK)(UNK)(UNK)(UNK)(UNK)(UNK)
(UNK)(UNK)(UNK)(UNK)(UNK)(UNK)(UNK)(UNK)(UNK)(UNK)(UNK)(UNK)(UNK)(UNK)(UNK)(UNK)
(UNK)(UNK)(UNK)(UNK)(UNK)(UNK)(UNK)(UNK)
;
G
#
# COMPACT_ATOMS: atom_id res chain seq x y z
N PRO A 12 2.68 -37.01 5.49
CA PRO A 12 2.77 -35.79 6.29
C PRO A 12 3.48 -36.01 7.63
N PHE A 13 4.13 -34.98 8.14
CA PHE A 13 4.84 -35.07 9.40
C PHE A 13 5.02 -33.67 9.97
N GLU A 14 5.37 -33.62 11.26
CA GLU A 14 5.58 -32.36 11.96
C GLU A 14 7.07 -32.11 12.09
N SER A 15 7.52 -30.92 11.67
CA SER A 15 8.92 -30.55 11.73
C SER A 15 9.05 -29.07 12.05
N PHE A 16 9.99 -28.74 12.93
CA PHE A 16 10.25 -27.36 13.34
C PHE A 16 11.56 -26.94 12.68
N LEU A 17 11.44 -26.34 11.50
CA LEU A 17 12.59 -25.93 10.70
C LEU A 17 12.65 -24.40 10.60
N PRO A 18 13.84 -23.84 10.39
CA PRO A 18 13.95 -22.38 10.25
C PRO A 18 13.27 -21.90 8.99
N GLU A 19 12.42 -20.88 9.13
CA GLU A 19 11.69 -20.31 8.01
C GLU A 19 11.47 -18.84 8.24
N VAL A 20 11.50 -18.06 7.17
CA VAL A 20 11.20 -16.63 7.23
C VAL A 20 9.70 -16.44 7.15
N ILE A 21 9.18 -15.54 7.98
CA ILE A 21 7.74 -15.30 8.06
C ILE A 21 7.33 -14.24 7.06
N ALA A 22 6.20 -14.47 6.40
CA ALA A 22 5.67 -13.48 5.50
C ALA A 22 5.01 -12.34 6.28
N PRO A 23 5.10 -11.11 5.80
CA PRO A 23 4.50 -9.99 6.52
C PRO A 23 2.99 -10.06 6.48
N GLU A 24 2.36 -9.78 7.63
CA GLU A 24 0.91 -9.78 7.70
C GLU A 24 0.29 -8.61 6.96
N ARG A 25 1.08 -7.61 6.60
CA ARG A 25 0.62 -6.46 5.84
C ARG A 25 1.36 -6.41 4.52
N LYS A 26 0.71 -5.82 3.52
CA LYS A 26 1.31 -5.74 2.20
C LYS A 26 2.53 -4.84 2.22
N VAL A 27 3.65 -5.35 1.71
CA VAL A 27 4.90 -4.59 1.69
C VAL A 27 4.81 -3.53 0.61
N PRO A 28 5.20 -2.29 0.90
CA PRO A 28 5.20 -1.25 -0.15
C PRO A 28 6.18 -1.56 -1.26
N TYR A 29 6.11 -0.79 -2.35
CA TYR A 29 6.93 -1.07 -3.51
C TYR A 29 8.40 -0.72 -3.28
N ASN A 30 8.68 0.37 -2.57
CA ASN A 30 10.05 0.81 -2.39
C ASN A 30 10.85 -0.17 -1.54
N GLN A 31 10.28 -0.59 -0.41
CA GLN A 31 10.95 -1.58 0.42
C GLN A 31 11.14 -2.89 -0.33
N LYS A 32 10.15 -3.27 -1.13
CA LYS A 32 10.27 -4.50 -1.93
C LYS A 32 11.41 -4.40 -2.92
N LEU A 33 11.53 -3.26 -3.60
CA LEU A 33 12.61 -3.08 -4.57
C LEU A 33 13.96 -3.08 -3.87
N ILE A 34 14.06 -2.43 -2.71
CA ILE A 34 15.32 -2.42 -1.98
C ILE A 34 15.69 -3.83 -1.54
N TRP A 35 14.72 -4.62 -1.09
CA TRP A 35 15.00 -5.99 -0.69
C TRP A 35 15.46 -6.83 -1.87
N THR A 36 14.80 -6.67 -3.02
CA THR A 36 15.25 -7.38 -4.22
C THR A 36 16.69 -7.01 -4.54
N GLY A 37 17.01 -5.72 -4.52
CA GLY A 37 18.36 -5.30 -4.84
C GLY A 37 19.40 -5.86 -3.89
N VAL A 38 19.14 -5.80 -2.59
CA VAL A 38 20.15 -6.24 -1.63
C VAL A 38 20.28 -7.76 -1.66
N SER A 39 19.17 -8.48 -1.83
CA SER A 39 19.24 -9.94 -1.93
C SER A 39 20.00 -10.36 -3.18
N LEU A 40 19.78 -9.65 -4.30
CA LEU A 40 20.53 -9.94 -5.51
C LEU A 40 22.02 -9.68 -5.30
N LEU A 41 22.36 -8.57 -4.65
CA LEU A 41 23.76 -8.28 -4.38
C LEU A 41 24.40 -9.37 -3.54
N ILE A 42 23.69 -9.82 -2.50
CA ILE A 42 24.23 -10.87 -1.64
C ILE A 42 24.43 -12.16 -2.42
N PHE A 43 23.41 -12.55 -3.19
CA PHE A 43 23.51 -13.79 -3.96
C PHE A 43 24.65 -13.71 -4.98
N LEU A 44 24.85 -12.53 -5.58
CA LEU A 44 25.90 -12.40 -6.58
C LEU A 44 27.29 -12.41 -5.96
N ILE A 45 27.44 -11.79 -4.78
CA ILE A 45 28.71 -11.88 -4.09
C ILE A 45 28.99 -13.31 -3.66
N LEU A 46 27.94 -14.03 -3.27
CA LEU A 46 28.12 -15.43 -2.87
C LEU A 46 28.63 -16.28 -4.02
N GLY A 47 28.33 -15.90 -5.26
CA GLY A 47 28.76 -16.66 -6.41
C GLY A 47 30.14 -16.32 -6.93
N GLN A 48 30.82 -15.35 -6.35
CA GLN A 48 32.14 -14.95 -6.80
C GLN A 48 33.24 -15.28 -5.80
N ILE A 49 32.96 -16.11 -4.80
CA ILE A 49 33.92 -16.44 -3.76
C ILE A 49 34.29 -17.92 -3.91
N PRO A 50 35.58 -18.25 -4.01
CA PRO A 50 35.99 -19.65 -4.08
C PRO A 50 36.08 -20.27 -2.69
N LEU A 51 36.18 -21.59 -2.67
CA LEU A 51 36.26 -22.32 -1.42
C LEU A 51 37.67 -22.15 -0.82
N TYR A 52 37.89 -22.83 0.30
CA TYR A 52 39.15 -22.70 1.03
C TYR A 52 40.08 -23.90 0.87
N GLY A 53 39.59 -25.10 1.17
CA GLY A 53 40.44 -26.27 1.17
C GLY A 53 40.86 -26.78 -0.19
N ILE A 54 40.29 -26.24 -1.26
CA ILE A 54 40.67 -26.69 -2.60
C ILE A 54 42.08 -26.24 -2.92
N VAL A 55 42.69 -26.89 -3.91
CA VAL A 55 44.04 -26.56 -4.34
C VAL A 55 44.10 -26.38 -5.85
N LEU A 63 30.37 -30.45 -17.41
CA LEU A 63 28.96 -30.18 -17.68
C LEU A 63 28.74 -28.70 -17.93
N TYR A 64 29.32 -28.18 -19.01
CA TYR A 64 29.21 -26.76 -19.32
C TYR A 64 27.78 -26.37 -19.68
N TRP A 65 26.98 -27.31 -20.18
CA TRP A 65 25.61 -27.00 -20.57
C TRP A 65 24.76 -26.67 -19.35
N LEU A 66 24.86 -27.49 -18.30
CA LEU A 66 24.06 -27.26 -17.10
C LEU A 66 24.49 -25.99 -16.39
N ARG A 67 25.79 -25.79 -16.23
CA ARG A 67 26.29 -24.59 -15.54
C ARG A 67 25.89 -23.32 -16.28
N ALA A 68 25.74 -23.40 -17.60
CA ALA A 68 25.26 -22.26 -18.36
C ALA A 68 23.74 -22.14 -18.29
N MET A 69 23.04 -23.27 -18.15
CA MET A 69 21.59 -23.26 -18.02
C MET A 69 21.14 -23.03 -16.59
N LEU A 70 21.74 -23.70 -15.61
CA LEU A 70 21.36 -23.58 -14.22
C LEU A 70 21.98 -22.36 -13.55
N ALA A 71 22.73 -21.57 -14.31
CA ALA A 71 23.30 -20.30 -13.84
C ALA A 71 24.16 -20.52 -12.59
N SER A 72 25.16 -21.38 -12.72
CA SER A 72 26.08 -21.69 -11.64
C SER A 72 27.46 -21.95 -12.23
N ASN A 73 28.48 -21.87 -11.38
CA ASN A 73 29.86 -22.01 -11.82
C ASN A 73 30.62 -22.93 -10.87
N ARG A 74 31.58 -23.66 -11.42
CA ARG A 74 32.37 -24.60 -10.64
C ARG A 74 33.50 -23.87 -9.92
N GLY A 75 33.93 -24.46 -8.80
CA GLY A 75 35.05 -23.94 -8.05
C GLY A 75 34.74 -22.78 -7.14
N THR A 76 33.47 -22.43 -6.97
CA THR A 76 33.06 -21.35 -6.09
C THR A 76 32.00 -21.86 -5.12
N LEU A 77 31.58 -20.99 -4.20
CA LEU A 77 30.54 -21.35 -3.26
C LEU A 77 29.19 -21.58 -3.92
N LEU A 78 29.01 -21.11 -5.15
CA LEU A 78 27.77 -21.28 -5.90
C LEU A 78 27.85 -22.46 -6.86
N GLU A 79 28.64 -23.48 -6.50
CA GLU A 79 28.81 -24.62 -7.41
C GLU A 79 27.52 -25.41 -7.52
N LEU A 80 26.89 -25.73 -6.40
CA LEU A 80 25.57 -26.36 -6.45
C LEU A 80 24.52 -25.39 -6.97
N GLY A 81 24.61 -24.14 -6.55
CA GLY A 81 23.69 -23.12 -7.06
C GLY A 81 22.26 -23.41 -6.67
N VAL A 82 21.36 -23.16 -7.61
CA VAL A 82 19.93 -23.35 -7.39
C VAL A 82 19.48 -24.75 -7.80
N SER A 83 20.41 -25.68 -7.99
CA SER A 83 20.05 -27.03 -8.42
C SER A 83 19.14 -27.75 -7.43
N PRO A 84 19.40 -27.77 -6.13
CA PRO A 84 18.46 -28.48 -5.23
C PRO A 84 17.07 -27.88 -5.25
N ILE A 85 16.98 -26.55 -5.26
CA ILE A 85 15.67 -25.90 -5.25
C ILE A 85 14.92 -26.21 -6.54
N ILE A 86 15.59 -26.09 -7.69
CA ILE A 86 14.91 -26.30 -8.96
C ILE A 86 14.50 -27.76 -9.11
N THR A 87 15.33 -28.68 -8.64
CA THR A 87 14.99 -30.10 -8.73
C THR A 87 13.81 -30.45 -7.82
N SER A 88 13.83 -29.94 -6.59
CA SER A 88 12.71 -30.18 -5.68
C SER A 88 11.42 -29.60 -6.24
N SER A 89 11.47 -28.37 -6.75
CA SER A 89 10.27 -27.75 -7.30
C SER A 89 9.75 -28.54 -8.50
N LEU A 90 10.66 -28.99 -9.37
CA LEU A 90 10.23 -29.75 -10.54
C LEU A 90 9.60 -31.08 -10.15
N ILE A 91 10.24 -31.82 -9.24
CA ILE A 91 9.70 -33.13 -8.87
C ILE A 91 8.39 -32.97 -8.10
N PHE A 92 8.24 -31.89 -7.34
CA PHE A 92 7.01 -31.67 -6.60
C PHE A 92 5.88 -31.25 -7.54
N GLN A 93 6.18 -30.42 -8.54
CA GLN A 93 5.18 -30.10 -9.55
C GLN A 93 4.77 -31.34 -10.33
N PHE A 94 5.72 -32.24 -10.59
CA PHE A 94 5.38 -33.48 -11.28
C PHE A 94 4.50 -34.38 -10.41
N LEU A 95 4.81 -34.46 -9.12
CA LEU A 95 3.99 -35.25 -8.21
C LEU A 95 2.60 -34.64 -8.05
N GLN A 96 2.49 -33.33 -8.18
CA GLN A 96 1.18 -32.69 -8.17
C GLN A 96 0.41 -32.99 -9.45
N GLY A 97 1.09 -32.90 -10.60
CA GLY A 97 0.43 -33.14 -11.86
C GLY A 97 -0.02 -34.58 -12.05
N THR A 98 0.76 -35.53 -11.54
CA THR A 98 0.39 -36.93 -11.63
C THR A 98 -0.72 -37.31 -10.66
N GLN A 99 -1.16 -36.39 -9.82
CA GLN A 99 -2.28 -36.60 -8.88
C GLN A 99 -2.00 -37.78 -7.95
N LEU A 100 -0.90 -37.67 -7.21
CA LEU A 100 -0.58 -38.61 -6.16
C LEU A 100 -0.52 -37.97 -4.77
N LEU A 101 -0.65 -36.65 -4.68
CA LEU A 101 -0.67 -35.97 -3.39
C LEU A 101 -2.07 -35.71 -2.86
N GLN A 102 -3.07 -35.69 -3.73
CA GLN A 102 -4.47 -35.43 -3.34
C GLN A 102 -4.59 -34.12 -2.58
N ILE A 103 -4.01 -33.07 -3.15
CA ILE A 103 -4.05 -31.75 -2.54
C ILE A 103 -5.49 -31.22 -2.56
N ARG A 104 -5.90 -30.61 -1.46
CA ARG A 104 -7.26 -30.10 -1.31
C ARG A 104 -7.21 -28.62 -1.01
N PRO A 105 -7.62 -27.74 -1.92
CA PRO A 105 -7.54 -26.29 -1.67
C PRO A 105 -8.52 -25.82 -0.60
N GLU A 106 -9.41 -26.67 -0.11
CA GLU A 106 -10.33 -26.27 0.94
C GLU A 106 -9.66 -26.13 2.30
N SER A 107 -8.40 -26.52 2.42
CA SER A 107 -7.67 -26.43 3.68
C SER A 107 -6.43 -25.56 3.50
N LYS A 108 -6.07 -24.86 4.58
CA LYS A 108 -4.87 -24.03 4.60
C LYS A 108 -3.71 -24.73 5.33
N GLN A 109 -3.82 -26.03 5.54
CA GLN A 109 -2.78 -26.81 6.19
C GLN A 109 -2.05 -27.74 5.23
N ASP A 110 -2.74 -28.29 4.24
CA ASP A 110 -2.07 -29.13 3.25
C ASP A 110 -1.12 -28.30 2.40
N ARG A 111 -1.46 -27.03 2.15
CA ARG A 111 -0.54 -26.15 1.43
C ARG A 111 0.75 -25.96 2.20
N GLU A 112 0.65 -25.70 3.51
CA GLU A 112 1.84 -25.57 4.33
C GLU A 112 2.61 -26.88 4.42
N LEU A 113 1.90 -28.00 4.46
CA LEU A 113 2.58 -29.31 4.48
C LEU A 113 3.37 -29.52 3.19
N PHE A 114 2.78 -29.17 2.04
CA PHE A 114 3.48 -29.28 0.77
C PHE A 114 4.69 -28.35 0.74
N GLN A 115 4.53 -27.13 1.26
CA GLN A 115 5.64 -26.18 1.28
C GLN A 115 6.78 -26.68 2.13
N ILE A 116 6.48 -27.24 3.31
CA ILE A 116 7.54 -27.72 4.18
C ILE A 116 8.14 -29.01 3.64
N ALA A 117 7.37 -29.80 2.88
CA ALA A 117 7.93 -30.96 2.23
C ALA A 117 8.93 -30.55 1.16
N GLN A 118 8.63 -29.46 0.46
CA GLN A 118 9.62 -28.88 -0.47
C GLN A 118 10.95 -28.64 0.23
N LYS A 119 10.90 -28.01 1.41
CA LYS A 119 12.14 -27.70 2.12
C LYS A 119 12.84 -28.96 2.62
N VAL A 120 12.08 -29.91 3.14
CA VAL A 120 12.71 -31.11 3.70
C VAL A 120 13.31 -31.98 2.60
N CYS A 121 12.79 -31.92 1.37
CA CYS A 121 13.46 -32.65 0.30
C CYS A 121 14.63 -31.84 -0.26
N ALA A 122 14.49 -30.51 -0.28
CA ALA A 122 15.56 -29.67 -0.78
C ALA A 122 16.82 -29.80 0.07
N ILE A 123 16.66 -29.85 1.39
CA ILE A 123 17.83 -29.91 2.27
C ILE A 123 18.55 -31.24 2.11
N ILE A 124 17.80 -32.34 2.05
CA ILE A 124 18.45 -33.64 1.90
C ILE A 124 19.08 -33.78 0.53
N LEU A 125 18.49 -33.14 -0.49
CA LEU A 125 19.13 -33.13 -1.80
C LEU A 125 20.41 -32.30 -1.76
N ILE A 126 20.40 -31.19 -1.02
CA ILE A 126 21.62 -30.42 -0.80
C ILE A 126 22.71 -31.32 -0.22
N LEU A 127 22.38 -32.04 0.84
CA LEU A 127 23.36 -32.91 1.49
C LEU A 127 23.87 -33.98 0.53
N GLY A 128 22.96 -34.63 -0.18
CA GLY A 128 23.37 -35.69 -1.09
C GLY A 128 24.28 -35.17 -2.20
N GLN A 129 23.88 -34.07 -2.85
CA GLN A 129 24.66 -33.51 -3.93
C GLN A 129 26.02 -33.04 -3.44
N ALA A 130 26.05 -32.38 -2.28
CA ALA A 130 27.34 -31.91 -1.75
C ALA A 130 28.24 -33.09 -1.40
N LEU A 131 27.68 -34.16 -0.83
CA LEU A 131 28.49 -35.30 -0.45
C LEU A 131 29.05 -36.00 -1.68
N VAL A 132 28.23 -36.21 -2.71
CA VAL A 132 28.73 -36.89 -3.90
C VAL A 132 29.75 -36.01 -4.62
N VAL A 133 29.58 -34.69 -4.56
CA VAL A 133 30.55 -33.79 -5.17
C VAL A 133 31.88 -33.87 -4.43
N VAL A 134 31.84 -33.83 -3.09
CA VAL A 134 33.08 -33.82 -2.33
C VAL A 134 33.77 -35.19 -2.34
N MET A 135 33.02 -36.27 -2.54
CA MET A 135 33.62 -37.60 -2.55
C MET A 135 34.05 -38.05 -3.93
N THR A 136 33.44 -37.51 -5.00
CA THR A 136 33.77 -37.91 -6.35
C THR A 136 34.40 -36.80 -7.19
N GLY A 137 34.29 -35.55 -6.76
CA GLY A 137 34.87 -34.44 -7.50
C GLY A 137 36.38 -34.52 -7.61
N ASN A 138 36.96 -33.64 -8.43
CA ASN A 138 38.39 -33.62 -8.66
C ASN A 138 39.15 -32.89 -7.57
N TYR A 139 38.54 -32.70 -6.40
CA TYR A 139 39.20 -31.98 -5.32
C TYR A 139 40.19 -32.84 -4.56
N GLY A 140 40.04 -34.16 -4.64
CA GLY A 140 40.97 -35.06 -3.99
C GLY A 140 40.35 -35.87 -2.86
N ALA A 141 40.86 -37.07 -2.65
CA ALA A 141 40.38 -37.91 -1.56
C ALA A 141 40.83 -37.36 -0.20
N PRO A 142 42.10 -36.98 -0.02
CA PRO A 142 42.44 -36.42 1.30
C PRO A 142 41.88 -35.02 1.50
N LEU A 147 40.44 -35.33 6.88
CA LEU A 147 39.07 -35.28 7.39
C LEU A 147 38.58 -33.86 7.69
N PRO A 148 39.38 -33.04 8.40
CA PRO A 148 38.94 -31.65 8.61
C PRO A 148 38.76 -30.88 7.32
N ILE A 149 39.60 -31.16 6.32
CA ILE A 149 39.50 -30.44 5.05
C ILE A 149 38.15 -30.72 4.38
N CYS A 150 37.81 -32.00 4.21
CA CYS A 150 36.54 -32.32 3.56
C CYS A 150 35.35 -31.90 4.42
N LEU A 151 35.50 -31.97 5.74
CA LEU A 151 34.44 -31.49 6.62
C LEU A 151 34.17 -30.01 6.40
N LEU A 152 35.24 -29.21 6.35
CA LEU A 152 35.08 -27.77 6.12
C LEU A 152 34.51 -27.50 4.74
N LEU A 153 34.96 -28.23 3.73
CA LEU A 153 34.42 -28.04 2.39
C LEU A 153 32.94 -28.40 2.31
N ILE A 154 32.52 -29.43 3.03
CA ILE A 154 31.10 -29.79 3.01
C ILE A 154 30.29 -28.76 3.79
N PHE A 155 30.87 -28.20 4.86
CA PHE A 155 30.17 -27.19 5.63
C PHE A 155 29.97 -25.92 4.82
N GLN A 156 31.01 -25.50 4.09
CA GLN A 156 30.89 -24.32 3.23
C GLN A 156 29.75 -24.49 2.24
N LEU A 157 29.72 -25.63 1.54
CA LEU A 157 28.73 -25.81 0.48
C LEU A 157 27.33 -25.91 1.06
N MET A 158 27.16 -26.66 2.15
CA MET A 158 25.82 -26.78 2.74
C MET A 158 25.33 -25.43 3.24
N PHE A 159 26.23 -24.64 3.83
CA PHE A 159 25.84 -23.31 4.30
C PHE A 159 25.41 -22.43 3.13
N ALA A 160 26.22 -22.39 2.07
CA ALA A 160 25.88 -21.55 0.92
C ALA A 160 24.54 -21.97 0.32
N SER A 161 24.31 -23.28 0.20
CA SER A 161 23.08 -23.76 -0.41
C SER A 161 21.87 -23.42 0.46
N LEU A 162 21.97 -23.60 1.78
CA LEU A 162 20.84 -23.26 2.63
C LEU A 162 20.60 -21.75 2.62
N ILE A 163 21.67 -20.96 2.55
CA ILE A 163 21.52 -19.52 2.44
C ILE A 163 20.73 -19.15 1.19
N VAL A 164 21.13 -19.70 0.05
CA VAL A 164 20.48 -19.28 -1.20
C VAL A 164 19.05 -19.78 -1.24
N MET A 165 18.78 -20.98 -0.71
CA MET A 165 17.41 -21.48 -0.74
C MET A 165 16.50 -20.67 0.19
N LEU A 166 17.00 -20.31 1.38
CA LEU A 166 16.18 -19.51 2.27
C LEU A 166 16.03 -18.08 1.73
N LEU A 167 17.02 -17.60 1.00
CA LEU A 167 16.90 -16.29 0.38
C LEU A 167 15.85 -16.29 -0.71
N ASP A 168 15.79 -17.36 -1.50
CA ASP A 168 14.72 -17.51 -2.48
C ASP A 168 13.37 -17.56 -1.78
N GLU A 169 13.28 -18.32 -0.68
CA GLU A 169 12.05 -18.36 0.10
C GLU A 169 11.66 -16.96 0.55
N LEU A 170 12.62 -16.17 1.01
CA LEU A 170 12.34 -14.82 1.49
C LEU A 170 11.82 -13.94 0.36
N LEU A 171 12.51 -13.96 -0.79
CA LEU A 171 12.07 -13.15 -1.92
C LEU A 171 10.70 -13.56 -2.42
N SER A 172 10.35 -14.83 -2.28
CA SER A 172 9.04 -15.30 -2.72
C SER A 172 7.94 -15.05 -1.69
N LYS A 173 8.30 -14.89 -0.41
CA LYS A 173 7.29 -14.72 0.63
C LYS A 173 6.55 -13.39 0.52
N GLY A 174 7.13 -12.41 -0.16
CA GLY A 174 6.46 -11.14 -0.32
C GLY A 174 7.41 -9.95 -0.23
N TYR A 175 8.58 -10.17 0.35
CA TYR A 175 9.58 -9.11 0.44
C TYR A 175 10.20 -8.78 -0.92
N GLY A 176 10.01 -9.65 -1.92
CA GLY A 176 10.56 -9.45 -3.24
C GLY A 176 9.47 -9.37 -4.30
N LEU A 177 9.87 -8.92 -5.49
CA LEU A 177 8.93 -8.80 -6.60
C LEU A 177 8.33 -10.13 -7.02
N GLY A 178 9.09 -11.22 -6.89
CA GLY A 178 8.60 -12.53 -7.28
C GLY A 178 9.54 -13.64 -6.89
N SER A 179 9.66 -14.65 -7.75
CA SER A 179 10.53 -15.78 -7.47
C SER A 179 11.99 -15.33 -7.51
N GLY A 180 12.85 -16.14 -6.89
CA GLY A 180 14.28 -15.86 -6.88
C GLY A 180 15.02 -16.65 -7.94
N ILE A 181 14.46 -17.79 -8.34
CA ILE A 181 15.13 -18.65 -9.32
C ILE A 181 15.16 -17.96 -10.68
N SER A 182 13.99 -17.60 -11.19
CA SER A 182 13.94 -16.90 -12.48
C SER A 182 14.68 -15.58 -12.41
N LEU A 183 14.63 -14.91 -11.26
CA LEU A 183 15.38 -13.67 -11.09
C LEU A 183 16.87 -13.91 -11.27
N PHE A 184 17.41 -14.91 -10.57
CA PHE A 184 18.85 -15.17 -10.66
C PHE A 184 19.24 -15.61 -12.06
N ILE A 185 18.37 -16.37 -12.72
CA ILE A 185 18.63 -16.77 -14.10
C ILE A 185 18.74 -15.54 -14.99
N ALA A 186 17.79 -14.61 -14.86
CA ALA A 186 17.83 -13.39 -15.65
C ALA A 186 19.08 -12.56 -15.32
N THR A 187 19.49 -12.56 -14.05
CA THR A 187 20.66 -11.79 -13.66
C THR A 187 21.93 -12.35 -14.29
N ASN A 188 22.09 -13.68 -14.25
CA ASN A 188 23.25 -14.29 -14.89
C ASN A 188 23.22 -14.06 -16.40
N ILE A 189 22.03 -14.10 -17.00
CA ILE A 189 21.93 -13.85 -18.44
C ILE A 189 22.38 -12.43 -18.77
N ALA A 190 21.88 -11.44 -18.01
CA ALA A 190 22.26 -10.07 -18.26
C ALA A 190 23.75 -9.85 -17.99
N GLU A 191 24.29 -10.53 -16.98
CA GLU A 191 25.71 -10.40 -16.69
C GLU A 191 26.55 -10.95 -17.83
N GLN A 192 26.17 -12.12 -18.37
CA GLN A 192 26.89 -12.66 -19.51
C GLN A 192 26.79 -11.74 -20.72
N ILE A 193 25.60 -11.16 -20.94
CA ILE A 193 25.42 -10.25 -22.06
C ILE A 193 26.35 -9.05 -21.91
N PHE A 194 26.39 -8.45 -20.73
CA PHE A 194 27.24 -7.28 -20.52
C PHE A 194 28.72 -7.64 -20.59
N TRP A 195 29.10 -8.82 -20.13
CA TRP A 195 30.50 -9.22 -20.20
C TRP A 195 30.93 -9.51 -21.63
N ARG A 196 30.01 -9.99 -22.47
CA ARG A 196 30.35 -10.23 -23.87
C ARG A 196 30.58 -8.95 -24.64
N ALA A 197 30.27 -7.79 -24.07
CA ALA A 197 30.45 -6.50 -24.73
C ALA A 197 31.49 -5.62 -24.06
N PHE A 198 31.60 -5.66 -22.74
CA PHE A 198 32.47 -4.76 -21.99
C PHE A 198 33.56 -5.52 -21.24
N ALA A 199 34.07 -6.58 -21.84
CA ALA A 199 35.06 -7.40 -21.17
C ALA A 199 36.39 -6.67 -21.10
N PRO A 200 36.93 -6.41 -19.90
CA PRO A 200 38.26 -5.79 -19.82
C PRO A 200 39.40 -6.75 -20.09
N THR A 201 39.13 -8.05 -20.15
CA THR A 201 40.19 -9.01 -20.45
C THR A 201 40.73 -8.80 -21.86
N THR A 202 42.03 -9.03 -22.00
CA THR A 202 42.72 -8.89 -23.29
C THR A 202 43.30 -10.23 -23.72
N VAL A 203 43.56 -10.35 -25.01
CA VAL A 203 44.15 -11.56 -25.58
C VAL A 203 45.17 -11.12 -26.62
N ASN A 204 46.42 -11.52 -26.43
CA ASN A 204 47.51 -11.20 -27.34
C ASN A 204 48.00 -12.49 -27.97
N SER A 205 47.71 -12.66 -29.27
CA SER A 205 48.14 -13.82 -30.04
C SER A 205 48.77 -13.33 -31.34
N GLY A 206 50.07 -13.06 -31.30
CA GLY A 206 50.79 -12.67 -32.49
C GLY A 206 50.61 -11.22 -32.91
N ARG A 207 49.39 -10.85 -33.30
CA ARG A 207 49.16 -9.51 -33.82
C ARG A 207 49.24 -8.46 -32.71
N GLY A 208 48.64 -8.72 -31.57
CA GLY A 208 48.68 -7.77 -30.48
C GLY A 208 47.56 -8.03 -29.50
N LYS A 209 47.45 -7.12 -28.53
CA LYS A 209 46.42 -7.20 -27.50
C LYS A 209 45.11 -6.65 -28.04
N GLU A 210 44.06 -7.47 -27.99
CA GLU A 210 42.73 -7.07 -28.42
C GLU A 210 41.75 -7.38 -27.29
N PHE A 211 40.85 -6.44 -27.03
CA PHE A 211 39.86 -6.63 -25.97
C PHE A 211 38.87 -7.71 -26.36
N GLU A 212 38.41 -8.47 -25.38
CA GLU A 212 37.45 -9.53 -25.63
C GLU A 212 36.02 -9.00 -25.70
N GLY A 213 35.80 -7.75 -25.30
CA GLY A 213 34.49 -7.14 -25.40
C GLY A 213 34.31 -6.37 -26.69
N ALA A 214 33.10 -5.84 -26.87
CA ALA A 214 32.73 -5.20 -28.13
C ALA A 214 33.03 -3.70 -28.10
N VAL A 215 32.37 -2.96 -27.21
CA VAL A 215 32.51 -1.50 -27.18
C VAL A 215 33.92 -1.10 -26.79
N ILE A 216 34.51 -1.83 -25.84
CA ILE A 216 35.86 -1.51 -25.37
C ILE A 216 36.85 -1.60 -26.54
N ALA A 217 36.89 -2.76 -27.20
CA ALA A 217 37.79 -2.93 -28.34
C ALA A 217 37.47 -1.97 -29.46
N PHE A 218 36.19 -1.68 -29.68
CA PHE A 218 35.79 -0.73 -30.72
C PHE A 218 36.42 0.63 -30.48
N PHE A 219 36.18 1.22 -29.31
CA PHE A 219 36.73 2.54 -29.04
C PHE A 219 38.24 2.51 -28.95
N HIS A 220 38.80 1.40 -28.47
CA HIS A 220 40.26 1.28 -28.41
C HIS A 220 40.87 1.37 -29.79
N LEU A 221 40.35 0.58 -30.73
CA LEU A 221 40.85 0.64 -32.10
C LEU A 221 40.56 1.99 -32.74
N LEU A 222 39.45 2.62 -32.38
CA LEU A 222 39.15 3.95 -32.89
C LEU A 222 40.15 4.98 -32.38
N ALA A 223 40.70 4.78 -31.19
CA ALA A 223 41.60 5.75 -30.59
C ALA A 223 43.07 5.53 -31.00
N VAL A 224 43.51 4.27 -31.04
CA VAL A 224 44.95 4.03 -31.18
C VAL A 224 45.39 3.85 -32.63
N ARG A 225 44.49 3.43 -33.52
CA ARG A 225 44.93 3.10 -34.87
C ARG A 225 45.29 4.34 -35.68
N LYS A 226 44.65 5.48 -35.39
CA LYS A 226 44.90 6.73 -36.12
C LYS A 226 44.63 6.56 -37.61
N ASP A 227 43.72 5.66 -37.95
CA ASP A 227 43.28 5.45 -39.33
C ASP A 227 41.81 5.07 -39.26
N LYS A 228 40.95 6.09 -39.38
CA LYS A 228 39.53 5.90 -39.10
C LYS A 228 38.86 5.01 -40.14
N LYS A 229 39.12 5.26 -41.42
CA LYS A 229 38.47 4.48 -42.47
C LYS A 229 38.83 3.00 -42.35
N ARG A 230 40.05 2.69 -41.92
CA ARG A 230 40.45 1.30 -41.78
C ARG A 230 40.01 0.72 -40.45
N ALA A 231 40.16 1.48 -39.36
CA ALA A 231 39.81 0.97 -38.04
C ALA A 231 38.31 0.71 -37.92
N LEU A 232 37.48 1.53 -38.57
CA LEU A 232 36.04 1.31 -38.51
C LEU A 232 35.68 -0.07 -39.04
N VAL A 233 36.11 -0.38 -40.26
CA VAL A 233 35.76 -1.68 -40.85
C VAL A 233 36.52 -2.80 -40.15
N GLU A 234 37.68 -2.51 -39.55
CA GLU A 234 38.43 -3.54 -38.86
C GLU A 234 37.74 -3.97 -37.58
N ALA A 235 37.19 -3.02 -36.83
CA ALA A 235 36.49 -3.32 -35.58
C ALA A 235 35.01 -3.57 -35.77
N PHE A 236 34.48 -3.35 -36.97
CA PHE A 236 33.07 -3.56 -37.22
C PHE A 236 32.74 -4.99 -37.58
N TYR A 237 33.64 -5.70 -38.25
CA TYR A 237 33.41 -7.09 -38.63
C TYR A 237 33.85 -8.06 -37.53
N ARG A 238 35.14 -8.08 -37.23
CA ARG A 238 35.70 -8.91 -36.16
C ARG A 238 35.20 -10.35 -36.25
N THR A 239 35.61 -11.01 -37.34
CA THR A 239 35.17 -12.37 -37.59
C THR A 239 35.55 -13.33 -36.46
N ASN A 240 36.52 -12.95 -35.63
CA ASN A 240 36.98 -13.81 -34.55
C ASN A 240 36.34 -13.50 -33.21
N LEU A 241 36.05 -12.24 -32.92
CA LEU A 241 35.56 -11.84 -31.61
C LEU A 241 34.29 -10.99 -31.74
N PRO A 242 33.48 -10.87 -30.69
CA PRO A 242 32.25 -10.08 -30.80
C PRO A 242 32.55 -8.64 -31.21
N ASN A 243 31.64 -8.08 -32.01
CA ASN A 243 31.81 -6.73 -32.53
C ASN A 243 30.57 -5.87 -32.26
N MET A 244 30.56 -4.66 -32.82
CA MET A 244 29.42 -3.77 -32.62
C MET A 244 28.18 -4.23 -33.39
N PHE A 245 28.37 -4.94 -34.50
CA PHE A 245 27.24 -5.42 -35.26
C PHE A 245 26.38 -6.38 -34.45
N GLN A 246 27.01 -7.27 -33.69
CA GLN A 246 26.25 -8.18 -32.83
C GLN A 246 25.51 -7.40 -31.75
N VAL A 247 26.11 -6.33 -31.24
CA VAL A 247 25.44 -5.51 -30.23
C VAL A 247 24.22 -4.85 -30.82
N LEU A 248 24.35 -4.30 -32.03
CA LEU A 248 23.19 -3.68 -32.68
C LEU A 248 22.10 -4.70 -32.94
N MET A 249 22.47 -5.89 -33.40
CA MET A 249 21.47 -6.93 -33.65
C MET A 249 20.76 -7.35 -32.37
N THR A 250 21.51 -7.51 -31.28
CA THR A 250 20.88 -7.98 -30.05
C THR A 250 20.01 -6.89 -29.42
N VAL A 251 20.41 -5.62 -29.51
CA VAL A 251 19.54 -4.57 -28.98
C VAL A 251 18.31 -4.41 -29.86
N ALA A 252 18.45 -4.62 -31.16
CA ALA A 252 17.30 -4.55 -32.05
C ALA A 252 16.30 -5.66 -31.75
N ILE A 253 16.79 -6.89 -31.56
CA ILE A 253 15.87 -7.98 -31.27
C ILE A 253 15.30 -7.83 -29.86
N PHE A 254 16.06 -7.21 -28.95
CA PHE A 254 15.54 -6.89 -27.63
C PHE A 254 14.36 -5.94 -27.72
N LEU A 255 14.50 -4.87 -28.50
CA LEU A 255 13.41 -3.93 -28.69
C LEU A 255 12.24 -4.60 -29.40
N PHE A 256 12.52 -5.48 -30.34
CA PHE A 256 11.45 -6.19 -31.02
C PHE A 256 10.67 -7.09 -30.06
N VAL A 257 11.38 -7.77 -29.16
CA VAL A 257 10.72 -8.59 -28.15
C VAL A 257 9.85 -7.71 -27.26
N LEU A 258 10.37 -6.55 -26.86
CA LEU A 258 9.58 -5.61 -26.08
C LEU A 258 8.30 -5.22 -26.81
N TYR A 259 8.40 -4.89 -28.10
CA TYR A 259 7.21 -4.55 -28.86
C TYR A 259 6.25 -5.73 -28.95
N LEU A 260 6.78 -6.93 -29.04
CA LEU A 260 5.98 -8.14 -29.20
C LEU A 260 5.37 -8.61 -27.88
N GLN A 261 5.71 -7.99 -26.77
CA GLN A 261 5.12 -8.37 -25.49
C GLN A 261 3.80 -7.68 -25.23
N GLY A 262 3.57 -6.53 -25.85
CA GLY A 262 2.32 -5.82 -25.67
C GLY A 262 1.14 -6.39 -26.43
N PHE A 263 1.39 -7.34 -27.33
CA PHE A 263 0.30 -7.99 -28.02
C PHE A 263 -0.54 -8.80 -27.05
N ARG A 264 -1.86 -8.64 -27.15
CA ARG A 264 -2.77 -9.31 -26.23
C ARG A 264 -4.17 -9.26 -26.81
N TYR A 265 -4.97 -10.28 -26.48
CA TYR A 265 -6.37 -10.32 -26.84
C TYR A 265 -7.20 -10.06 -25.58
N GLU A 266 -7.89 -8.92 -25.56
CA GLU A 266 -8.67 -8.50 -24.41
C GLU A 266 -10.14 -8.77 -24.72
N LEU A 267 -10.67 -9.83 -24.13
CA LEU A 267 -12.09 -9.94 -24.44
C LEU A 267 -12.93 -9.33 -23.32
N PRO A 268 -14.01 -8.65 -23.66
CA PRO A 268 -14.83 -8.00 -22.63
C PRO A 268 -15.62 -9.01 -21.81
N ILE A 269 -15.56 -8.84 -20.49
CA ILE A 269 -16.22 -9.73 -19.56
C ILE A 269 -17.02 -8.91 -18.56
N ARG A 270 -18.15 -9.48 -18.14
CA ARG A 270 -19.00 -8.87 -17.13
C ARG A 270 -19.42 -9.93 -16.13
N SER A 271 -19.76 -9.49 -14.93
CA SER A 271 -20.15 -10.40 -13.87
C SER A 271 -21.67 -10.55 -13.82
N THR A 272 -22.11 -11.67 -13.23
CA THR A 272 -23.52 -11.93 -13.02
C THR A 272 -23.90 -12.06 -11.55
N LYS A 273 -23.10 -12.75 -10.73
CA LYS A 273 -23.42 -12.87 -9.32
C LYS A 273 -23.27 -11.52 -8.62
N VAL A 274 -22.13 -10.86 -8.82
CA VAL A 274 -21.88 -9.54 -8.26
C VAL A 274 -21.99 -8.53 -9.40
N ARG A 275 -23.20 -7.99 -9.57
CA ARG A 275 -23.43 -7.04 -10.65
C ARG A 275 -22.67 -5.75 -10.39
N GLY A 276 -22.14 -5.19 -11.48
CA GLY A 276 -21.37 -3.96 -11.40
C GLY A 276 -19.87 -4.14 -11.42
N GLN A 277 -19.37 -5.32 -11.75
CA GLN A 277 -17.94 -5.56 -11.91
C GLN A 277 -17.67 -5.80 -13.39
N ILE A 278 -17.16 -4.77 -14.06
CA ILE A 278 -16.87 -4.82 -15.49
C ILE A 278 -15.36 -4.76 -15.67
N GLY A 279 -14.84 -5.65 -16.49
CA GLY A 279 -13.42 -5.70 -16.74
C GLY A 279 -13.11 -6.42 -18.03
N ILE A 280 -11.83 -6.75 -18.19
CA ILE A 280 -11.35 -7.45 -19.38
C ILE A 280 -10.50 -8.63 -18.94
N TYR A 281 -10.43 -9.63 -19.81
CA TYR A 281 -9.56 -10.79 -19.59
C TYR A 281 -8.46 -10.77 -20.64
N PRO A 282 -7.22 -10.44 -20.28
CA PRO A 282 -6.16 -10.33 -21.28
C PRO A 282 -5.64 -11.71 -21.68
N ILE A 283 -5.47 -11.92 -22.98
CA ILE A 283 -4.89 -13.14 -23.51
C ILE A 283 -3.64 -12.73 -24.29
N LYS A 284 -2.48 -12.87 -23.65
CA LYS A 284 -1.24 -12.43 -24.27
C LYS A 284 -0.89 -13.34 -25.45
N LEU A 285 0.06 -12.88 -26.26
CA LEU A 285 0.54 -13.67 -27.39
C LEU A 285 1.44 -14.80 -26.91
N PHE A 286 2.37 -14.50 -26.00
CA PHE A 286 3.23 -15.51 -25.39
C PHE A 286 2.44 -16.18 -24.27
N TYR A 287 1.42 -16.94 -24.67
CA TYR A 287 0.54 -17.56 -23.70
C TYR A 287 1.28 -18.59 -22.84
N THR A 288 2.07 -19.44 -23.47
CA THR A 288 2.83 -20.45 -22.73
C THR A 288 3.97 -19.85 -21.92
N SER A 289 4.42 -18.64 -22.26
CA SER A 289 5.40 -17.88 -21.50
C SER A 289 6.71 -18.66 -21.35
N ASN A 290 7.36 -18.89 -22.49
CA ASN A 290 8.75 -19.30 -22.62
C ASN A 290 8.98 -20.78 -22.31
N THR A 291 7.94 -21.58 -22.12
CA THR A 291 8.11 -22.98 -21.78
C THR A 291 8.46 -23.85 -22.99
N PRO A 292 7.73 -23.78 -24.11
CA PRO A 292 7.99 -24.74 -25.19
C PRO A 292 9.40 -24.64 -25.75
N ILE A 293 9.94 -23.42 -25.83
CA ILE A 293 11.30 -23.26 -26.32
C ILE A 293 12.31 -23.90 -25.38
N ILE A 294 12.11 -23.77 -24.07
CA ILE A 294 13.09 -24.36 -23.15
C ILE A 294 12.97 -25.89 -23.17
N LEU A 295 11.76 -26.41 -23.34
CA LEU A 295 11.62 -27.86 -23.48
C LEU A 295 12.29 -28.35 -24.76
N GLN A 296 12.10 -27.64 -25.86
CA GLN A 296 12.74 -28.03 -27.12
C GLN A 296 14.26 -27.98 -27.00
N SER A 297 14.79 -26.94 -26.37
CA SER A 297 16.24 -26.83 -26.23
C SER A 297 16.79 -27.94 -25.35
N ALA A 298 16.11 -28.24 -24.24
CA ALA A 298 16.55 -29.34 -23.38
C ALA A 298 16.52 -30.66 -24.13
N LEU A 299 15.47 -30.91 -24.90
CA LEU A 299 15.39 -32.15 -25.66
C LEU A 299 16.50 -32.24 -26.70
N THR A 300 16.75 -31.14 -27.40
CA THR A 300 17.81 -31.15 -28.41
C THR A 300 19.18 -31.38 -27.79
N SER A 301 19.46 -30.71 -26.67
CA SER A 301 20.74 -30.92 -25.99
C SER A 301 20.89 -32.35 -25.52
N ASN A 302 19.84 -32.91 -24.92
CA ASN A 302 19.91 -34.29 -24.43
C ASN A 302 20.12 -35.27 -25.57
N ILE A 303 19.37 -35.11 -26.67
CA ILE A 303 19.50 -36.05 -27.77
C ILE A 303 20.85 -35.90 -28.46
N PHE A 304 21.39 -34.68 -28.51
CA PHE A 304 22.71 -34.48 -29.10
C PHE A 304 23.78 -35.14 -28.25
N LEU A 305 23.72 -34.96 -26.93
CA LEU A 305 24.68 -35.61 -26.06
C LEU A 305 24.57 -37.12 -26.14
N ILE A 306 23.34 -37.63 -26.25
CA ILE A 306 23.13 -39.07 -26.36
C ILE A 306 23.75 -39.61 -27.64
N SER A 307 23.48 -38.94 -28.77
CA SER A 307 24.06 -39.39 -30.03
C SER A 307 25.58 -39.31 -30.00
N GLN A 308 26.13 -38.27 -29.37
CA GLN A 308 27.57 -38.14 -29.29
C GLN A 308 28.19 -39.26 -28.47
N ILE A 309 27.62 -39.55 -27.30
CA ILE A 309 28.15 -40.63 -26.47
C ILE A 309 27.98 -41.98 -27.17
N LEU A 310 26.88 -42.16 -27.91
CA LEU A 310 26.66 -43.41 -28.61
C LEU A 310 27.64 -43.61 -29.74
N PHE A 311 27.94 -42.55 -30.50
CA PHE A 311 28.96 -42.65 -31.53
C PHE A 311 30.36 -42.81 -30.93
N GLN A 312 30.58 -42.29 -29.73
CA GLN A 312 31.85 -42.50 -29.06
C GLN A 312 32.01 -43.95 -28.62
N LYS A 313 30.94 -44.57 -28.12
CA LYS A 313 31.02 -45.97 -27.69
C LYS A 313 31.18 -46.90 -28.89
N TYR A 314 30.22 -46.86 -29.81
CA TYR A 314 30.29 -47.67 -31.02
C TYR A 314 30.97 -46.88 -32.12
N PRO A 315 32.17 -47.29 -32.54
CA PRO A 315 32.92 -46.49 -33.53
C PRO A 315 32.19 -46.35 -34.86
N THR A 316 31.83 -47.47 -35.47
CA THR A 316 31.13 -47.46 -36.75
C THR A 316 30.17 -48.63 -36.80
N ASN A 317 28.91 -48.34 -37.13
CA ASN A 317 27.88 -49.34 -37.29
C ASN A 317 26.87 -48.80 -38.29
N PRO A 318 26.07 -49.66 -38.92
CA PRO A 318 25.05 -49.14 -39.85
C PRO A 318 24.11 -48.13 -39.21
N LEU A 319 23.50 -48.47 -38.08
CA LEU A 319 22.61 -47.52 -37.40
C LEU A 319 23.39 -46.35 -36.82
N ILE A 320 24.60 -46.60 -36.33
CA ILE A 320 25.40 -45.53 -35.74
C ILE A 320 25.88 -44.57 -36.82
N ARG A 321 26.22 -45.08 -38.00
CA ARG A 321 26.56 -44.20 -39.11
C ARG A 321 25.33 -43.50 -39.68
N LEU A 322 24.17 -44.12 -39.54
CA LEU A 322 22.94 -43.52 -40.05
C LEU A 322 22.46 -42.37 -39.18
N ILE A 323 22.56 -42.52 -37.86
CA ILE A 323 22.05 -41.48 -36.96
C ILE A 323 22.90 -40.22 -37.07
N GLY A 324 24.21 -40.37 -37.18
CA GLY A 324 25.09 -39.22 -37.26
C GLY A 324 26.57 -39.56 -37.29
N VAL A 325 27.34 -38.80 -38.04
CA VAL A 325 28.78 -38.99 -38.15
C VAL A 325 29.42 -37.69 -37.62
N TRP A 326 29.95 -37.76 -36.41
CA TRP A 326 30.49 -36.56 -35.77
C TRP A 326 31.79 -36.13 -36.42
N GLY A 327 32.00 -34.81 -36.44
CA GLY A 327 33.20 -34.24 -37.01
C GLY A 327 33.51 -32.90 -36.38
N ILE A 328 34.58 -32.28 -36.87
CA ILE A 328 34.99 -30.97 -36.37
C ILE A 328 34.62 -29.88 -37.37
N GLN A 336 32.65 -30.03 -31.55
CA GLN A 336 32.23 -31.17 -32.34
C GLN A 336 30.91 -30.89 -33.05
N MET A 337 30.83 -31.30 -34.32
CA MET A 337 29.67 -31.05 -35.16
C MET A 337 29.46 -32.24 -36.08
N ALA A 338 28.32 -32.91 -35.94
CA ALA A 338 28.02 -34.09 -36.73
C ALA A 338 27.77 -33.72 -38.19
N LEU A 339 27.99 -34.68 -39.08
CA LEU A 339 27.86 -34.48 -40.51
C LEU A 339 27.15 -35.68 -41.13
N SER A 340 26.32 -35.40 -42.14
CA SER A 340 25.61 -36.44 -42.91
C SER A 340 24.75 -37.33 -42.00
N GLY A 341 24.23 -36.74 -40.93
CA GLY A 341 23.40 -37.47 -40.00
C GLY A 341 22.21 -36.65 -39.56
N LEU A 342 21.28 -37.32 -38.88
CA LEU A 342 20.14 -36.62 -38.30
C LEU A 342 20.59 -35.58 -37.28
N ALA A 343 21.61 -35.92 -36.49
CA ALA A 343 22.18 -34.95 -35.56
C ALA A 343 22.73 -33.74 -36.31
N TYR A 344 23.31 -33.97 -37.48
CA TYR A 344 23.73 -32.86 -38.32
C TYR A 344 22.55 -32.01 -38.77
N TYR A 345 21.43 -32.67 -39.10
CA TYR A 345 20.25 -31.93 -39.54
C TYR A 345 19.70 -31.07 -38.40
N ILE A 346 19.75 -31.56 -37.17
CA ILE A 346 19.14 -30.86 -36.04
C ILE A 346 20.10 -29.82 -35.48
N GLN A 347 21.21 -29.59 -36.18
CA GLN A 347 22.16 -28.60 -35.67
C GLN A 347 21.63 -27.19 -35.89
N PRO A 348 21.73 -26.33 -34.88
CA PRO A 348 21.32 -24.93 -35.05
C PRO A 348 22.25 -24.17 -35.99
N LEU A 349 21.73 -23.09 -36.54
CA LEU A 349 22.48 -22.24 -37.45
C LEU A 349 23.12 -21.11 -36.67
N MET A 350 24.39 -20.82 -36.98
CA MET A 350 25.09 -19.74 -36.30
C MET A 350 25.20 -18.48 -37.15
N SER A 351 25.34 -18.63 -38.46
CA SER A 351 25.54 -17.49 -39.34
C SER A 351 24.87 -17.75 -40.68
N LEU A 352 24.89 -16.74 -41.54
CA LEU A 352 24.28 -16.86 -42.86
C LEU A 352 25.10 -17.73 -43.79
N SER A 353 26.39 -17.90 -43.49
CA SER A 353 27.23 -18.76 -44.32
C SER A 353 26.71 -20.18 -44.33
N GLU A 354 26.43 -20.74 -43.14
CA GLU A 354 25.85 -22.07 -43.08
C GLU A 354 24.43 -22.10 -43.65
N ALA A 355 23.73 -20.96 -43.59
CA ALA A 355 22.40 -20.88 -44.19
C ALA A 355 22.47 -21.07 -45.69
N LEU A 356 23.37 -20.34 -46.36
CA LEU A 356 23.54 -20.50 -47.79
C LEU A 356 24.27 -21.80 -48.13
N LEU A 357 24.93 -22.43 -47.17
CA LEU A 357 25.66 -23.66 -47.44
C LEU A 357 24.70 -24.78 -47.82
N ASP A 358 23.82 -25.17 -46.91
CA ASP A 358 22.90 -26.28 -47.12
C ASP A 358 21.47 -25.79 -46.95
N PRO A 359 20.82 -25.30 -48.01
CA PRO A 359 19.44 -24.81 -47.87
C PRO A 359 18.47 -25.90 -47.42
N ILE A 360 18.74 -27.16 -47.76
CA ILE A 360 17.87 -28.25 -47.31
C ILE A 360 17.88 -28.35 -45.79
N LYS A 361 19.07 -28.33 -45.19
CA LYS A 361 19.17 -28.40 -43.73
C LYS A 361 18.48 -27.22 -43.08
N THR A 362 18.62 -26.03 -43.66
CA THR A 362 17.96 -24.85 -43.09
C THR A 362 16.45 -25.00 -43.14
N ILE A 363 15.91 -25.38 -44.31
CA ILE A 363 14.47 -25.44 -44.48
C ILE A 363 13.87 -26.59 -43.69
N VAL A 364 14.66 -27.60 -43.33
CA VAL A 364 14.11 -28.65 -42.47
C VAL A 364 14.25 -28.27 -41.00
N TYR A 365 15.34 -27.61 -40.62
CA TYR A 365 15.56 -27.24 -39.23
C TYR A 365 14.55 -26.19 -38.78
N ILE A 366 14.30 -25.19 -39.62
CA ILE A 366 13.32 -24.16 -39.26
C ILE A 366 11.94 -24.78 -39.07
N THR A 367 11.50 -25.58 -40.03
CA THR A 367 10.19 -26.21 -39.92
C THR A 367 10.13 -27.12 -38.69
N PHE A 368 11.20 -27.86 -38.42
CA PHE A 368 11.23 -28.75 -37.27
C PHE A 368 11.08 -27.97 -35.97
N VAL A 369 11.89 -26.92 -35.79
CA VAL A 369 11.85 -26.19 -34.53
C VAL A 369 10.50 -25.51 -34.36
N LEU A 370 9.93 -24.97 -35.45
CA LEU A 370 8.63 -24.32 -35.34
C LEU A 370 7.53 -25.31 -34.98
N GLY A 371 7.49 -26.45 -35.67
CA GLY A 371 6.47 -27.45 -35.37
C GLY A 371 6.61 -28.00 -33.96
N SER A 372 7.85 -28.27 -33.54
CA SER A 372 8.07 -28.81 -32.21
C SER A 372 7.66 -27.81 -31.13
N CYS A 373 8.01 -26.54 -31.30
CA CYS A 373 7.61 -25.54 -30.31
C CYS A 373 6.10 -25.36 -30.29
N ALA A 374 5.45 -25.41 -31.46
CA ALA A 374 4.01 -25.25 -31.51
C ALA A 374 3.30 -26.41 -30.80
N VAL A 375 3.71 -27.65 -31.11
CA VAL A 375 3.07 -28.80 -30.47
C VAL A 375 3.40 -28.83 -28.98
N PHE A 376 4.58 -28.33 -28.60
CA PHE A 376 4.89 -28.23 -27.19
C PHE A 376 3.97 -27.23 -26.50
N SER A 377 3.70 -26.10 -27.17
CA SER A 377 2.76 -25.13 -26.62
C SER A 377 1.38 -25.74 -26.45
N LYS A 378 0.92 -26.49 -27.46
CA LYS A 378 -0.38 -27.15 -27.36
C LYS A 378 -0.42 -28.12 -26.19
N THR A 379 0.58 -28.99 -26.10
CA THR A 379 0.61 -29.98 -25.02
C THR A 379 0.70 -29.30 -23.67
N TRP A 380 1.40 -28.17 -23.58
CA TRP A 380 1.55 -27.49 -22.30
C TRP A 380 0.26 -26.80 -21.89
N ILE A 381 -0.45 -26.19 -22.84
CA ILE A 381 -1.73 -25.59 -22.46
C ILE A 381 -2.74 -26.68 -22.15
N GLU A 382 -2.54 -27.89 -22.67
CA GLU A 382 -3.39 -29.01 -22.28
C GLU A 382 -3.05 -29.52 -20.88
N ILE A 383 -1.77 -29.54 -20.52
CA ILE A 383 -1.32 -30.16 -19.29
C ILE A 383 -1.46 -29.21 -18.10
N SER A 384 -1.04 -27.96 -18.26
CA SER A 384 -0.93 -27.02 -17.17
C SER A 384 -2.28 -26.53 -16.65
N GLY A 385 -3.39 -27.11 -17.12
CA GLY A 385 -4.69 -26.70 -16.61
C GLY A 385 -5.14 -25.33 -17.07
N THR A 386 -4.65 -24.85 -18.20
CA THR A 386 -5.08 -23.57 -18.75
C THR A 386 -5.86 -23.74 -20.05
N SER A 387 -6.32 -24.96 -20.33
CA SER A 387 -7.09 -25.28 -21.53
C SER A 387 -8.37 -24.43 -21.58
N PRO A 388 -8.94 -24.21 -22.76
CA PRO A 388 -10.18 -23.42 -22.82
C PRO A 388 -11.31 -24.00 -22.00
N ARG A 389 -11.38 -25.32 -21.85
CA ARG A 389 -12.38 -25.92 -20.98
C ARG A 389 -12.15 -25.49 -19.53
N ASP A 390 -10.90 -25.48 -19.08
CA ASP A 390 -10.61 -25.04 -17.73
C ASP A 390 -10.97 -23.57 -17.53
N ILE A 391 -10.72 -22.74 -18.55
CA ILE A 391 -11.06 -21.32 -18.44
C ILE A 391 -12.56 -21.13 -18.39
N ALA A 392 -13.30 -21.91 -19.17
CA ALA A 392 -14.76 -21.83 -19.11
C ALA A 392 -15.28 -22.28 -17.75
N LYS A 393 -14.67 -23.32 -17.18
CA LYS A 393 -15.03 -23.76 -15.84
C LYS A 393 -14.77 -22.66 -14.81
N GLN A 394 -13.61 -22.01 -14.92
CA GLN A 394 -13.28 -20.93 -14.00
C GLN A 394 -14.26 -19.77 -14.14
N PHE A 395 -14.66 -19.46 -15.38
CA PHE A 395 -15.66 -18.42 -15.59
C PHE A 395 -16.99 -18.81 -14.96
N LYS A 396 -17.37 -20.08 -15.08
CA LYS A 396 -18.60 -20.55 -14.45
C LYS A 396 -18.53 -20.40 -12.94
N ASP A 397 -17.37 -20.73 -12.35
CA ASP A 397 -17.23 -20.58 -10.90
C ASP A 397 -17.31 -19.12 -10.49
N GLN A 398 -16.53 -18.26 -11.13
CA GLN A 398 -16.53 -16.84 -10.80
C GLN A 398 -17.81 -16.14 -11.27
N GLY A 399 -18.57 -16.76 -12.17
CA GLY A 399 -19.78 -16.18 -12.67
C GLY A 399 -19.59 -15.17 -13.78
N MET A 400 -18.36 -14.94 -14.22
CA MET A 400 -18.11 -14.01 -15.30
C MET A 400 -18.58 -14.58 -16.63
N VAL A 401 -19.10 -13.70 -17.48
CA VAL A 401 -19.62 -14.08 -18.79
C VAL A 401 -19.10 -13.10 -19.82
N ILE A 402 -19.29 -13.45 -21.09
CA ILE A 402 -18.90 -12.59 -22.20
C ILE A 402 -19.84 -11.39 -22.24
N ASN A 403 -19.35 -10.28 -22.78
CA ASN A 403 -20.14 -9.05 -22.83
C ASN A 403 -21.39 -9.25 -23.69
N GLY A 404 -21.20 -9.53 -24.98
CA GLY A 404 -22.32 -9.63 -25.89
C GLY A 404 -22.61 -11.03 -26.38
N LYS A 405 -22.43 -12.04 -25.52
CA LYS A 405 -22.67 -13.42 -25.89
C LYS A 405 -23.37 -14.13 -24.74
N ARG A 406 -23.74 -15.39 -24.97
CA ARG A 406 -24.52 -16.16 -24.03
C ARG A 406 -23.59 -16.91 -23.07
N GLU A 407 -24.18 -17.76 -22.23
CA GLU A 407 -23.44 -18.54 -21.25
C GLU A 407 -22.91 -19.84 -21.83
N THR A 408 -23.70 -20.54 -22.64
CA THR A 408 -23.30 -21.81 -23.23
C THR A 408 -22.43 -21.64 -24.47
N SER A 409 -21.91 -20.44 -24.70
CA SER A 409 -21.04 -20.18 -25.84
C SER A 409 -19.64 -19.77 -25.43
N ILE A 410 -19.38 -19.63 -24.12
CA ILE A 410 -18.07 -19.21 -23.66
C ILE A 410 -17.01 -20.25 -24.03
N TYR A 411 -17.32 -21.53 -23.81
CA TYR A 411 -16.38 -22.59 -24.13
C TYR A 411 -16.13 -22.66 -25.63
N ARG A 412 -17.18 -22.54 -26.44
CA ARG A 412 -17.03 -22.59 -27.88
C ARG A 412 -16.24 -21.39 -28.40
N GLU A 413 -16.36 -20.24 -27.75
CA GLU A 413 -15.60 -19.07 -28.17
C GLU A 413 -14.14 -19.17 -27.75
N LEU A 414 -13.88 -19.69 -26.55
CA LEU A 414 -12.50 -19.90 -26.12
C LEU A 414 -11.81 -20.94 -26.98
N LYS A 415 -12.54 -21.95 -27.46
CA LYS A 415 -11.97 -22.89 -28.40
C LYS A 415 -11.54 -22.20 -29.70
N LYS A 416 -12.15 -21.07 -30.01
CA LYS A 416 -11.84 -20.32 -31.22
C LYS A 416 -10.67 -19.36 -31.02
N ILE A 417 -10.17 -19.20 -29.80
CA ILE A 417 -9.17 -18.17 -29.53
C ILE A 417 -7.93 -18.78 -28.89
N ILE A 418 -8.10 -19.46 -27.77
CA ILE A 418 -6.98 -19.92 -26.94
C ILE A 418 -6.04 -20.84 -27.72
N PRO A 419 -6.51 -21.89 -28.39
CA PRO A 419 -5.55 -22.78 -29.09
C PRO A 419 -4.78 -22.07 -30.19
N THR A 420 -5.48 -21.30 -31.02
CA THR A 420 -4.80 -20.56 -32.09
C THR A 420 -3.80 -19.57 -31.51
N ALA A 421 -4.20 -18.86 -30.46
CA ALA A 421 -3.30 -17.89 -29.84
C ALA A 421 -2.05 -18.56 -29.29
N ALA A 422 -2.23 -19.70 -28.61
CA ALA A 422 -1.08 -20.40 -28.04
C ALA A 422 -0.15 -20.91 -29.12
N ALA A 423 -0.72 -21.53 -30.17
CA ALA A 423 0.10 -22.04 -31.26
C ALA A 423 0.87 -20.93 -31.95
N PHE A 424 0.19 -19.81 -32.20
CA PHE A 424 0.85 -18.70 -32.87
C PHE A 424 1.93 -18.08 -31.99
N GLY A 425 1.68 -17.96 -30.69
CA GLY A 425 2.71 -17.45 -29.79
C GLY A 425 3.93 -18.34 -29.74
N GLY A 426 3.72 -19.66 -29.67
CA GLY A 426 4.85 -20.57 -29.74
C GLY A 426 5.62 -20.44 -31.05
N ALA A 427 4.89 -20.29 -32.15
CA ALA A 427 5.54 -20.13 -33.45
C ALA A 427 6.40 -18.87 -33.49
N THR A 428 5.88 -17.76 -32.99
CA THR A 428 6.66 -16.53 -32.98
C THR A 428 7.86 -16.65 -32.05
N ILE A 429 7.70 -17.34 -30.92
CA ILE A 429 8.84 -17.54 -30.03
C ILE A 429 9.94 -18.33 -30.74
N GLY A 430 9.55 -19.39 -31.44
CA GLY A 430 10.53 -20.16 -32.19
C GLY A 430 11.19 -19.34 -33.29
N ALA A 431 10.40 -18.50 -33.97
CA ALA A 431 10.96 -17.64 -35.00
C ALA A 431 11.96 -16.66 -34.43
N LEU A 432 11.64 -16.06 -33.28
CA LEU A 432 12.59 -15.15 -32.64
C LEU A 432 13.86 -15.89 -32.22
N SER A 433 13.70 -17.12 -31.73
CA SER A 433 14.87 -17.90 -31.33
C SER A 433 15.78 -18.19 -32.52
N VAL A 434 15.21 -18.67 -33.62
CA VAL A 434 16.03 -19.01 -34.78
C VAL A 434 16.63 -17.76 -35.40
N GLY A 435 15.91 -16.63 -35.32
CA GLY A 435 16.45 -15.38 -35.82
C GLY A 435 17.64 -14.90 -35.00
N SER A 436 17.54 -14.98 -33.68
CA SER A 436 18.68 -14.64 -32.84
C SER A 436 19.84 -15.59 -33.09
N ASP A 437 19.54 -16.86 -33.35
CA ASP A 437 20.60 -17.83 -33.62
C ASP A 437 21.31 -17.57 -34.94
N LEU A 438 20.57 -17.15 -35.97
CA LEU A 438 21.19 -16.93 -37.27
C LEU A 438 21.90 -15.58 -37.32
N LEU A 439 21.31 -14.55 -36.70
CA LEU A 439 21.94 -13.24 -36.70
C LEU A 439 23.21 -13.19 -35.86
N GLY A 440 23.42 -14.16 -34.98
CA GLY A 440 24.61 -14.17 -34.15
C GLY A 440 24.66 -13.03 -33.15
N THR A 441 23.72 -13.03 -32.21
CA THR A 441 23.71 -12.02 -31.16
C THR A 441 24.72 -12.38 -30.07
N LEU A 442 24.85 -11.48 -29.09
CA LEU A 442 25.78 -11.72 -27.99
C LEU A 442 25.32 -12.83 -27.09
N GLY A 443 24.04 -13.19 -27.12
CA GLY A 443 23.53 -14.26 -26.28
C GLY A 443 22.48 -15.06 -27.02
N SER A 444 22.19 -16.24 -26.48
CA SER A 444 21.17 -17.09 -27.06
C SER A 444 19.81 -16.40 -27.00
N GLY A 445 18.98 -16.70 -28.00
CA GLY A 445 17.64 -16.13 -28.03
C GLY A 445 16.81 -16.53 -26.82
N ALA A 446 16.96 -17.77 -26.37
CA ALA A 446 16.21 -18.23 -25.21
C ALA A 446 16.58 -17.44 -23.96
N SER A 447 17.87 -17.14 -23.78
CA SER A 447 18.29 -16.39 -22.61
C SER A 447 17.67 -15.00 -22.59
N ILE A 448 17.72 -14.30 -23.74
CA ILE A 448 17.10 -12.99 -23.84
C ILE A 448 15.60 -13.09 -23.58
N LEU A 449 14.97 -14.12 -24.14
CA LEU A 449 13.53 -14.28 -23.93
C LEU A 449 13.20 -14.45 -22.47
N LEU A 450 13.96 -15.28 -21.75
CA LEU A 450 13.74 -15.46 -20.32
C LEU A 450 13.92 -14.15 -19.57
N ALA A 451 14.99 -13.41 -19.89
CA ALA A 451 15.26 -12.16 -19.19
C ALA A 451 14.12 -11.17 -19.39
N THR A 452 13.76 -10.91 -20.65
CA THR A 452 12.71 -9.94 -20.93
C THR A 452 11.37 -10.41 -20.38
N THR A 453 11.10 -11.71 -20.39
CA THR A 453 9.83 -12.20 -19.87
C THR A 453 9.74 -11.99 -18.37
N THR A 454 10.81 -12.30 -17.63
CA THR A 454 10.80 -12.09 -16.20
C THR A 454 10.67 -10.61 -15.86
N ILE A 455 11.42 -9.75 -16.56
CA ILE A 455 11.37 -8.33 -16.23
C ILE A 455 10.02 -7.74 -16.61
N TYR A 456 9.42 -8.22 -17.71
CA TYR A 456 8.11 -7.74 -18.10
C TYR A 456 7.04 -8.21 -17.12
N GLY A 457 7.17 -9.42 -16.59
CA GLY A 457 6.24 -9.85 -15.55
C GLY A 457 6.36 -8.99 -14.30
N TYR A 458 7.60 -8.69 -13.90
CA TYR A 458 7.80 -7.79 -12.78
C TYR A 458 7.16 -6.43 -13.02
N TYR A 459 7.39 -5.86 -14.21
CA TYR A 459 6.85 -4.55 -14.52
C TYR A 459 5.33 -4.57 -14.55
N GLU A 460 4.75 -5.64 -15.10
CA GLU A 460 3.29 -5.75 -15.16
C GLU A 460 2.70 -5.85 -13.77
N ALA A 461 3.35 -6.63 -12.88
CA ALA A 461 2.88 -6.71 -11.50
C ALA A 461 2.97 -5.34 -10.82
N ALA A 462 4.08 -4.63 -11.01
CA ALA A 462 4.25 -3.33 -10.39
C ALA A 462 3.24 -2.31 -10.92
N ALA A 463 2.90 -2.39 -12.22
CA ALA A 463 1.96 -1.44 -12.78
C ALA A 463 0.53 -1.76 -12.37
N LYS A 464 0.19 -3.05 -12.29
CA LYS A 464 -1.15 -3.43 -11.84
C LYS A 464 -1.34 -3.08 -10.38
N GLU A 465 -0.32 -3.27 -9.55
CA GLU A 465 -0.42 -2.86 -8.15
C GLU A 465 -0.40 -1.35 -8.02
N GLY A 466 0.50 -0.68 -8.74
CA GLY A 466 0.60 0.76 -8.66
C GLY A 466 1.71 1.21 -7.72
N GLY A 467 2.81 1.69 -8.29
CA GLY A 467 3.94 2.11 -7.49
C GLY A 467 4.97 2.82 -8.34
N PHE A 468 5.97 3.37 -7.66
CA PHE A 468 7.04 4.09 -8.33
C PHE A 468 7.94 3.14 -9.10
N VAL B 26 -1.77 -23.03 -45.67
CA VAL B 26 -1.79 -21.57 -45.70
C VAL B 26 -2.97 -21.06 -44.90
N GLU B 27 -3.93 -21.94 -44.62
CA GLU B 27 -5.09 -21.56 -43.83
C GLU B 27 -4.69 -21.21 -42.40
N PHE B 28 -3.70 -21.91 -41.84
CA PHE B 28 -3.22 -21.59 -40.51
C PHE B 28 -2.68 -20.17 -40.45
N VAL B 29 -1.93 -19.76 -41.48
CA VAL B 29 -1.42 -18.40 -41.52
C VAL B 29 -2.55 -17.39 -41.61
N ARG B 30 -3.60 -17.72 -42.37
CA ARG B 30 -4.75 -16.81 -42.46
C ARG B 30 -5.43 -16.66 -41.11
N GLU B 31 -5.60 -17.77 -40.39
CA GLU B 31 -6.21 -17.70 -39.07
C GLU B 31 -5.33 -16.92 -38.10
N GLY B 32 -4.02 -17.10 -38.18
CA GLY B 32 -3.12 -16.34 -37.34
C GLY B 32 -3.17 -14.85 -37.61
N THR B 33 -3.28 -14.48 -38.89
CA THR B 33 -3.40 -13.06 -39.23
C THR B 33 -4.73 -12.50 -38.75
N GLN B 34 -5.81 -13.26 -38.91
CA GLN B 34 -7.11 -12.82 -38.41
C GLN B 34 -7.06 -12.63 -36.90
N PHE B 35 -6.31 -13.49 -36.20
CA PHE B 35 -6.16 -13.33 -34.76
C PHE B 35 -5.36 -12.09 -34.42
N LEU B 36 -4.22 -11.89 -35.10
CA LEU B 36 -3.38 -10.73 -34.84
C LEU B 36 -4.14 -9.42 -35.08
N ALA B 37 -4.99 -9.40 -36.11
CA ALA B 37 -5.79 -8.21 -36.36
C ALA B 37 -6.69 -7.90 -35.17
N LYS B 38 -7.11 -8.92 -34.45
CA LYS B 38 -7.99 -8.74 -33.30
C LYS B 38 -7.25 -8.33 -32.03
N CYS B 39 -5.94 -8.54 -31.96
CA CYS B 39 -5.20 -8.18 -30.75
C CYS B 39 -5.11 -6.67 -30.61
N LYS B 40 -4.65 -6.23 -29.45
CA LYS B 40 -4.50 -4.81 -29.15
C LYS B 40 -3.01 -4.50 -29.13
N LYS B 41 -2.53 -3.93 -30.22
CA LYS B 41 -1.13 -3.55 -30.32
C LYS B 41 -0.84 -2.37 -29.40
N PRO B 42 0.32 -2.37 -28.74
CA PRO B 42 0.66 -1.25 -27.85
C PRO B 42 0.97 0.01 -28.63
N ASP B 43 0.35 1.11 -28.22
CA ASP B 43 0.57 2.39 -28.87
C ASP B 43 1.91 2.97 -28.43
N LEU B 44 2.29 4.10 -29.04
CA LEU B 44 3.61 4.65 -28.79
C LEU B 44 3.75 5.13 -27.35
N LYS B 45 2.71 5.71 -26.78
CA LYS B 45 2.80 6.25 -25.43
C LYS B 45 3.00 5.16 -24.39
N GLU B 46 2.21 4.08 -24.48
CA GLU B 46 2.37 2.97 -23.54
C GLU B 46 3.67 2.21 -23.80
N TYR B 47 3.99 2.00 -25.09
CA TYR B 47 5.23 1.35 -25.45
C TYR B 47 6.44 2.10 -24.88
N THR B 48 6.37 3.43 -24.84
CA THR B 48 7.48 4.21 -24.31
C THR B 48 7.70 3.92 -22.83
N LYS B 49 6.64 3.97 -22.03
CA LYS B 49 6.77 3.65 -20.62
C LYS B 49 7.25 2.23 -20.42
N ILE B 50 6.73 1.29 -21.21
CA ILE B 50 7.14 -0.10 -21.09
C ILE B 50 8.64 -0.24 -21.33
N VAL B 51 9.11 0.30 -22.46
CA VAL B 51 10.52 0.13 -22.81
C VAL B 51 11.40 0.86 -21.81
N LYS B 52 10.96 2.02 -21.31
CA LYS B 52 11.74 2.73 -20.30
C LYS B 52 11.91 1.88 -19.06
N ALA B 53 10.81 1.34 -18.53
CA ALA B 53 10.89 0.53 -17.32
C ALA B 53 11.78 -0.69 -17.52
N VAL B 54 11.53 -1.44 -18.59
CA VAL B 54 12.27 -2.69 -18.78
C VAL B 54 13.75 -2.42 -19.06
N GLY B 55 14.05 -1.37 -19.83
CA GLY B 55 15.43 -1.05 -20.13
C GLY B 55 16.17 -0.58 -18.89
N ILE B 56 15.54 0.25 -18.07
CA ILE B 56 16.18 0.67 -16.82
C ILE B 56 16.46 -0.54 -15.94
N GLY B 57 15.47 -1.42 -15.77
CA GLY B 57 15.68 -2.60 -14.95
C GLY B 57 16.78 -3.49 -15.47
N PHE B 58 16.77 -3.76 -16.78
CA PHE B 58 17.75 -4.66 -17.38
C PHE B 58 19.15 -4.07 -17.31
N ILE B 59 19.29 -2.78 -17.63
CA ILE B 59 20.59 -2.14 -17.55
C ILE B 59 21.10 -2.13 -16.12
N ALA B 60 20.21 -1.92 -15.15
CA ALA B 60 20.63 -1.91 -13.75
C ALA B 60 21.15 -3.28 -13.32
N VAL B 61 20.38 -4.34 -13.60
CA VAL B 61 20.84 -5.66 -13.20
C VAL B 61 22.10 -6.04 -13.95
N GLY B 62 22.21 -5.62 -15.21
CA GLY B 62 23.41 -5.94 -15.98
C GLY B 62 24.65 -5.26 -15.44
N ILE B 63 24.55 -3.97 -15.09
CA ILE B 63 25.71 -3.28 -14.57
C ILE B 63 26.06 -3.82 -13.19
N ILE B 64 25.07 -4.19 -12.40
CA ILE B 64 25.34 -4.82 -11.10
C ILE B 64 26.14 -6.11 -11.30
N GLY B 65 25.65 -6.98 -12.19
CA GLY B 65 26.36 -8.22 -12.46
C GLY B 65 27.76 -7.98 -12.97
N TYR B 66 27.92 -7.02 -13.89
CA TYR B 66 29.22 -6.75 -14.47
C TYR B 66 30.19 -6.22 -13.42
N ALA B 67 29.75 -5.31 -12.57
CA ALA B 67 30.62 -4.77 -11.52
C ALA B 67 31.00 -5.86 -10.53
N ILE B 68 30.04 -6.69 -10.12
CA ILE B 68 30.35 -7.75 -9.18
C ILE B 68 31.33 -8.74 -9.78
N LYS B 69 31.18 -9.04 -11.07
CA LYS B 69 32.10 -9.97 -11.72
C LYS B 69 33.49 -9.38 -11.85
N LEU B 70 33.59 -8.08 -12.11
CA LEU B 70 34.91 -7.50 -12.35
C LEU B 70 35.66 -7.22 -11.05
N ILE B 71 34.96 -6.72 -10.03
CA ILE B 71 35.64 -6.30 -8.80
C ILE B 71 36.29 -7.50 -8.11
N HIS B 72 35.65 -8.66 -8.17
CA HIS B 72 36.13 -9.83 -7.45
C HIS B 72 37.31 -10.51 -8.12
N ILE B 73 37.74 -10.06 -9.30
CA ILE B 73 38.87 -10.67 -9.97
C ILE B 73 40.17 -10.20 -9.32
N PRO B 74 40.45 -8.90 -9.20
CA PRO B 74 41.68 -8.50 -8.50
C PRO B 74 41.67 -8.86 -7.03
N ILE B 75 40.50 -8.84 -6.39
CA ILE B 75 40.41 -9.28 -5.00
C ILE B 75 40.79 -10.76 -4.89
N ARG B 76 40.30 -11.57 -5.83
CA ARG B 76 40.67 -12.98 -5.83
C ARG B 76 42.15 -13.18 -6.13
N TYR B 77 42.75 -12.31 -6.96
CA TYR B 77 44.17 -12.43 -7.21
C TYR B 77 44.98 -12.07 -5.96
N VAL B 78 44.57 -11.01 -5.27
CA VAL B 78 45.28 -10.59 -4.06
C VAL B 78 45.17 -11.65 -2.98
N ILE B 79 43.94 -12.07 -2.68
CA ILE B 79 43.73 -13.00 -1.56
C ILE B 79 44.22 -14.39 -1.92
N VAL B 80 43.64 -14.98 -2.96
CA VAL B 80 44.02 -16.32 -3.38
C VAL B 80 45.30 -16.28 -4.19
N ARG C 51 9.72 -16.71 12.63
CA ARG C 51 10.81 -17.40 13.31
C ARG C 51 12.15 -16.76 12.95
N VAL C 52 12.31 -16.41 11.67
CA VAL C 52 13.52 -15.80 11.17
C VAL C 52 13.18 -14.46 10.54
N ASP C 53 13.95 -13.44 10.88
CA ASP C 53 13.75 -12.10 10.33
C ASP C 53 14.71 -11.84 9.18
N PRO C 54 14.32 -11.02 8.21
CA PRO C 54 15.20 -10.77 7.07
C PRO C 54 16.51 -10.09 7.43
N LEU C 55 16.49 -9.16 8.38
CA LEU C 55 17.73 -8.55 8.82
C LEU C 55 18.67 -9.58 9.43
N VAL C 56 18.12 -10.56 10.16
CA VAL C 56 18.95 -11.65 10.66
C VAL C 56 19.55 -12.44 9.51
N VAL C 57 18.78 -12.62 8.42
CA VAL C 57 19.29 -13.31 7.25
C VAL C 57 20.49 -12.56 6.67
N LEU C 58 20.33 -11.26 6.44
CA LEU C 58 21.44 -10.46 5.94
C LEU C 58 22.64 -10.55 6.87
N PHE C 59 22.40 -10.43 8.18
CA PHE C 59 23.49 -10.47 9.14
C PHE C 59 24.27 -11.77 9.06
N LEU C 60 23.57 -12.91 9.07
CA LEU C 60 24.27 -14.18 9.05
C LEU C 60 24.98 -14.41 7.71
N ALA C 61 24.37 -13.95 6.62
CA ALA C 61 25.00 -14.11 5.32
C ALA C 61 26.29 -13.31 5.24
N VAL C 62 26.26 -12.04 5.65
CA VAL C 62 27.46 -11.22 5.58
C VAL C 62 28.50 -11.73 6.57
N GLY C 63 28.08 -12.24 7.73
CA GLY C 63 29.03 -12.81 8.66
C GLY C 63 29.71 -14.04 8.10
N PHE C 64 28.96 -14.89 7.41
CA PHE C 64 29.54 -16.07 6.78
C PHE C 64 30.54 -15.68 5.70
N ILE C 65 30.17 -14.73 4.84
CA ILE C 65 31.08 -14.27 3.80
C ILE C 65 32.35 -13.69 4.41
N PHE C 66 32.18 -12.89 5.47
CA PHE C 66 33.33 -12.29 6.14
C PHE C 66 34.21 -13.35 6.77
N SER C 67 33.62 -14.39 7.36
CA SER C 67 34.42 -15.47 7.93
C SER C 67 35.21 -16.20 6.85
N VAL C 68 34.57 -16.45 5.70
CA VAL C 68 35.27 -17.13 4.63
C VAL C 68 36.45 -16.31 4.13
N VAL C 69 36.22 -15.03 3.85
CA VAL C 69 37.30 -14.20 3.32
C VAL C 69 38.38 -14.01 4.38
N ALA C 70 37.99 -13.96 5.65
CA ALA C 70 38.97 -13.84 6.73
C ALA C 70 39.84 -15.09 6.81
N LEU C 71 39.23 -16.27 6.71
CA LEU C 71 40.00 -17.50 6.67
C LEU C 71 40.99 -17.50 5.51
N HIS C 72 40.51 -17.10 4.33
CA HIS C 72 41.39 -17.02 3.17
C HIS C 72 42.59 -16.10 3.44
N VAL C 73 42.33 -14.89 3.93
CA VAL C 73 43.41 -13.93 4.05
C VAL C 73 44.37 -14.32 5.18
N ILE C 74 43.86 -14.91 6.27
CA ILE C 74 44.76 -15.31 7.34
C ILE C 74 45.61 -16.49 6.90
N SER C 75 45.04 -17.41 6.12
CA SER C 75 45.85 -18.49 5.56
C SER C 75 46.93 -17.92 4.65
N LYS C 76 46.58 -16.92 3.84
CA LYS C 76 47.56 -16.32 2.95
C LYS C 76 48.70 -15.67 3.72
N VAL C 77 48.38 -14.88 4.75
CA VAL C 77 49.45 -14.18 5.46
C VAL C 77 50.27 -15.15 6.30
N ALA C 78 49.64 -16.23 6.78
CA ALA C 78 50.39 -17.23 7.52
C ALA C 78 51.36 -17.96 6.59
N GLY C 79 50.93 -18.29 5.38
CA GLY C 79 51.82 -18.90 4.42
C GLY C 79 52.92 -17.95 3.95
N LYS C 80 52.62 -16.66 3.91
CA LYS C 80 53.62 -15.69 3.47
C LYS C 80 54.67 -15.45 4.55
N LEU C 81 54.25 -15.32 5.80
CA LEU C 81 55.20 -15.09 6.88
C LEU C 81 55.89 -16.37 7.31
N PHE C 82 55.12 -17.46 7.45
CA PHE C 82 55.68 -18.74 7.86
C PHE C 82 55.64 -19.74 6.72
N ASN D 18 46.90 -18.07 -15.75
CA ASN D 18 46.92 -16.86 -14.92
C ASN D 18 46.96 -15.62 -15.80
N TYR D 19 46.32 -14.55 -15.33
CA TYR D 19 46.24 -13.32 -16.11
C TYR D 19 47.52 -12.51 -15.98
N GLU D 20 47.66 -11.52 -16.86
CA GLU D 20 48.81 -10.63 -16.89
C GLU D 20 48.30 -9.19 -16.84
N TYR D 21 48.53 -8.53 -15.72
CA TYR D 21 48.02 -7.18 -15.54
C TYR D 21 48.82 -6.18 -16.37
N ASP D 22 48.25 -4.99 -16.55
CA ASP D 22 48.92 -3.93 -17.29
C ASP D 22 50.20 -3.53 -16.57
N GLU D 23 51.35 -3.79 -17.21
CA GLU D 23 52.64 -3.49 -16.61
C GLU D 23 53.20 -2.15 -17.05
N ALA D 24 52.87 -1.68 -18.26
CA ALA D 24 53.40 -0.43 -18.78
C ALA D 24 52.30 0.61 -18.99
N SER D 25 51.11 0.38 -18.42
CA SER D 25 49.99 1.31 -18.51
C SER D 25 49.63 1.61 -19.97
N GLU D 26 49.23 0.56 -20.68
CA GLU D 26 48.93 0.66 -22.10
C GLU D 26 47.53 0.18 -22.45
N THR D 27 46.79 -0.41 -21.52
CA THR D 27 45.45 -0.90 -21.84
C THR D 27 44.37 -0.39 -20.90
N TRP D 28 44.70 -0.15 -19.63
CA TRP D 28 43.71 0.38 -18.71
C TRP D 28 43.28 1.82 -19.03
N PRO D 29 44.15 2.68 -19.59
CA PRO D 29 43.65 4.01 -19.96
C PRO D 29 42.51 3.95 -20.96
N SER D 30 42.62 3.09 -21.98
CA SER D 30 41.53 2.93 -22.93
C SER D 30 40.28 2.41 -22.24
N PHE D 31 40.44 1.49 -21.30
CA PHE D 31 39.28 0.95 -20.60
C PHE D 31 38.56 2.01 -19.79
N ILE D 32 39.32 2.82 -19.04
CA ILE D 32 38.71 3.88 -18.25
C ILE D 32 38.07 4.92 -19.15
N LEU D 33 38.73 5.25 -20.26
CA LEU D 33 38.16 6.21 -21.19
C LEU D 33 36.83 5.72 -21.75
N THR D 34 36.77 4.44 -22.11
CA THR D 34 35.52 3.87 -22.62
C THR D 34 34.45 3.88 -21.54
N GLY D 35 34.81 3.50 -20.32
CA GLY D 35 33.82 3.48 -19.24
C GLY D 35 33.26 4.85 -18.94
N LEU D 36 34.11 5.87 -18.98
CA LEU D 36 33.62 7.23 -18.73
C LEU D 36 32.81 7.76 -19.92
N LEU D 37 33.19 7.40 -21.14
CA LEU D 37 32.40 7.78 -22.29
C LEU D 37 30.99 7.21 -22.21
N MET D 38 30.88 5.93 -21.85
CA MET D 38 29.58 5.28 -21.82
C MET D 38 28.65 5.89 -20.77
N VAL D 39 29.17 6.75 -19.90
CA VAL D 39 28.35 7.42 -18.90
C VAL D 39 28.10 8.86 -19.31
N VAL D 40 29.12 9.51 -19.88
CA VAL D 40 28.97 10.93 -20.18
C VAL D 40 28.11 11.14 -21.43
N GLY D 41 28.22 10.24 -22.40
CA GLY D 41 27.48 10.36 -23.64
C GLY D 41 25.99 10.54 -23.47
N PRO D 42 25.33 9.55 -22.88
CA PRO D 42 23.87 9.67 -22.68
C PRO D 42 23.47 10.86 -21.84
N MET D 43 24.26 11.19 -20.81
CA MET D 43 23.92 12.33 -19.97
C MET D 43 23.98 13.63 -20.77
N THR D 44 25.06 13.82 -21.53
CA THR D 44 25.16 15.00 -22.39
C THR D 44 24.01 15.03 -23.40
N LEU D 45 23.65 13.86 -23.94
CA LEU D 45 22.56 13.81 -24.91
C LEU D 45 21.24 14.26 -24.30
N LEU D 46 20.89 13.72 -23.14
CA LEU D 46 19.63 14.08 -22.50
C LEU D 46 19.63 15.53 -22.03
N GLN D 47 20.80 16.05 -21.63
CA GLN D 47 20.85 17.44 -21.20
C GLN D 47 20.70 18.39 -22.38
N ILE D 48 21.34 18.07 -23.51
CA ILE D 48 21.17 18.88 -24.71
C ILE D 48 19.73 18.81 -25.20
N TYR D 49 19.12 17.63 -25.13
CA TYR D 49 17.71 17.48 -25.50
C TYR D 49 16.83 18.33 -24.60
N GLN D 50 17.04 18.23 -23.29
CA GLN D 50 16.29 19.03 -22.33
C GLN D 50 16.66 20.50 -22.45
N PHE D 68 -3.15 23.92 -16.52
CA PHE D 68 -4.32 24.20 -17.35
C PHE D 68 -5.33 25.05 -16.60
N ASN D 69 -5.16 25.18 -15.29
CA ASN D 69 -6.06 25.94 -14.44
C ASN D 69 -5.40 27.26 -14.07
N GLU D 70 -6.12 28.36 -14.30
CA GLU D 70 -5.58 29.67 -13.99
C GLU D 70 -5.47 29.86 -12.49
N GLU D 71 -4.31 30.34 -12.04
CA GLU D 71 -4.02 30.53 -10.62
C GLU D 71 -3.84 32.02 -10.36
N VAL D 72 -4.89 32.65 -9.83
CA VAL D 72 -4.86 34.09 -9.62
C VAL D 72 -4.23 34.48 -8.29
N PHE D 73 -3.92 33.51 -7.43
CA PHE D 73 -3.38 33.82 -6.11
C PHE D 73 -1.87 33.71 -6.05
N LYS D 74 -1.22 33.16 -7.07
CA LYS D 74 0.23 33.00 -7.04
C LYS D 74 0.94 34.33 -6.85
N ASN D 75 0.36 35.42 -7.34
CA ASN D 75 0.93 36.74 -7.14
C ASN D 75 0.37 37.42 -5.90
N LEU D 76 -0.93 37.27 -5.63
CA LEU D 76 -1.56 37.97 -4.52
C LEU D 76 -1.15 37.39 -3.16
N ASN D 77 -0.58 36.19 -3.14
CA ASN D 77 -0.16 35.60 -1.88
C ASN D 77 1.10 36.27 -1.34
N GLU D 78 2.14 36.37 -2.16
CA GLU D 78 3.39 36.97 -1.73
C GLU D 78 3.30 38.46 -1.46
N GLU D 79 2.19 39.10 -1.85
CA GLU D 79 2.00 40.51 -1.58
C GLU D 79 1.41 40.80 -0.21
N TYR D 80 0.91 39.76 0.49
CA TYR D 80 0.35 39.93 1.81
C TYR D 80 1.04 39.10 2.88
N THR D 81 1.92 38.18 2.50
CA THR D 81 2.65 37.40 3.49
C THR D 81 3.69 38.26 4.18
N SER D 82 3.87 38.06 5.47
CA SER D 82 4.86 38.83 6.22
C SER D 82 6.27 38.40 5.84
N ASP D 83 7.23 39.27 6.13
CA ASP D 83 8.62 38.99 5.78
C ASP D 83 9.19 37.87 6.64
N GLU D 84 8.71 37.73 7.88
CA GLU D 84 9.21 36.67 8.74
C GLU D 84 8.92 35.30 8.16
N ILE D 85 7.81 35.16 7.42
CA ILE D 85 7.50 33.91 6.76
C ILE D 85 8.30 33.75 5.47
N LYS D 86 8.51 34.83 4.73
CA LYS D 86 9.28 34.76 3.49
C LYS D 86 10.72 34.33 3.77
N GLN D 87 11.35 34.97 4.76
CA GLN D 87 12.72 34.62 5.09
C GLN D 87 12.82 33.18 5.59
N PHE D 88 11.82 32.73 6.35
CA PHE D 88 11.83 31.36 6.83
C PHE D 88 11.72 30.37 5.68
N ARG D 89 10.74 30.58 4.80
CA ARG D 89 10.58 29.72 3.63
C ARG D 89 11.81 29.73 2.75
N ARG D 90 12.50 30.86 2.64
CA ARG D 90 13.73 30.93 1.87
C ARG D 90 14.85 30.14 2.55
N LYS D 91 14.90 30.21 3.89
CA LYS D 91 15.92 29.47 4.63
C LYS D 91 15.68 27.97 4.53
N PHE D 92 14.50 27.51 4.97
CA PHE D 92 14.17 26.10 4.94
C PHE D 92 13.06 25.82 3.93
N ASN D 107 25.60 18.61 -12.92
CA ASN D 107 25.90 18.98 -14.30
C ASN D 107 27.41 19.09 -14.53
N ILE D 108 28.13 19.42 -13.47
CA ILE D 108 29.59 19.52 -13.55
C ILE D 108 30.22 18.16 -13.85
N ILE D 109 29.49 17.07 -13.57
CA ILE D 109 29.98 15.75 -13.90
C ILE D 109 30.24 15.63 -15.40
N ILE D 110 29.41 16.28 -16.21
CA ILE D 110 29.64 16.31 -17.65
C ILE D 110 30.99 16.92 -17.97
N ILE D 111 31.30 18.06 -17.36
CA ILE D 111 32.53 18.77 -17.68
C ILE D 111 33.74 17.99 -17.21
N VAL D 112 33.68 17.43 -16.00
CA VAL D 112 34.83 16.67 -15.52
C VAL D 112 35.01 15.40 -16.33
N GLY D 113 33.93 14.77 -16.77
CA GLY D 113 34.06 13.62 -17.66
C GLY D 113 34.70 14.00 -18.98
N TRP D 114 34.31 15.15 -19.54
CA TRP D 114 34.90 15.58 -20.81
C TRP D 114 36.39 15.87 -20.66
N ILE D 115 36.78 16.55 -19.59
CA ILE D 115 38.20 16.88 -19.44
C ILE D 115 39.00 15.60 -19.14
N LEU D 116 38.41 14.65 -18.43
CA LEU D 116 39.08 13.38 -18.19
C LEU D 116 39.24 12.60 -19.50
N VAL D 117 38.23 12.65 -20.36
CA VAL D 117 38.32 12.00 -21.66
C VAL D 117 39.43 12.63 -22.48
N ALA D 118 39.53 13.95 -22.47
CA ALA D 118 40.59 14.63 -23.20
C ALA D 118 41.96 14.25 -22.66
N ILE D 119 42.11 14.23 -21.34
CA ILE D 119 43.38 13.87 -20.73
C ILE D 119 43.76 12.44 -21.09
N LEU D 120 42.80 11.51 -21.03
CA LEU D 120 43.08 10.12 -21.34
C LEU D 120 43.43 9.95 -22.81
N LEU D 121 42.75 10.69 -23.69
CA LEU D 121 43.08 10.61 -25.11
C LEU D 121 44.48 11.14 -25.38
N GLN D 122 44.86 12.23 -24.73
CA GLN D 122 46.22 12.74 -24.87
C GLN D 122 47.24 11.74 -24.35
N ARG D 123 46.96 11.13 -23.20
CA ARG D 123 47.88 10.14 -22.64
C ARG D 123 48.02 8.94 -23.56
N ILE D 124 46.92 8.52 -24.21
CA ILE D 124 46.98 7.41 -25.14
C ILE D 124 47.81 7.80 -26.36
N ASN D 125 47.53 8.96 -26.94
CA ASN D 125 48.28 9.41 -28.11
C ASN D 125 49.76 9.64 -27.81
N SER D 126 50.11 9.86 -26.54
CA SER D 126 51.51 10.04 -26.18
C SER D 126 52.24 8.72 -26.01
N ASN D 127 51.55 7.59 -26.10
CA ASN D 127 52.18 6.30 -25.90
C ASN D 127 52.97 5.88 -27.13
N ASP D 128 53.84 4.88 -26.93
CA ASP D 128 54.66 4.38 -28.04
C ASP D 128 53.85 3.48 -28.96
N ALA D 129 53.10 2.55 -28.38
CA ALA D 129 52.27 1.64 -29.17
C ALA D 129 50.93 2.28 -29.51
N GLN D 216 52.69 -20.28 -32.38
CA GLN D 216 52.05 -19.05 -31.94
C GLN D 216 50.83 -19.34 -31.08
N SER D 217 50.98 -19.15 -29.78
CA SER D 217 49.92 -19.42 -28.81
C SER D 217 49.32 -18.12 -28.30
N THR D 218 48.13 -18.25 -27.72
CA THR D 218 47.45 -17.08 -27.16
C THR D 218 48.03 -16.72 -25.80
N SER D 219 47.79 -15.48 -25.39
CA SER D 219 48.23 -14.98 -24.09
C SER D 219 47.14 -14.08 -23.54
N HIS D 220 46.36 -14.60 -22.60
CA HIS D 220 45.31 -13.82 -21.97
C HIS D 220 45.91 -12.76 -21.05
N GLY D 221 45.19 -11.65 -20.92
CA GLY D 221 45.64 -10.56 -20.06
C GLY D 221 44.46 -9.76 -19.57
N ILE D 222 44.65 -9.11 -18.43
CA ILE D 222 43.63 -8.27 -17.83
C ILE D 222 44.08 -6.81 -17.93
N ALA D 223 43.11 -5.94 -18.17
CA ALA D 223 43.40 -4.52 -18.39
C ALA D 223 43.83 -3.78 -17.13
N LEU D 224 43.54 -4.31 -15.96
CA LEU D 224 43.87 -3.61 -14.72
C LEU D 224 45.39 -3.49 -14.57
N PRO D 225 45.86 -2.42 -13.93
CA PRO D 225 47.31 -2.23 -13.77
C PRO D 225 47.89 -3.26 -12.82
N ARG D 226 49.23 -3.34 -12.83
CA ARG D 226 49.92 -4.33 -12.02
C ARG D 226 50.09 -3.87 -10.58
N PHE D 227 50.41 -2.59 -10.37
CA PHE D 227 50.62 -2.09 -9.02
C PHE D 227 49.36 -2.17 -8.18
N LEU D 228 48.19 -2.20 -8.82
CA LEU D 228 46.94 -2.30 -8.06
C LEU D 228 46.78 -3.64 -7.38
N VAL D 229 47.54 -4.66 -7.81
CA VAL D 229 47.45 -5.99 -7.23
C VAL D 229 48.81 -6.43 -6.73
N ASP D 230 49.87 -5.91 -7.34
CA ASP D 230 51.24 -6.29 -6.99
C ASP D 230 52.02 -5.22 -6.25
N GLY D 231 51.54 -3.98 -6.23
CA GLY D 231 52.25 -2.91 -5.57
C GLY D 231 52.13 -2.99 -4.05
N SER D 232 52.58 -1.93 -3.39
CA SER D 232 52.52 -1.87 -1.93
C SER D 232 51.13 -1.61 -1.40
N ALA D 233 50.18 -1.22 -2.26
CA ALA D 233 48.79 -1.02 -1.88
C ALA D 233 47.95 -2.27 -2.06
N SER D 234 48.59 -3.44 -2.07
CA SER D 234 47.88 -4.69 -2.24
C SER D 234 46.94 -4.97 -1.07
N PRO D 235 47.38 -4.85 0.19
CA PRO D 235 46.43 -5.01 1.30
C PRO D 235 45.44 -3.87 1.40
N LEU D 236 45.75 -2.71 0.82
CA LEU D 236 44.83 -1.58 0.90
C LEU D 236 43.51 -1.89 0.22
N LEU D 237 43.56 -2.47 -0.98
CA LEU D 237 42.34 -2.80 -1.70
C LEU D 237 41.50 -3.79 -0.91
N VAL D 238 42.13 -4.85 -0.37
CA VAL D 238 41.35 -5.85 0.33
C VAL D 238 40.76 -5.29 1.61
N VAL D 239 41.47 -4.39 2.30
CA VAL D 239 40.93 -3.90 3.56
C VAL D 239 39.81 -2.91 3.29
N CYS D 240 39.93 -2.06 2.27
CA CYS D 240 38.82 -1.15 1.98
C CYS D 240 37.61 -1.93 1.48
N TYR D 241 37.83 -3.00 0.73
CA TYR D 241 36.72 -3.82 0.27
C TYR D 241 36.02 -4.51 1.43
N VAL D 242 36.78 -5.12 2.33
CA VAL D 242 36.14 -5.83 3.44
C VAL D 242 35.46 -4.83 4.37
N ALA D 243 35.99 -3.62 4.50
CA ALA D 243 35.32 -2.59 5.29
C ALA D 243 33.99 -2.22 4.66
N LEU D 244 34.00 -1.88 3.37
CA LEU D 244 32.77 -1.55 2.66
C LEU D 244 31.75 -2.69 2.72
N LEU D 245 32.22 -3.93 2.79
CA LEU D 245 31.32 -5.08 2.84
C LEU D 245 30.77 -5.35 4.23
N GLY D 246 31.57 -5.15 5.27
CA GLY D 246 31.18 -5.55 6.60
C GLY D 246 30.62 -4.45 7.49
N LEU D 247 30.95 -3.19 7.20
CA LEU D 247 30.50 -2.09 8.03
C LEU D 247 29.52 -1.17 7.30
N ILE D 248 29.87 -0.70 6.10
CA ILE D 248 29.02 0.25 5.40
C ILE D 248 27.70 -0.38 5.01
N LEU D 249 27.73 -1.59 4.44
CA LEU D 249 26.49 -2.22 3.97
C LEU D 249 25.55 -2.55 5.12
N PRO D 250 25.95 -3.34 6.14
CA PRO D 250 24.96 -3.73 7.15
C PRO D 250 24.43 -2.56 7.96
N TYR D 251 25.29 -1.63 8.35
CA TYR D 251 24.83 -0.48 9.12
C TYR D 251 23.84 0.35 8.33
N PHE D 252 24.16 0.64 7.07
CA PHE D 252 23.28 1.48 6.25
C PHE D 252 21.95 0.78 5.97
N VAL D 253 21.99 -0.51 5.67
CA VAL D 253 20.74 -1.20 5.37
C VAL D 253 19.88 -1.31 6.62
N SER D 254 20.50 -1.53 7.79
CA SER D 254 19.73 -1.59 9.02
C SER D 254 19.12 -0.24 9.36
N ARG D 255 19.88 0.84 9.15
CA ARG D 255 19.32 2.17 9.36
C ARG D 255 18.15 2.42 8.43
N TRP D 256 18.28 2.07 7.15
CA TRP D 256 17.18 2.26 6.22
C TRP D 256 15.96 1.45 6.63
N TRP D 257 16.18 0.22 7.10
CA TRP D 257 15.05 -0.63 7.49
C TRP D 257 14.35 -0.07 8.72
N ALA D 258 15.12 0.35 9.72
CA ALA D 258 14.52 0.94 10.92
C ALA D 258 13.82 2.25 10.59
N ARG D 259 14.29 2.98 9.59
CA ARG D 259 13.63 4.23 9.22
C ARG D 259 12.35 3.97 8.44
N THR D 260 12.34 2.96 7.58
CA THR D 260 11.15 2.67 6.80
C THR D 260 10.13 1.85 7.56
N GLN D 261 10.51 1.25 8.69
CA GLN D 261 9.56 0.49 9.49
C GLN D 261 8.84 1.37 10.51
N SER D 262 9.52 2.36 11.08
CA SER D 262 8.89 3.21 12.09
C SER D 262 7.85 4.14 11.50
N TYR D 263 7.76 4.24 10.19
CA TYR D 263 6.80 5.12 9.54
C TYR D 263 5.57 4.35 9.10
N THR D 264 4.44 5.06 9.07
CA THR D 264 3.17 4.48 8.66
C THR D 264 2.96 4.72 7.17
N LYS D 265 2.31 3.75 6.52
CA LYS D 265 2.06 3.85 5.08
C LYS D 265 1.32 5.13 4.72
N LYS D 266 0.51 5.65 5.64
CA LYS D 266 -0.15 6.93 5.40
C LYS D 266 0.86 8.07 5.33
N GLY D 267 1.91 8.00 6.14
CA GLY D 267 2.95 9.01 6.09
C GLY D 267 3.30 9.61 7.44
N ILE D 268 2.85 8.99 8.52
CA ILE D 268 3.11 9.48 9.86
C ILE D 268 3.96 8.46 10.60
N HIS D 269 4.48 8.89 11.75
CA HIS D 269 5.25 7.99 12.60
C HIS D 269 4.32 7.02 13.31
N ASN D 270 4.90 5.91 13.77
CA ASN D 270 4.10 4.89 14.44
C ASN D 270 3.71 5.32 15.85
N VAL D 271 4.58 6.08 16.53
CA VAL D 271 4.24 6.55 17.87
C VAL D 271 3.07 7.50 17.83
N THR D 272 3.06 8.41 16.85
CA THR D 272 1.94 9.35 16.73
C THR D 272 0.64 8.62 16.42
N ALA D 273 0.71 7.62 15.53
CA ALA D 273 -0.49 6.83 15.22
C ALA D 273 -1.00 6.09 16.45
N SER D 274 -0.09 5.49 17.23
CA SER D 274 -0.51 4.81 18.45
C SER D 274 -1.12 5.79 19.44
N ASN D 275 -0.55 6.98 19.55
CA ASN D 275 -1.11 7.99 20.45
C ASN D 275 -2.51 8.38 20.03
N PHE D 276 -2.72 8.63 18.74
CA PHE D 276 -4.05 9.01 18.26
C PHE D 276 -5.05 7.88 18.47
N VAL D 277 -4.64 6.64 18.19
CA VAL D 277 -5.55 5.51 18.38
C VAL D 277 -5.91 5.36 19.85
N SER D 278 -4.93 5.46 20.74
CA SER D 278 -5.22 5.37 22.17
C SER D 278 -6.12 6.50 22.63
N ASN D 279 -5.94 7.70 22.08
CA ASN D 279 -6.80 8.81 22.45
C ASN D 279 -8.23 8.58 21.99
N LEU D 280 -8.41 8.05 20.77
CA LEU D 280 -9.75 7.76 20.29
C LEU D 280 -10.39 6.58 21.00
N VAL D 281 -9.58 5.66 21.55
CA VAL D 281 -10.14 4.50 22.22
C VAL D 281 -10.80 4.92 23.54
N ASN D 282 -10.03 5.55 24.43
CA ASN D 282 -10.56 6.01 25.70
C ASN D 282 -11.05 7.44 25.56
N TYR D 283 -11.91 7.64 24.56
CA TYR D 283 -12.55 8.91 24.29
C TYR D 283 -13.99 8.83 24.75
N LYS D 284 -14.33 9.60 25.78
CA LYS D 284 -15.68 9.63 26.29
C LYS D 284 -16.61 10.22 25.24
N PRO D 285 -17.64 9.50 24.77
CA PRO D 285 -18.58 10.11 23.83
C PRO D 285 -19.34 11.28 24.41
N SER D 286 -19.29 11.48 25.73
CA SER D 286 -19.95 12.62 26.34
C SER D 286 -19.22 13.92 26.05
N GLU D 287 -17.89 13.88 26.00
CA GLU D 287 -17.12 15.08 25.74
C GLU D 287 -17.32 15.54 24.29
N ILE D 288 -17.68 16.79 24.13
CA ILE D 288 -17.93 17.37 22.80
C ILE D 288 -16.59 17.62 22.12
N VAL D 289 -16.55 17.40 20.82
CA VAL D 289 -15.36 17.70 20.04
C VAL D 289 -15.29 19.20 19.77
N THR D 290 -14.13 19.79 20.03
CA THR D 290 -13.90 21.20 19.76
C THR D 290 -12.58 21.33 19.03
N THR D 291 -12.16 22.56 18.78
CA THR D 291 -10.85 22.78 18.19
C THR D 291 -9.74 22.65 19.22
N ASP D 292 -10.00 23.11 20.44
CA ASP D 292 -9.00 23.03 21.49
C ASP D 292 -8.64 21.59 21.81
N LEU D 293 -9.63 20.69 21.80
CA LEU D 293 -9.34 19.30 22.09
C LEU D 293 -8.45 18.68 21.03
N ILE D 294 -8.70 19.00 19.76
CA ILE D 294 -7.87 18.44 18.70
C ILE D 294 -6.49 19.06 18.72
N LEU D 295 -6.38 20.34 19.11
CA LEU D 295 -5.07 20.94 19.28
C LEU D 295 -4.29 20.24 20.40
N HIS D 296 -4.99 19.93 21.50
CA HIS D 296 -4.34 19.21 22.60
C HIS D 296 -3.90 17.82 22.15
N TRP D 297 -4.72 17.15 21.33
CA TRP D 297 -4.32 15.85 20.81
C TRP D 297 -3.11 15.95 19.91
N LEU D 298 -3.07 16.96 19.03
CA LEU D 298 -1.92 17.16 18.17
C LEU D 298 -0.68 17.53 18.96
N SER D 299 -0.86 18.14 20.14
CA SER D 299 0.27 18.51 20.97
C SER D 299 1.06 17.30 21.45
N PHE D 300 0.53 16.09 21.28
CA PHE D 300 1.23 14.86 21.63
C PHE D 300 1.89 14.23 20.42
N ALA D 301 2.13 14.99 19.35
CA ALA D 301 2.75 14.44 18.16
C ALA D 301 4.20 14.07 18.44
N HIS D 302 4.52 12.79 18.28
CA HIS D 302 5.88 12.32 18.52
C HIS D 302 6.88 12.92 17.55
N GLU D 303 6.46 13.25 16.33
CA GLU D 303 7.36 13.83 15.36
C GLU D 303 7.78 15.25 15.73
N PHE D 304 7.06 15.89 16.64
CA PHE D 304 7.49 17.19 17.14
C PHE D 304 8.65 17.08 18.11
N LYS D 305 8.73 15.99 18.88
CA LYS D 305 9.83 15.81 19.79
C LYS D 305 11.15 15.61 19.06
N GLN D 306 11.12 14.95 17.90
CA GLN D 306 12.33 14.82 17.09
C GLN D 306 12.81 16.18 16.59
N PHE D 307 11.88 17.09 16.31
CA PHE D 307 12.27 18.43 15.89
C PHE D 307 12.93 19.18 17.04
N PHE D 308 12.33 19.11 18.23
CA PHE D 308 12.80 19.87 19.38
C PHE D 308 12.70 18.99 20.62
N PRO D 309 13.75 18.22 20.93
CA PRO D 309 13.70 17.35 22.12
C PRO D 309 13.72 18.09 23.44
N ASP D 310 13.76 19.43 23.43
CA ASP D 310 13.79 20.21 24.65
C ASP D 310 12.43 20.74 25.07
N LEU D 311 11.49 20.86 24.12
CA LEU D 311 10.18 21.39 24.42
C LEU D 311 9.25 20.31 24.98
N GLN D 312 8.09 20.74 25.43
CA GLN D 312 7.08 19.86 26.00
C GLN D 312 5.77 19.99 25.22
N PRO D 313 4.88 19.00 25.33
CA PRO D 313 3.58 19.11 24.63
C PRO D 313 2.81 20.36 24.98
N THR D 314 2.91 20.84 26.22
CA THR D 314 2.23 22.08 26.58
C THR D 314 2.79 23.25 25.79
N ASP D 315 4.11 23.25 25.55
CA ASP D 315 4.70 24.28 24.70
C ASP D 315 4.12 24.22 23.30
N PHE D 316 3.95 23.01 22.76
CA PHE D 316 3.36 22.86 21.44
C PHE D 316 1.93 23.38 21.40
N GLU D 317 1.15 23.08 22.45
CA GLU D 317 -0.22 23.57 22.50
C GLU D 317 -0.25 25.08 22.54
N LYS D 318 0.59 25.69 23.37
CA LYS D 318 0.62 27.15 23.45
C LYS D 318 1.05 27.76 22.12
N LEU D 319 2.04 27.15 21.46
CA LEU D 319 2.48 27.67 20.16
C LEU D 319 1.38 27.59 19.12
N LEU D 320 0.67 26.46 19.07
CA LEU D 320 -0.41 26.32 18.10
C LEU D 320 -1.54 27.30 18.40
N GLN D 321 -1.82 27.53 19.68
CA GLN D 321 -2.83 28.52 20.05
C GLN D 321 -2.42 29.91 19.58
N ASP D 322 -1.16 30.28 19.81
CA ASP D 322 -0.69 31.58 19.36
C ASP D 322 -0.72 31.69 17.84
N HIS D 323 -0.48 30.57 17.15
CA HIS D 323 -0.52 30.59 15.69
C HIS D 323 -1.94 30.81 15.19
N ILE D 324 -2.90 30.06 15.73
CA ILE D 324 -4.29 30.20 15.29
C ILE D 324 -4.82 31.58 15.63
N ASN D 325 -4.58 32.05 16.84
CA ASN D 325 -5.05 33.36 17.25
C ASN D 325 -4.18 34.49 16.72
N ARG D 326 -3.26 34.20 15.79
CA ARG D 326 -2.38 35.20 15.19
C ARG D 326 -1.60 35.95 16.26
N ARG D 327 -0.92 35.19 17.11
CA ARG D 327 -0.11 35.74 18.18
C ARG D 327 1.34 35.35 17.97
N ASP D 328 2.24 36.22 18.43
CA ASP D 328 3.67 36.04 18.23
C ASP D 328 4.27 35.22 19.37
N SER D 329 5.18 34.32 19.02
CA SER D 329 5.90 33.54 20.01
C SER D 329 7.13 34.24 20.56
N GLY D 330 7.63 35.25 19.86
CA GLY D 330 8.78 36.01 20.33
C GLY D 330 10.10 35.40 19.94
N LYS D 331 10.36 34.18 20.39
CA LYS D 331 11.64 33.52 20.13
C LYS D 331 11.52 32.18 19.41
N LEU D 332 10.43 31.44 19.60
CA LEU D 332 10.26 30.13 19.00
C LEU D 332 9.42 30.19 17.73
N ASN D 333 9.55 31.27 16.97
CA ASN D 333 8.78 31.40 15.74
C ASN D 333 9.20 30.36 14.71
N ASN D 334 10.50 30.05 14.65
CA ASN D 334 10.96 29.03 13.71
C ASN D 334 10.44 27.65 14.07
N ALA D 335 10.21 27.39 15.36
CA ALA D 335 9.61 26.13 15.78
C ALA D 335 8.10 26.12 15.51
N LYS D 336 7.45 27.26 15.73
CA LYS D 336 6.01 27.36 15.49
C LYS D 336 5.70 27.14 14.01
N PHE D 337 6.45 27.81 13.13
CA PHE D 337 6.23 27.62 11.70
C PHE D 337 6.48 26.18 11.30
N ARG D 338 7.54 25.57 11.86
CA ARG D 338 7.85 24.18 11.54
C ARG D 338 6.72 23.24 11.93
N ILE D 339 6.23 23.36 13.16
CA ILE D 339 5.19 22.45 13.62
C ILE D 339 3.89 22.71 12.88
N VAL D 340 3.61 23.98 12.53
CA VAL D 340 2.40 24.26 11.78
C VAL D 340 2.48 23.66 10.38
N ALA D 341 3.65 23.74 9.75
CA ALA D 341 3.81 23.12 8.44
C ALA D 341 3.72 21.60 8.53
N LYS D 342 4.16 21.02 9.65
CA LYS D 342 4.11 19.57 9.77
C LYS D 342 2.73 19.07 10.14
N CYS D 343 1.88 19.93 10.71
CA CYS D 343 0.57 19.49 11.16
C CYS D 343 -0.32 18.96 10.04
N HIS D 344 0.05 19.19 8.78
CA HIS D 344 -0.77 18.71 7.67
C HIS D 344 -0.94 17.19 7.71
N SER D 345 0.18 16.47 7.62
CA SER D 345 0.11 15.01 7.59
C SER D 345 -0.44 14.47 8.90
N LEU D 346 -0.16 15.15 10.00
CA LEU D 346 -0.71 14.72 11.29
C LEU D 346 -2.23 14.80 11.28
N LEU D 347 -2.80 15.89 10.77
CA LEU D 347 -4.24 16.03 10.76
C LEU D 347 -4.87 15.07 9.76
N HIS D 348 -4.20 14.81 8.64
CA HIS D 348 -4.73 13.83 7.71
C HIS D 348 -4.73 12.43 8.31
N GLY D 349 -3.66 12.09 9.03
CA GLY D 349 -3.63 10.81 9.71
C GLY D 349 -4.70 10.69 10.79
N LEU D 350 -4.91 11.78 11.55
CA LEU D 350 -5.96 11.76 12.55
C LEU D 350 -7.33 11.60 11.91
N LEU D 351 -7.56 12.27 10.79
CA LEU D 351 -8.82 12.10 10.07
C LEU D 351 -9.00 10.67 9.60
N ASP D 352 -7.92 10.06 9.09
CA ASP D 352 -8.01 8.67 8.63
C ASP D 352 -8.30 7.73 9.79
N ILE D 353 -7.67 7.97 10.94
CA ILE D 353 -7.92 7.12 12.10
C ILE D 353 -9.37 7.29 12.58
N ALA D 354 -9.87 8.53 12.57
CA ALA D 354 -11.25 8.77 12.98
C ALA D 354 -12.23 8.08 12.05
N CYS D 355 -11.97 8.13 10.74
CA CYS D 355 -12.84 7.43 9.81
C CYS D 355 -12.74 5.92 9.98
N GLY D 356 -11.55 5.42 10.35
CA GLY D 356 -11.41 4.01 10.63
C GLY D 356 -12.21 3.58 11.83
N PHE D 357 -12.25 4.41 12.88
CA PHE D 357 -13.07 4.11 14.04
C PHE D 357 -14.54 4.43 13.84
N ARG D 358 -14.92 4.93 12.67
CA ARG D 358 -16.30 5.25 12.35
C ARG D 358 -16.88 6.24 13.37
N ASN D 359 -16.29 7.43 13.39
CA ASN D 359 -16.74 8.52 14.25
C ASN D 359 -16.82 9.78 13.39
N LEU D 360 -17.99 10.40 13.36
CA LEU D 360 -18.23 11.53 12.47
C LEU D 360 -17.90 12.87 13.12
N ASP D 361 -18.21 13.03 14.41
CA ASP D 361 -17.94 14.29 15.09
C ASP D 361 -16.45 14.61 15.09
N ILE D 362 -15.62 13.60 15.33
CA ILE D 362 -14.18 13.83 15.35
C ILE D 362 -13.68 14.20 13.96
N ALA D 363 -14.25 13.60 12.91
CA ALA D 363 -13.85 13.94 11.56
C ALA D 363 -14.23 15.38 11.21
N LEU D 364 -15.45 15.78 11.57
CA LEU D 364 -15.86 17.16 11.31
C LEU D 364 -15.00 18.14 12.09
N GLY D 365 -14.70 17.82 13.35
CA GLY D 365 -13.81 18.67 14.12
C GLY D 365 -12.42 18.76 13.51
N ALA D 366 -11.92 17.64 12.97
CA ALA D 366 -10.61 17.65 12.36
C ALA D 366 -10.58 18.53 11.11
N ILE D 367 -11.62 18.43 10.28
CA ILE D 367 -11.70 19.28 9.10
C ILE D 367 -11.77 20.75 9.50
N ASN D 368 -12.59 21.06 10.51
CA ASN D 368 -12.72 22.45 10.94
C ASN D 368 -11.41 22.97 11.54
N THR D 369 -10.70 22.12 12.28
CA THR D 369 -9.44 22.54 12.86
C THR D 369 -8.37 22.73 11.79
N PHE D 370 -8.39 21.90 10.75
CA PHE D 370 -7.51 22.11 9.61
C PHE D 370 -7.81 23.44 8.94
N LYS D 371 -9.09 23.76 8.76
CA LYS D 371 -9.46 25.07 8.23
C LYS D 371 -8.91 26.19 9.10
N CYS D 372 -9.11 26.07 10.42
CA CYS D 372 -8.68 27.12 11.34
C CYS D 372 -7.16 27.29 11.32
N ILE D 373 -6.43 26.18 11.18
CA ILE D 373 -4.97 26.28 11.13
C ILE D 373 -4.52 26.92 9.82
N VAL D 374 -5.09 26.50 8.69
CA VAL D 374 -4.63 27.00 7.40
C VAL D 374 -5.01 28.47 7.23
N GLN D 375 -6.08 28.91 7.90
CA GLN D 375 -6.49 30.30 7.79
C GLN D 375 -5.97 31.18 8.92
N ALA D 376 -5.45 30.59 9.99
CA ALA D 376 -4.98 31.34 11.16
C ALA D 376 -6.09 32.23 11.72
N VAL D 377 -7.18 31.59 12.10
CA VAL D 377 -8.34 32.30 12.66
C VAL D 377 -9.10 31.34 13.58
N PRO D 378 -9.53 31.78 14.76
CA PRO D 378 -10.32 30.90 15.62
C PRO D 378 -11.69 30.64 15.05
N LEU D 379 -12.23 29.47 15.36
CA LEU D 379 -13.53 29.07 14.83
C LEU D 379 -14.62 29.94 15.45
N THR D 380 -15.22 30.78 14.63
CA THR D 380 -16.29 31.67 15.06
C THR D 380 -17.48 31.48 14.13
N PRO D 381 -18.70 31.88 14.54
CA PRO D 381 -19.82 31.80 13.59
C PRO D 381 -19.59 32.61 12.33
N ASN D 382 -19.12 33.86 12.47
CA ASN D 382 -18.79 34.69 11.33
C ASN D 382 -17.27 34.62 11.11
N CYS D 383 -16.83 33.50 10.57
CA CYS D 383 -15.42 33.26 10.29
C CYS D 383 -15.07 33.35 8.82
N GLN D 384 -16.00 33.04 7.92
CA GLN D 384 -15.76 33.21 6.49
C GLN D 384 -15.42 34.66 6.18
N ILE D 385 -15.91 35.60 6.99
CA ILE D 385 -15.59 37.00 6.80
C ILE D 385 -14.34 37.42 7.57
N LEU D 386 -13.91 36.63 8.55
CA LEU D 386 -12.68 36.91 9.29
C LEU D 386 -11.45 36.31 8.63
N GLN D 387 -11.63 35.33 7.74
CA GLN D 387 -10.50 34.77 7.02
C GLN D 387 -9.96 35.70 5.94
N LEU D 388 -10.62 36.83 5.70
CA LEU D 388 -10.14 37.78 4.72
C LEU D 388 -8.85 38.43 5.22
N PRO D 389 -7.99 38.89 4.29
CA PRO D 389 -6.65 39.35 4.69
C PRO D 389 -6.65 40.57 5.59
N ASN D 390 -7.34 41.63 5.18
CA ASN D 390 -7.26 42.95 5.83
C ASN D 390 -8.61 43.30 6.43
N VAL D 391 -8.85 42.86 7.66
CA VAL D 391 -10.05 43.21 8.41
C VAL D 391 -9.65 43.49 9.85
N ASP D 392 -10.49 44.27 10.53
CA ASP D 392 -10.31 44.61 11.93
C ASP D 392 -11.52 44.14 12.70
N LYS D 393 -11.30 43.27 13.68
CA LYS D 393 -12.41 42.68 14.41
C LYS D 393 -13.07 43.69 15.34
N GLU D 394 -12.27 44.53 15.99
CA GLU D 394 -12.81 45.48 16.96
C GLU D 394 -13.84 46.42 16.36
N HIS D 395 -13.77 46.67 15.05
CA HIS D 395 -14.75 47.49 14.36
C HIS D 395 -15.87 46.67 13.75
N PHE D 396 -15.53 45.61 13.02
CA PHE D 396 -16.54 44.82 12.32
C PHE D 396 -17.50 44.17 13.30
N ILE D 397 -16.98 43.51 14.34
CA ILE D 397 -17.84 42.79 15.28
C ILE D 397 -18.74 43.77 16.03
N THR D 398 -18.18 44.92 16.42
CA THR D 398 -18.95 45.89 17.20
C THR D 398 -20.00 46.59 16.37
N LYS D 399 -19.70 46.91 15.11
CA LYS D 399 -20.65 47.65 14.28
C LYS D 399 -21.72 46.73 13.70
N THR D 400 -21.31 45.74 12.91
CA THR D 400 -22.23 44.83 12.26
C THR D 400 -22.26 43.49 12.97
N GLY D 401 -23.44 42.88 13.00
CA GLY D 401 -23.62 41.58 13.62
C GLY D 401 -24.57 40.70 12.85
N ASP D 402 -24.83 41.06 11.59
CA ASP D 402 -25.75 40.31 10.75
C ASP D 402 -25.09 39.63 9.57
N ILE D 403 -23.89 40.06 9.17
CA ILE D 403 -23.20 39.48 8.02
C ILE D 403 -22.35 38.33 8.53
N HIS D 404 -22.66 37.11 8.08
CA HIS D 404 -21.93 35.93 8.52
C HIS D 404 -21.38 35.08 7.39
N THR D 405 -21.80 35.30 6.15
CA THR D 405 -21.27 34.58 5.01
C THR D 405 -20.76 35.56 3.97
N LEU D 406 -20.31 35.02 2.84
CA LEU D 406 -19.75 35.85 1.78
C LEU D 406 -20.80 36.41 0.84
N GLY D 407 -21.81 35.61 0.49
CA GLY D 407 -22.86 36.13 -0.36
C GLY D 407 -23.65 37.25 0.30
N LYS D 408 -23.95 37.08 1.59
CA LYS D 408 -24.60 38.15 2.33
C LYS D 408 -23.75 39.42 2.33
N LEU D 409 -22.43 39.27 2.35
CA LEU D 409 -21.56 40.44 2.26
C LEU D 409 -21.61 41.07 0.88
N PHE D 410 -21.52 40.26 -0.16
CA PHE D 410 -21.61 40.74 -1.53
C PHE D 410 -22.97 41.35 -1.85
N THR D 411 -23.99 41.08 -1.03
CA THR D 411 -25.29 41.72 -1.23
C THR D 411 -25.19 43.23 -1.08
N LEU D 412 -24.24 43.71 -0.29
CA LEU D 412 -24.07 45.13 -0.09
C LEU D 412 -23.42 45.78 -1.32
N GLU D 413 -23.41 47.10 -1.33
CA GLU D 413 -22.82 47.86 -2.43
C GLU D 413 -21.30 47.74 -2.38
N ASP D 414 -20.63 48.35 -3.36
CA ASP D 414 -19.18 48.26 -3.42
C ASP D 414 -18.51 49.08 -2.32
N ALA D 415 -18.82 50.38 -2.24
CA ALA D 415 -18.28 51.21 -1.18
C ALA D 415 -18.87 50.86 0.18
N LYS D 416 -20.09 50.33 0.21
CA LYS D 416 -20.69 49.90 1.47
C LYS D 416 -19.89 48.78 2.11
N ILE D 417 -19.35 47.87 1.29
CA ILE D 417 -18.55 46.77 1.83
C ILE D 417 -17.31 47.31 2.53
N GLY D 418 -16.62 48.26 1.88
CA GLY D 418 -15.44 48.85 2.50
C GLY D 418 -15.79 49.65 3.75
N GLU D 419 -16.91 50.38 3.72
CA GLU D 419 -17.32 51.14 4.88
C GLU D 419 -17.67 50.22 6.05
N VAL D 420 -18.25 49.06 5.77
CA VAL D 420 -18.57 48.11 6.83
C VAL D 420 -17.31 47.47 7.39
N LEU D 421 -16.42 47.01 6.49
CA LEU D 421 -15.20 46.36 6.96
C LEU D 421 -14.23 47.35 7.60
N GLY D 422 -14.41 48.64 7.39
CA GLY D 422 -13.57 49.63 8.03
C GLY D 422 -12.11 49.54 7.63
N ILE D 423 -11.83 49.71 6.33
CA ILE D 423 -10.45 49.70 5.86
C ILE D 423 -10.17 50.97 5.06
N LYS D 424 -11.22 51.52 4.45
CA LYS D 424 -11.21 52.82 3.76
C LYS D 424 -9.92 53.04 2.96
N ASP D 425 -9.67 52.12 2.03
CA ASP D 425 -8.52 52.24 1.13
C ASP D 425 -8.88 51.55 -0.18
N GLN D 426 -9.08 52.36 -1.23
CA GLN D 426 -9.53 51.82 -2.51
C GLN D 426 -8.53 50.82 -3.07
N ALA D 427 -7.26 51.22 -3.14
CA ALA D 427 -6.22 50.31 -3.64
C ALA D 427 -6.10 49.06 -2.79
N LYS D 428 -6.46 49.14 -1.51
CA LYS D 428 -6.45 47.96 -0.65
C LYS D 428 -7.80 47.26 -0.61
N LEU D 429 -8.89 47.99 -0.87
CA LEU D 429 -10.20 47.35 -0.97
C LEU D 429 -10.32 46.48 -2.22
N ASN D 430 -9.66 46.89 -3.31
CA ASN D 430 -9.70 46.07 -4.52
C ASN D 430 -9.08 44.71 -4.29
N GLU D 431 -7.97 44.65 -3.54
CA GLU D 431 -7.31 43.37 -3.29
C GLU D 431 -8.23 42.43 -2.50
N THR D 432 -8.85 42.95 -1.43
CA THR D 432 -9.71 42.08 -0.63
C THR D 432 -10.97 41.68 -1.37
N LEU D 433 -11.54 42.58 -2.18
CA LEU D 433 -12.68 42.19 -2.99
C LEU D 433 -12.31 41.10 -4.00
N ARG D 434 -11.16 41.24 -4.65
CA ARG D 434 -10.71 40.24 -5.60
C ARG D 434 -10.44 38.90 -4.93
N VAL D 435 -9.87 38.91 -3.72
CA VAL D 435 -9.57 37.64 -3.06
C VAL D 435 -10.84 37.02 -2.48
N ALA D 436 -11.83 37.84 -2.13
CA ALA D 436 -13.07 37.30 -1.62
C ALA D 436 -14.01 36.85 -2.73
N SER D 437 -13.78 37.31 -3.96
CA SER D 437 -14.59 36.91 -5.10
C SER D 437 -13.89 35.83 -5.94
N HIS D 438 -12.97 35.09 -5.32
CA HIS D 438 -12.20 34.10 -6.08
C HIS D 438 -12.00 32.79 -5.31
N ILE D 439 -12.77 32.55 -4.26
CA ILE D 439 -12.69 31.27 -3.55
C ILE D 439 -13.91 30.44 -3.90
N PRO D 440 -13.77 29.13 -4.05
CA PRO D 440 -14.85 28.33 -4.66
C PRO D 440 -15.96 27.93 -3.70
N ASN D 441 -17.20 28.21 -4.09
CA ASN D 441 -18.37 27.72 -3.38
C ASN D 441 -19.04 26.64 -4.23
N LEU D 442 -19.47 25.58 -3.58
CA LEU D 442 -20.00 24.41 -4.28
C LEU D 442 -21.52 24.44 -4.34
N LYS D 443 -22.05 23.70 -5.30
CA LYS D 443 -23.49 23.57 -5.50
C LYS D 443 -23.76 22.36 -6.40
N ILE D 444 -24.58 21.43 -5.93
CA ILE D 444 -24.82 20.19 -6.66
C ILE D 444 -25.83 20.43 -7.76
N ILE D 445 -25.71 19.63 -8.83
CA ILE D 445 -26.66 19.67 -9.94
C ILE D 445 -27.40 18.34 -10.07
N LYS D 446 -26.69 17.23 -9.97
CA LYS D 446 -27.31 15.91 -10.03
C LYS D 446 -26.44 14.94 -9.25
N ALA D 447 -27.04 14.22 -8.31
CA ALA D 447 -26.31 13.29 -7.46
C ALA D 447 -27.13 12.02 -7.31
N ASP D 448 -26.49 10.87 -7.58
CA ASP D 448 -27.20 9.59 -7.55
C ASP D 448 -26.17 8.48 -7.55
N PHE D 449 -26.64 7.28 -7.19
CA PHE D 449 -25.81 6.09 -7.22
C PHE D 449 -25.78 5.52 -8.62
N LEU D 450 -24.59 5.21 -9.11
CA LEU D 450 -24.42 4.64 -10.45
C LEU D 450 -23.74 3.29 -10.34
N VAL D 451 -24.15 2.36 -11.20
CA VAL D 451 -23.55 1.04 -11.30
C VAL D 451 -22.97 0.91 -12.69
N PRO D 452 -21.72 0.48 -12.85
CA PRO D 452 -21.11 0.44 -14.19
C PRO D 452 -21.68 -0.70 -15.02
N GLY D 453 -22.26 -0.34 -16.17
CA GLY D 453 -22.80 -1.31 -17.09
C GLY D 453 -24.27 -1.61 -16.93
N GLU D 454 -24.95 -0.99 -15.96
CA GLU D 454 -26.36 -1.24 -15.71
C GLU D 454 -27.05 0.09 -15.45
N ASN D 455 -28.37 0.03 -15.27
CA ASN D 455 -29.18 1.23 -15.12
C ASN D 455 -29.91 1.31 -13.78
N GLN D 456 -29.71 0.33 -12.90
CA GLN D 456 -30.40 0.32 -11.62
C GLN D 456 -29.56 -0.47 -10.64
N VAL D 457 -29.85 -0.27 -9.35
CA VAL D 457 -29.10 -0.90 -8.28
C VAL D 457 -29.81 -2.19 -7.87
N THR D 458 -29.05 -3.28 -7.80
CA THR D 458 -29.54 -4.59 -7.44
C THR D 458 -28.97 -4.99 -6.09
N PRO D 459 -29.59 -5.94 -5.39
CA PRO D 459 -29.03 -6.41 -4.13
C PRO D 459 -27.65 -7.02 -4.33
N SER D 460 -26.77 -6.77 -3.36
CA SER D 460 -25.40 -7.30 -3.37
C SER D 460 -24.64 -6.86 -4.62
N SER D 461 -24.92 -5.66 -5.09
CA SER D 461 -24.19 -5.04 -6.19
C SER D 461 -23.21 -4.02 -5.64
N THR D 462 -22.29 -3.59 -6.51
CA THR D 462 -21.22 -2.67 -6.13
C THR D 462 -21.32 -1.36 -6.91
N PRO D 463 -22.18 -0.43 -6.51
CA PRO D 463 -22.28 0.85 -7.19
C PRO D 463 -21.33 1.88 -6.57
N TYR D 464 -21.26 3.04 -7.23
CA TYR D 464 -20.44 4.13 -6.76
C TYR D 464 -21.26 5.41 -6.78
N ILE D 465 -20.71 6.47 -6.21
CA ILE D 465 -21.41 7.75 -6.09
C ILE D 465 -20.90 8.69 -7.17
N SER D 466 -21.84 9.37 -7.83
CA SER D 466 -21.53 10.31 -8.90
C SER D 466 -22.07 11.68 -8.49
N LEU D 467 -21.19 12.68 -8.46
CA LEU D 467 -21.55 14.03 -8.07
C LEU D 467 -21.36 14.99 -9.23
N LYS D 468 -22.33 15.87 -9.42
CA LYS D 468 -22.27 16.93 -10.43
C LYS D 468 -22.34 18.26 -9.70
N VAL D 469 -21.18 18.82 -9.36
CA VAL D 469 -21.11 20.02 -8.58
C VAL D 469 -20.91 21.22 -9.50
N LEU D 470 -21.18 22.41 -8.98
CA LEU D 470 -21.01 23.65 -9.73
C LEU D 470 -20.13 24.59 -8.91
N VAL D 471 -18.88 24.73 -9.32
CA VAL D 471 -17.94 25.61 -8.61
C VAL D 471 -18.31 27.06 -8.92
N ARG D 472 -18.80 27.77 -7.90
CA ARG D 472 -19.27 29.14 -8.07
C ARG D 472 -18.64 30.03 -7.00
N SER D 473 -18.73 31.33 -7.23
CA SER D 473 -18.33 32.34 -6.25
C SER D 473 -19.56 33.04 -5.70
N ALA D 474 -19.43 33.52 -4.45
CA ALA D 474 -20.55 34.13 -3.75
C ALA D 474 -21.05 35.40 -4.41
N LYS D 475 -20.32 35.94 -5.38
CA LYS D 475 -20.75 37.14 -6.10
C LYS D 475 -21.67 36.81 -7.27
N GLN D 476 -21.57 35.62 -7.83
CA GLN D 476 -22.43 35.25 -8.95
C GLN D 476 -23.80 34.82 -8.43
N PRO D 477 -24.88 35.22 -9.10
CA PRO D 477 -26.20 34.67 -8.75
C PRO D 477 -26.29 33.19 -9.06
N LEU D 478 -27.44 32.58 -8.75
CA LEU D 478 -27.64 31.16 -9.00
C LEU D 478 -28.26 30.96 -10.38
N ILE D 479 -27.86 29.89 -11.05
CA ILE D 479 -28.40 29.52 -12.35
C ILE D 479 -29.33 28.33 -12.15
N PRO D 480 -30.51 28.32 -12.76
CA PRO D 480 -31.43 27.20 -12.58
C PRO D 480 -30.89 25.92 -13.20
N THR D 481 -31.36 24.79 -12.64
CA THR D 481 -30.97 23.49 -13.16
C THR D 481 -31.52 23.25 -14.56
N SER D 482 -32.66 23.84 -14.90
CA SER D 482 -33.25 23.65 -16.22
C SER D 482 -32.37 24.18 -17.34
N LEU D 483 -31.53 25.18 -17.06
CA LEU D 483 -30.67 25.73 -18.10
C LEU D 483 -29.55 24.79 -18.49
N ILE D 484 -29.30 23.76 -17.69
CA ILE D 484 -28.23 22.81 -18.02
C ILE D 484 -28.60 22.07 -19.30
N PRO D 485 -27.69 21.96 -20.28
CA PRO D 485 -28.02 21.36 -21.57
C PRO D 485 -28.21 19.85 -21.55
N GLU D 486 -28.13 19.20 -20.39
CA GLU D 486 -28.34 17.78 -20.20
C GLU D 486 -27.25 16.93 -20.85
N GLU D 487 -26.31 17.53 -21.58
CA GLU D 487 -25.25 16.76 -22.21
C GLU D 487 -24.09 16.54 -21.24
N ASN D 488 -23.80 17.50 -20.38
CA ASN D 488 -22.74 17.36 -19.40
C ASN D 488 -23.12 16.47 -18.23
N LEU D 489 -24.41 16.12 -18.11
CA LEU D 489 -24.87 15.27 -17.02
C LEU D 489 -25.05 13.82 -17.43
N THR D 490 -25.24 13.54 -18.71
CA THR D 490 -25.44 12.19 -19.20
C THR D 490 -24.11 11.45 -19.28
N GLU D 491 -24.15 10.17 -18.95
CA GLU D 491 -22.89 9.44 -18.96
C GLU D 491 -22.70 8.71 -20.29
N PRO D 492 -21.48 8.73 -20.82
CA PRO D 492 -21.21 8.01 -22.08
C PRO D 492 -21.34 6.51 -21.88
N GLN D 493 -21.96 5.85 -22.85
CA GLN D 493 -22.21 4.42 -22.80
C GLN D 493 -21.27 3.74 -23.78
N ASP D 494 -20.06 3.45 -23.31
CA ASP D 494 -19.07 2.71 -24.09
C ASP D 494 -18.28 1.85 -23.13
N PHE D 495 -17.87 0.67 -23.61
CA PHE D 495 -17.18 -0.28 -22.74
C PHE D 495 -15.91 0.33 -22.15
N GLU D 496 -15.16 1.07 -22.97
CA GLU D 496 -13.96 1.73 -22.46
C GLU D 496 -14.29 2.79 -21.42
N SER D 497 -15.50 3.35 -21.46
CA SER D 497 -15.88 4.38 -20.51
C SER D 497 -16.49 3.80 -19.24
N GLN D 498 -17.22 2.69 -19.35
CA GLN D 498 -17.83 2.04 -18.21
C GLN D 498 -16.94 0.98 -17.59
N ARG D 499 -15.75 0.75 -18.15
CA ARG D 499 -14.79 -0.14 -17.52
C ARG D 499 -14.07 0.54 -16.36
N ASP D 500 -13.68 1.80 -16.55
CA ASP D 500 -12.99 2.57 -15.52
C ASP D 500 -13.64 3.94 -15.44
N PRO D 501 -14.63 4.12 -14.56
CA PRO D 501 -15.37 5.39 -14.53
C PRO D 501 -14.56 6.58 -14.03
N PHE D 502 -13.36 6.36 -13.51
CA PHE D 502 -12.55 7.45 -12.96
C PHE D 502 -11.53 7.98 -13.94
N ALA D 503 -11.44 7.41 -15.14
CA ALA D 503 -10.51 7.92 -16.14
C ALA D 503 -10.88 9.35 -16.54
N MET D 504 -12.16 9.60 -16.80
CA MET D 504 -12.59 10.94 -17.16
C MET D 504 -12.46 11.91 -15.99
N MET D 505 -12.54 11.41 -14.75
CA MET D 505 -12.34 12.27 -13.60
C MET D 505 -10.87 12.66 -13.45
N SER D 506 -9.96 11.71 -13.65
CA SER D 506 -8.53 11.95 -13.49
C SER D 506 -7.96 12.85 -14.58
N LYS D 507 -8.77 13.36 -15.49
CA LYS D 507 -8.32 14.24 -16.55
C LYS D 507 -8.63 15.70 -16.28
N GLN D 508 -9.16 16.00 -15.11
CA GLN D 508 -9.46 17.40 -14.83
C GLN D 508 -8.22 18.12 -14.33
N PRO D 509 -8.10 19.42 -14.60
CA PRO D 509 -6.92 20.15 -14.13
C PRO D 509 -6.89 20.25 -12.61
N LEU D 510 -5.69 20.46 -12.09
CA LEU D 510 -5.52 20.58 -10.66
C LEU D 510 -6.10 21.91 -10.16
N VAL D 511 -6.21 22.02 -8.84
CA VAL D 511 -6.72 23.24 -8.21
C VAL D 511 -5.55 24.19 -7.98
N PRO D 512 -5.79 25.50 -7.98
CA PRO D 512 -4.68 26.44 -7.79
C PRO D 512 -4.12 26.44 -6.37
N TYR D 513 -3.10 27.24 -6.14
CA TYR D 513 -2.54 27.35 -4.80
C TYR D 513 -3.51 28.10 -3.89
N SER D 514 -3.53 27.70 -2.62
CA SER D 514 -4.43 28.30 -1.66
C SER D 514 -3.98 29.70 -1.28
N PHE D 515 -4.91 30.49 -0.76
CA PHE D 515 -4.62 31.83 -0.24
C PHE D 515 -4.51 31.72 1.28
N ALA D 516 -3.29 31.48 1.75
CA ALA D 516 -3.00 31.36 3.18
C ALA D 516 -1.74 32.15 3.48
N PRO D 517 -1.84 33.47 3.62
CA PRO D 517 -0.65 34.27 3.87
C PRO D 517 0.02 33.96 5.20
N PHE D 518 -0.68 33.29 6.12
CA PHE D 518 -0.10 32.92 7.40
C PHE D 518 0.41 31.50 7.44
N PHE D 519 0.00 30.65 6.52
CA PHE D 519 0.56 29.31 6.44
C PHE D 519 2.01 29.41 5.99
N PRO D 520 2.93 28.69 6.62
CA PRO D 520 4.35 28.82 6.28
C PRO D 520 4.67 28.51 4.82
N THR D 521 4.30 27.33 4.35
CA THR D 521 4.65 26.90 3.00
C THR D 521 3.53 27.28 2.03
N LYS D 522 3.62 26.77 0.81
CA LYS D 522 2.59 26.97 -0.21
C LYS D 522 1.81 25.68 -0.38
N ARG D 523 0.49 25.79 -0.35
CA ARG D 523 -0.39 24.64 -0.50
C ARG D 523 -1.39 24.88 -1.62
N ARG D 524 -1.80 23.79 -2.26
CA ARG D 524 -2.90 23.82 -3.21
C ARG D 524 -4.20 23.56 -2.47
N GLY D 525 -5.31 23.87 -3.13
CA GLY D 525 -6.61 23.51 -2.59
C GLY D 525 -6.76 22.02 -2.42
N SER D 526 -7.76 21.64 -1.63
CA SER D 526 -8.02 20.23 -1.40
C SER D 526 -9.44 20.08 -0.87
N TRP D 527 -10.08 18.98 -1.25
CA TRP D 527 -11.45 18.70 -0.84
C TRP D 527 -11.52 17.29 -0.27
N CYS D 528 -11.85 17.18 1.01
CA CYS D 528 -12.01 15.89 1.66
C CYS D 528 -13.47 15.52 1.65
N CYS D 529 -13.81 14.49 0.89
CA CYS D 529 -15.18 13.99 0.79
C CYS D 529 -15.31 12.71 1.59
N LEU D 530 -16.34 12.63 2.42
CA LEU D 530 -16.56 11.47 3.27
C LEU D 530 -18.05 11.17 3.30
N VAL D 531 -18.38 9.88 3.36
CA VAL D 531 -19.76 9.41 3.37
C VAL D 531 -20.00 8.62 4.64
N SER D 532 -21.18 8.82 5.22
CA SER D 532 -21.63 8.06 6.39
C SER D 532 -23.05 7.56 6.14
N SER D 533 -23.58 6.82 7.09
CA SER D 533 -24.93 6.27 7.00
C SER D 533 -25.89 7.13 7.80
N GLN D 534 -27.17 7.03 7.45
CA GLN D 534 -28.21 7.81 8.11
C GLN D 534 -28.99 7.00 9.14
N LYS D 535 -28.81 5.69 9.18
CA LYS D 535 -29.50 4.89 10.20
C LYS D 535 -28.99 5.22 11.59
N ASP D 536 -27.68 5.34 11.75
CA ASP D 536 -27.07 5.65 13.03
C ASP D 536 -26.20 6.90 13.01
N GLY D 537 -25.60 7.23 11.87
CA GLY D 537 -24.70 8.37 11.80
C GLY D 537 -23.27 7.99 12.06
N LYS D 538 -22.77 6.99 11.35
CA LYS D 538 -21.41 6.49 11.51
C LYS D 538 -20.71 6.46 10.16
N ILE D 539 -19.46 6.89 10.14
CA ILE D 539 -18.66 6.84 8.91
C ILE D 539 -18.46 5.39 8.51
N LEU D 540 -18.55 5.11 7.21
CA LEU D 540 -18.47 3.75 6.71
C LEU D 540 -17.35 3.54 5.68
N GLN D 541 -16.50 4.53 5.47
CA GLN D 541 -15.38 4.36 4.55
C GLN D 541 -14.36 5.46 4.79
N THR D 542 -13.17 5.24 4.25
CA THR D 542 -12.12 6.25 4.33
C THR D 542 -12.47 7.44 3.44
N PRO D 543 -12.12 8.65 3.85
CA PRO D 543 -12.45 9.83 3.03
C PRO D 543 -11.51 9.95 1.85
N ILE D 544 -12.09 10.18 0.69
CA ILE D 544 -11.33 10.37 -0.54
C ILE D 544 -10.93 11.83 -0.66
N ILE D 545 -9.67 12.07 -1.00
CA ILE D 545 -9.12 13.41 -1.11
C ILE D 545 -9.01 13.73 -2.60
N ILE D 546 -9.94 14.52 -3.10
CA ILE D 546 -9.96 14.89 -4.50
C ILE D 546 -9.22 16.21 -4.68
N GLU D 547 -8.46 16.29 -5.77
CA GLU D 547 -7.68 17.48 -6.07
C GLU D 547 -7.80 17.97 -7.50
N LYS D 548 -8.28 17.15 -8.44
CA LYS D 548 -8.42 17.54 -9.83
C LYS D 548 -9.79 18.15 -10.03
N LEU D 549 -9.83 19.45 -10.32
CA LEU D 549 -11.09 20.16 -10.49
C LEU D 549 -10.81 21.48 -11.20
N SER D 550 -11.79 21.92 -11.99
CA SER D 550 -11.63 23.11 -12.82
C SER D 550 -12.35 24.29 -12.17
N TYR D 551 -11.63 25.37 -11.94
CA TYR D 551 -12.20 26.60 -11.39
C TYR D 551 -12.43 27.64 -12.49
N LYS D 552 -12.77 27.18 -13.70
CA LYS D 552 -12.95 28.09 -14.82
C LYS D 552 -14.08 29.08 -14.56
N ASN D 553 -15.13 28.66 -13.86
CA ASN D 553 -16.26 29.53 -13.59
C ASN D 553 -15.92 30.66 -12.62
N LEU D 554 -14.70 30.71 -12.10
CA LEU D 554 -14.30 31.73 -11.14
C LEU D 554 -13.43 32.82 -11.75
N ASN D 555 -13.05 32.69 -13.02
CA ASN D 555 -12.17 33.67 -13.63
C ASN D 555 -12.86 35.02 -13.77
N ASP D 556 -12.07 36.04 -14.07
CA ASP D 556 -12.58 37.41 -14.20
C ASP D 556 -13.22 37.67 -15.57
N ASP D 557 -13.26 36.66 -16.45
CA ASP D 557 -13.91 36.86 -17.74
C ASP D 557 -15.42 36.97 -17.59
N LYS D 558 -16.01 36.16 -16.73
CA LYS D 558 -17.45 36.20 -16.50
C LYS D 558 -17.77 37.01 -15.25
N ASP D 559 -17.44 38.30 -15.30
CA ASP D 559 -17.68 39.21 -14.20
C ASP D 559 -19.00 39.96 -14.33
N PHE D 560 -19.63 39.93 -15.50
CA PHE D 560 -20.95 40.54 -15.64
C PHE D 560 -21.99 39.82 -14.79
N PHE D 561 -21.72 38.57 -14.41
CA PHE D 561 -22.64 37.77 -13.61
C PHE D 561 -22.46 38.15 -12.15
N ASP D 562 -23.02 39.31 -11.79
CA ASP D 562 -22.97 39.83 -10.44
C ASP D 562 -24.36 39.76 -9.80
N LYS D 563 -24.38 39.55 -8.49
CA LYS D 563 -25.65 39.44 -7.78
C LYS D 563 -26.28 40.80 -7.54
N ARG D 564 -25.49 41.86 -7.44
CA ARG D 564 -26.01 43.20 -7.17
C ARG D 564 -26.70 43.82 -8.38
N ILE D 565 -26.62 43.20 -9.55
CA ILE D 565 -27.22 43.80 -10.73
C ILE D 565 -28.72 43.56 -10.76
N LYS D 566 -29.16 42.36 -10.36
CA LYS D 566 -30.56 41.93 -10.33
C LYS D 566 -31.33 42.41 -11.56
N MET D 567 -30.82 42.03 -12.73
CA MET D 567 -31.45 42.37 -14.00
C MET D 567 -31.65 41.13 -14.87
N ASP D 568 -31.83 39.97 -14.24
CA ASP D 568 -32.05 38.69 -14.93
C ASP D 568 -30.92 38.42 -15.93
N LEU D 569 -29.72 38.24 -15.37
CA LEU D 569 -28.53 38.02 -16.17
C LEU D 569 -28.54 36.70 -16.92
N THR D 570 -29.57 35.86 -16.73
CA THR D 570 -29.68 34.66 -17.54
C THR D 570 -29.96 35.00 -19.00
N LYS D 571 -30.76 36.04 -19.25
CA LYS D 571 -31.03 36.51 -20.60
C LYS D 571 -30.08 37.64 -20.98
N HIS D 572 -28.79 37.33 -20.90
CA HIS D 572 -27.74 38.29 -21.19
C HIS D 572 -27.05 37.95 -22.51
N GLU D 573 -26.51 38.98 -23.15
CA GLU D 573 -25.80 38.76 -24.40
C GLU D 573 -24.46 38.07 -24.20
N LYS D 574 -23.94 38.08 -22.98
CA LYS D 574 -22.68 37.43 -22.66
C LYS D 574 -22.86 36.09 -21.96
N PHE D 575 -24.10 35.74 -21.57
CA PHE D 575 -24.37 34.52 -20.84
C PHE D 575 -24.49 33.38 -21.84
N ASP D 576 -23.50 32.48 -21.85
CA ASP D 576 -23.51 31.29 -22.70
C ASP D 576 -23.42 30.07 -21.79
N ILE D 577 -24.51 29.33 -21.69
CA ILE D 577 -24.58 28.19 -20.79
C ILE D 577 -23.59 27.10 -21.15
N ASN D 578 -23.08 27.10 -22.38
CA ASN D 578 -22.06 26.14 -22.78
C ASN D 578 -20.66 26.60 -22.41
N ASP D 579 -20.51 27.84 -21.95
CA ASP D 579 -19.23 28.33 -21.46
C ASP D 579 -18.95 27.94 -20.03
N TRP D 580 -19.99 27.62 -19.26
CA TRP D 580 -19.82 27.22 -17.87
C TRP D 580 -19.50 25.74 -17.79
N GLU D 581 -18.34 25.41 -17.22
CA GLU D 581 -17.93 24.03 -17.06
C GLU D 581 -18.41 23.49 -15.72
N ILE D 582 -18.86 22.25 -15.72
CA ILE D 582 -19.41 21.60 -14.54
C ILE D 582 -18.47 20.47 -14.16
N GLY D 583 -17.72 20.66 -13.07
CA GLY D 583 -16.85 19.62 -12.59
C GLY D 583 -17.63 18.40 -12.12
N THR D 584 -16.94 17.27 -12.08
CA THR D 584 -17.55 16.01 -11.68
C THR D 584 -16.73 15.37 -10.57
N ILE D 585 -17.42 14.66 -9.69
CA ILE D 585 -16.81 13.98 -8.55
C ILE D 585 -17.41 12.59 -8.45
N LYS D 586 -16.55 11.58 -8.51
CA LYS D 586 -16.98 10.19 -8.41
C LYS D 586 -16.30 9.55 -7.21
N ILE D 587 -17.08 8.97 -6.32
CA ILE D 587 -16.57 8.39 -5.09
C ILE D 587 -16.85 6.89 -5.11
N PRO D 588 -15.83 6.04 -5.02
CA PRO D 588 -16.08 4.60 -4.89
C PRO D 588 -16.69 4.29 -3.53
N LEU D 589 -17.66 3.39 -3.53
CA LEU D 589 -18.40 3.11 -2.30
C LEU D 589 -17.63 2.18 -1.37
N GLY D 590 -16.80 1.29 -1.91
CA GLY D 590 -16.02 0.38 -1.10
C GLY D 590 -16.77 -0.74 -0.44
N GLN D 591 -18.10 -0.66 -0.37
CA GLN D 591 -18.92 -1.72 0.21
C GLN D 591 -20.09 -2.00 -0.72
N PRO D 592 -20.42 -3.27 -0.92
CA PRO D 592 -21.49 -3.61 -1.85
C PRO D 592 -22.85 -3.20 -1.31
N ALA D 593 -23.84 -3.26 -2.20
CA ALA D 593 -25.20 -2.95 -1.80
C ALA D 593 -25.73 -4.03 -0.85
N PRO D 594 -26.67 -3.69 0.02
CA PRO D 594 -27.23 -4.69 0.93
C PRO D 594 -28.03 -5.74 0.18
N GLU D 595 -28.14 -6.92 0.78
CA GLU D 595 -28.87 -8.02 0.16
C GLU D 595 -30.38 -7.81 0.18
N THR D 596 -30.88 -6.84 0.93
CA THR D 596 -32.30 -6.60 1.02
C THR D 596 -32.77 -5.79 -0.18
N VAL D 597 -34.05 -5.43 -0.21
CA VAL D 597 -34.64 -4.67 -1.31
C VAL D 597 -35.41 -3.50 -0.71
N GLY D 598 -35.08 -2.30 -1.12
CA GLY D 598 -35.75 -1.12 -0.61
C GLY D 598 -34.86 0.11 -0.73
N ASP D 599 -35.24 1.13 0.03
CA ASP D 599 -34.51 2.39 0.06
C ASP D 599 -33.53 2.38 1.22
N PHE D 600 -32.29 2.77 0.95
CA PHE D 600 -31.25 2.87 1.98
C PHE D 600 -30.60 4.23 1.83
N PHE D 601 -30.86 5.12 2.79
CA PHE D 601 -30.39 6.49 2.71
C PHE D 601 -28.93 6.59 3.12
N PHE D 602 -28.24 7.57 2.52
CA PHE D 602 -26.84 7.84 2.80
C PHE D 602 -26.66 9.34 2.99
N ARG D 603 -25.45 9.73 3.39
CA ARG D 603 -25.12 11.13 3.59
C ARG D 603 -23.67 11.35 3.22
N VAL D 604 -23.43 12.14 2.18
CA VAL D 604 -22.09 12.47 1.71
C VAL D 604 -21.82 13.93 2.04
N ILE D 605 -20.64 14.20 2.56
CA ILE D 605 -20.24 15.54 2.97
C ILE D 605 -18.94 15.89 2.26
N VAL D 606 -18.94 16.99 1.53
CA VAL D 606 -17.77 17.46 0.79
C VAL D 606 -17.36 18.79 1.41
N LYS D 607 -16.36 18.76 2.27
CA LYS D 607 -15.87 19.96 2.95
C LYS D 607 -14.61 20.47 2.27
N SER D 608 -14.37 21.76 2.40
CA SER D 608 -13.12 22.34 1.94
C SER D 608 -12.03 22.11 2.98
N THR D 609 -10.80 22.47 2.62
CA THR D 609 -9.66 22.30 3.51
C THR D 609 -8.84 23.57 3.68
N ASP D 610 -9.12 24.61 2.89
CA ASP D 610 -8.29 25.82 2.91
C ASP D 610 -9.10 27.07 3.16
N TYR D 611 -10.36 27.10 2.76
CA TYR D 611 -11.23 28.25 2.93
C TYR D 611 -12.40 27.90 3.83
N PHE D 612 -13.26 28.88 4.08
CA PHE D 612 -14.46 28.66 4.88
C PHE D 612 -15.69 28.82 4.00
N THR D 613 -15.63 28.22 2.82
CA THR D 613 -16.68 28.41 1.82
C THR D 613 -17.91 27.59 2.20
N THR D 614 -18.92 27.60 1.32
CA THR D 614 -20.13 26.82 1.51
C THR D 614 -19.87 25.39 1.04
N ASP D 615 -19.78 24.46 1.99
CA ASP D 615 -19.49 23.08 1.67
C ASP D 615 -20.77 22.33 1.34
N LEU D 616 -20.64 21.04 1.05
CA LEU D 616 -21.75 20.20 0.65
C LEU D 616 -22.11 19.22 1.74
N ASP D 617 -23.41 19.12 2.03
CA ASP D 617 -23.91 18.15 3.00
C ASP D 617 -25.31 17.74 2.51
N ILE D 618 -25.37 16.64 1.76
CA ILE D 618 -26.61 16.20 1.14
C ILE D 618 -26.86 14.74 1.50
N THR D 619 -28.11 14.34 1.34
CA THR D 619 -28.53 12.96 1.57
C THR D 619 -28.97 12.33 0.26
N MET D 620 -28.76 11.02 0.14
CA MET D 620 -29.16 10.29 -1.05
C MET D 620 -29.43 8.85 -0.65
N ASN D 621 -30.48 8.28 -1.25
CA ASN D 621 -30.90 6.93 -0.94
C ASN D 621 -30.82 6.06 -2.18
N MET D 622 -30.31 4.84 -2.01
CA MET D 622 -30.22 3.88 -3.09
C MET D 622 -31.50 3.06 -3.11
N LYS D 623 -32.26 3.19 -4.19
CA LYS D 623 -33.52 2.47 -4.34
C LYS D 623 -33.21 1.09 -4.91
N VAL D 624 -32.85 0.17 -4.02
CA VAL D 624 -32.58 -1.21 -4.42
C VAL D 624 -33.86 -1.83 -4.96
N ARG D 625 -33.86 -2.15 -6.25
CA ARG D 625 -35.06 -2.66 -6.91
C ARG D 625 -34.85 -3.92 -7.71
N ASP D 626 -33.60 -4.31 -7.98
CA ASP D 626 -33.28 -5.51 -8.75
C ASP D 626 -33.93 -5.48 -10.13
N ASN E 69 -4.80 4.90 33.79
CA ASN E 69 -6.13 5.43 33.50
C ASN E 69 -7.20 4.39 33.82
N ASP E 70 -7.27 3.98 35.09
CA ASP E 70 -8.24 2.97 35.50
C ASP E 70 -8.46 3.09 37.00
N ALA E 71 -9.52 2.43 37.48
CA ALA E 71 -9.86 2.38 38.89
C ALA E 71 -9.37 1.10 39.55
N HIS E 72 -8.57 0.30 38.85
CA HIS E 72 -8.08 -0.95 39.41
C HIS E 72 -7.16 -0.68 40.59
N ASP E 73 -6.28 0.31 40.47
CA ASP E 73 -5.40 0.70 41.57
C ASP E 73 -6.15 1.34 42.71
N LEU E 74 -7.32 1.94 42.45
CA LEU E 74 -8.10 2.56 43.51
C LEU E 74 -8.56 1.52 44.53
N TYR E 75 -9.02 0.36 44.06
CA TYR E 75 -9.43 -0.68 44.98
C TYR E 75 -8.26 -1.17 45.82
N PHE E 76 -7.09 -1.31 45.21
CA PHE E 76 -5.91 -1.74 45.96
C PHE E 76 -5.52 -0.70 47.01
N GLN E 77 -5.58 0.58 46.65
CA GLN E 77 -5.27 1.63 47.61
C GLN E 77 -6.26 1.62 48.77
N ILE E 78 -7.55 1.42 48.47
CA ILE E 78 -8.55 1.36 49.51
C ILE E 78 -8.34 0.15 50.41
N LYS E 79 -7.93 -0.98 49.82
CA LYS E 79 -7.66 -2.17 50.61
C LYS E 79 -6.47 -1.95 51.53
N GLU E 80 -5.42 -1.30 51.03
CA GLU E 80 -4.29 -0.98 51.87
C GLU E 80 -4.67 -0.03 52.99
N MET E 81 -5.54 0.94 52.71
CA MET E 81 -6.02 1.84 53.76
C MET E 81 -6.83 1.09 54.80
N SER E 82 -7.65 0.13 54.37
CA SER E 82 -8.43 -0.66 55.31
C SER E 82 -7.54 -1.54 56.18
N GLU E 83 -6.48 -2.08 55.59
CA GLU E 83 -5.58 -2.97 56.32
C GLU E 83 -4.82 -2.25 57.43
N ASN E 84 -4.89 -0.93 57.50
CA ASN E 84 -4.16 -0.18 58.51
C ASN E 84 -5.05 0.70 59.38
N GLU E 85 -6.07 1.33 58.81
CA GLU E 85 -6.90 2.28 59.54
C GLU E 85 -8.23 1.70 59.98
N LYS E 86 -8.54 0.46 59.61
CA LYS E 86 -9.79 -0.20 59.98
C LYS E 86 -11.00 0.63 59.54
N ILE E 87 -11.09 0.82 58.23
CA ILE E 87 -12.22 1.52 57.62
C ILE E 87 -13.38 0.55 57.47
N HIS E 88 -14.56 1.08 57.13
CA HIS E 88 -15.75 0.26 56.99
C HIS E 88 -15.54 -0.83 55.94
N GLU E 89 -16.46 -1.80 55.91
CA GLU E 89 -16.38 -2.93 55.00
C GLU E 89 -17.16 -2.70 53.71
N LYS E 90 -18.26 -1.95 53.76
CA LYS E 90 -19.06 -1.72 52.56
C LYS E 90 -18.30 -0.93 51.50
N VAL E 91 -17.34 -0.11 51.90
CA VAL E 91 -16.55 0.63 50.91
C VAL E 91 -15.73 -0.33 50.07
N LEU E 92 -15.26 -1.43 50.67
CA LEU E 92 -14.51 -2.43 49.91
C LEU E 92 -15.40 -3.09 48.87
N LYS E 93 -16.63 -3.45 49.26
CA LYS E 93 -17.57 -4.00 48.29
C LYS E 93 -17.87 -3.00 47.18
N ALA E 94 -18.02 -1.73 47.54
CA ALA E 94 -18.30 -0.70 46.54
C ALA E 94 -17.15 -0.60 45.54
N ALA E 95 -15.91 -0.55 46.05
CA ALA E 95 -14.75 -0.45 45.16
C ALA E 95 -14.63 -1.69 44.29
N LEU E 96 -14.94 -2.86 44.84
CA LEU E 96 -14.88 -4.08 44.06
C LEU E 96 -15.91 -4.08 42.94
N LEU E 97 -17.14 -3.64 43.25
CA LEU E 97 -18.16 -3.51 42.22
C LEU E 97 -17.74 -2.50 41.15
N ASN E 98 -17.11 -1.41 41.57
CA ASN E 98 -16.65 -0.41 40.62
C ASN E 98 -15.61 -1.00 39.68
N ARG E 99 -14.64 -1.73 40.23
CA ARG E 99 -13.61 -2.34 39.38
C ARG E 99 -14.22 -3.38 38.45
N GLY E 100 -15.18 -4.16 38.95
CA GLY E 100 -15.85 -5.13 38.10
C GLY E 100 -16.61 -4.49 36.95
N ALA E 101 -17.35 -3.42 37.25
CA ALA E 101 -18.09 -2.72 36.20
C ALA E 101 -17.15 -2.10 35.18
N GLU E 102 -16.04 -1.52 35.65
CA GLU E 102 -15.09 -0.95 34.70
C GLU E 102 -14.48 -2.03 33.82
N SER E 103 -14.19 -3.21 34.40
CA SER E 103 -13.65 -4.30 33.60
C SER E 103 -14.67 -4.77 32.56
N VAL E 104 -15.94 -4.86 32.96
CA VAL E 104 -16.98 -5.28 32.03
C VAL E 104 -17.10 -4.29 30.89
N ARG E 105 -17.10 -3.00 31.21
CA ARG E 105 -17.20 -1.96 30.19
C ARG E 105 -16.01 -2.01 29.24
N ARG E 106 -14.81 -2.17 29.78
CA ARG E 106 -13.63 -2.22 28.93
C ARG E 106 -13.63 -3.46 28.05
N SER E 107 -14.10 -4.59 28.58
CA SER E 107 -14.17 -5.81 27.78
C SER E 107 -15.16 -5.64 26.64
N LEU E 108 -16.31 -5.03 26.91
CA LEU E 108 -17.28 -4.79 25.84
C LEU E 108 -16.72 -3.81 24.81
N LYS E 109 -16.03 -2.77 25.27
CA LYS E 109 -15.42 -1.81 24.34
C LYS E 109 -14.40 -2.49 23.44
N LEU E 110 -13.58 -3.36 24.02
CA LEU E 110 -12.58 -4.06 23.23
C LEU E 110 -13.23 -5.03 22.25
N LYS E 111 -14.25 -5.76 22.70
CA LYS E 111 -14.97 -6.67 21.81
C LYS E 111 -15.59 -5.92 20.65
N GLU E 112 -16.10 -4.72 20.89
CA GLU E 112 -16.70 -3.92 19.82
C GLU E 112 -15.66 -3.29 18.90
N LEU E 113 -14.50 -2.92 19.43
CA LEU E 113 -13.49 -2.24 18.62
C LEU E 113 -12.55 -3.19 17.90
N ALA E 114 -12.54 -4.47 18.26
CA ALA E 114 -11.65 -5.43 17.61
C ALA E 114 -11.77 -5.45 16.10
N PRO E 115 -12.96 -5.49 15.48
CA PRO E 115 -12.99 -5.53 14.01
C PRO E 115 -12.42 -4.27 13.37
N GLN E 116 -12.70 -3.09 13.94
CA GLN E 116 -12.18 -1.87 13.36
C GLN E 116 -10.67 -1.79 13.51
N ILE E 117 -10.15 -2.22 14.67
CA ILE E 117 -8.70 -2.26 14.86
C ILE E 117 -8.06 -3.21 13.86
N ASN E 118 -8.65 -4.38 13.67
CA ASN E 118 -8.11 -5.35 12.71
C ASN E 118 -8.14 -4.79 11.30
N LEU E 119 -9.21 -4.08 10.95
CA LEU E 119 -9.30 -3.49 9.62
C LEU E 119 -8.24 -2.41 9.42
N LEU E 120 -8.07 -1.53 10.40
CA LEU E 120 -7.05 -0.50 10.31
C LEU E 120 -5.65 -1.11 10.23
N TYR E 121 -5.44 -2.23 10.92
CA TYR E 121 -4.12 -2.87 10.87
C TYR E 121 -3.87 -3.52 9.51
N LYS E 122 -4.86 -4.24 8.99
CA LYS E 122 -4.71 -4.87 7.68
C LYS E 122 -4.54 -3.82 6.59
N ASN E 123 -5.19 -2.67 6.74
CA ASN E 123 -5.04 -1.60 5.77
C ASN E 123 -3.65 -0.96 5.81
N GLY E 124 -2.86 -1.26 6.84
CA GLY E 124 -1.53 -0.70 6.94
C GLY E 124 -1.54 0.78 7.24
N SER E 125 -2.27 1.17 8.29
CA SER E 125 -2.33 2.57 8.70
C SER E 125 -2.21 2.73 10.20
N ILE E 126 -1.89 1.67 10.93
CA ILE E 126 -1.81 1.73 12.40
C ILE E 126 -0.47 1.29 12.94
N GLY E 127 0.36 0.61 12.16
CA GLY E 127 1.64 0.09 12.64
C GLY E 127 1.57 -1.41 12.83
N GLU E 128 2.61 -1.93 13.49
CA GLU E 128 2.69 -3.34 13.82
C GLU E 128 2.69 -3.61 15.32
N ASP E 129 3.43 -2.82 16.10
CA ASP E 129 3.53 -3.05 17.53
C ASP E 129 2.19 -2.84 18.24
N TYR E 130 1.42 -1.84 17.81
CA TYR E 130 0.14 -1.60 18.46
C TYR E 130 -0.81 -2.77 18.27
N TRP E 131 -0.71 -3.47 17.14
CA TRP E 131 -1.57 -4.61 16.90
C TRP E 131 -1.34 -5.70 17.93
N LYS E 132 -0.08 -6.09 18.14
CA LYS E 132 0.22 -7.12 19.11
C LYS E 132 -0.02 -6.63 20.53
N ARG E 133 0.17 -5.33 20.77
CA ARG E 133 -0.13 -4.79 22.10
C ARG E 133 -1.61 -4.90 22.41
N PHE E 134 -2.46 -4.59 21.43
CA PHE E 134 -3.89 -4.77 21.60
C PHE E 134 -4.25 -6.24 21.79
N GLU E 135 -3.60 -7.12 21.02
CA GLU E 135 -3.86 -8.55 21.17
C GLU E 135 -3.52 -9.04 22.57
N THR E 136 -2.42 -8.53 23.15
CA THR E 136 -2.09 -8.90 24.52
C THR E 136 -3.08 -8.29 25.50
N GLU E 137 -3.51 -7.05 25.27
CA GLU E 137 -4.50 -6.44 26.14
C GLU E 137 -5.80 -7.23 26.13
N VAL E 138 -6.11 -7.91 25.03
CA VAL E 138 -7.31 -8.74 24.97
C VAL E 138 -7.33 -9.73 26.12
N LYS E 139 -6.24 -10.48 26.31
CA LYS E 139 -6.17 -11.43 27.41
C LYS E 139 -5.85 -10.77 28.75
N LEU E 140 -5.19 -9.61 28.74
CA LEU E 140 -4.95 -8.91 29.98
C LEU E 140 -6.26 -8.50 30.64
N ILE E 141 -7.22 -8.03 29.84
CA ILE E 141 -8.52 -7.64 30.38
C ILE E 141 -9.22 -8.86 30.98
N GLU E 142 -9.16 -10.00 30.29
CA GLU E 142 -9.80 -11.20 30.81
C GLU E 142 -9.14 -11.66 32.11
N LEU E 143 -7.80 -11.55 32.18
CA LEU E 143 -7.10 -11.92 33.40
C LEU E 143 -7.49 -11.00 34.55
N GLU E 144 -7.60 -9.71 34.28
CA GLU E 144 -8.05 -8.77 35.30
C GLU E 144 -9.47 -9.11 35.76
N PHE E 145 -10.34 -9.48 34.83
CA PHE E 145 -11.71 -9.83 35.20
C PHE E 145 -11.75 -11.10 36.04
N LYS E 146 -10.93 -12.09 35.69
CA LYS E 146 -10.87 -13.32 36.48
C LYS E 146 -10.33 -13.03 37.88
N ASP E 147 -9.32 -12.17 37.98
CA ASP E 147 -8.81 -11.78 39.30
C ASP E 147 -9.88 -11.06 40.10
N THR E 148 -10.65 -10.19 39.46
CA THR E 148 -11.72 -9.49 40.15
C THR E 148 -12.78 -10.46 40.66
N LEU E 149 -13.16 -11.42 39.83
CA LEU E 149 -14.17 -12.40 40.25
C LEU E 149 -13.65 -13.26 41.38
N GLN E 150 -12.38 -13.66 41.32
CA GLN E 150 -11.78 -14.43 42.40
C GLN E 150 -11.77 -13.65 43.70
N GLU E 151 -11.40 -12.37 43.64
CA GLU E 151 -11.40 -11.54 44.83
C GLU E 151 -12.82 -11.36 45.36
N ALA E 152 -13.80 -11.25 44.47
CA ALA E 152 -15.18 -11.13 44.90
C ALA E 152 -15.65 -12.38 45.64
N GLU E 153 -15.34 -13.55 45.09
CA GLU E 153 -15.69 -14.79 45.77
C GLU E 153 -14.95 -14.89 47.10
N ARG E 154 -13.71 -14.39 47.16
CA ARG E 154 -12.97 -14.39 48.41
C ARG E 154 -13.65 -13.50 49.45
N LEU E 155 -14.18 -12.36 49.04
CA LEU E 155 -14.77 -11.42 49.99
C LEU E 155 -16.12 -11.92 50.50
N GLN E 156 -16.99 -12.38 49.60
CA GLN E 156 -18.30 -12.86 49.98
C GLN E 156 -18.47 -14.27 49.45
N PRO E 157 -18.78 -15.23 50.32
CA PRO E 157 -18.94 -16.62 49.86
C PRO E 157 -20.23 -16.80 49.08
N GLY E 158 -20.11 -17.45 47.92
CA GLY E 158 -21.27 -17.71 47.09
C GLY E 158 -21.92 -16.46 46.55
N TRP E 159 -21.12 -15.55 46.01
CA TRP E 159 -21.61 -14.28 45.47
C TRP E 159 -21.00 -14.07 44.09
N VAL E 160 -21.06 -15.09 43.25
CA VAL E 160 -20.50 -15.01 41.91
C VAL E 160 -21.56 -14.87 40.83
N GLN E 161 -22.70 -15.55 40.97
CA GLN E 161 -23.74 -15.46 39.95
C GLN E 161 -24.45 -14.11 39.96
N LEU E 162 -24.67 -13.55 41.14
CA LEU E 162 -25.33 -12.25 41.27
C LEU E 162 -24.40 -11.09 41.01
N PHE E 163 -23.14 -11.20 41.41
CA PHE E 163 -22.18 -10.11 41.21
C PHE E 163 -22.01 -9.79 39.74
N VAL E 164 -22.01 -10.82 38.88
CA VAL E 164 -21.81 -10.60 37.46
C VAL E 164 -22.92 -9.71 36.88
N MET E 165 -24.18 -10.09 37.12
CA MET E 165 -25.28 -9.29 36.59
C MET E 165 -25.36 -7.93 37.26
N VAL E 166 -25.00 -7.84 38.55
CA VAL E 166 -25.03 -6.55 39.22
C VAL E 166 -24.04 -5.59 38.58
N CYS E 167 -22.80 -6.05 38.35
CA CYS E 167 -21.83 -5.17 37.73
C CYS E 167 -22.20 -4.88 36.28
N LYS E 168 -22.78 -5.87 35.59
CA LYS E 168 -23.28 -5.66 34.24
C LYS E 168 -24.28 -4.52 34.18
N GLU E 169 -25.18 -4.44 35.16
CA GLU E 169 -26.17 -3.37 35.16
C GLU E 169 -25.58 -2.04 35.62
N ILE E 170 -24.74 -2.04 36.65
CA ILE E 170 -24.19 -0.77 37.13
C ILE E 170 -23.27 -0.15 36.10
N CYS E 171 -22.68 -0.97 35.22
CA CYS E 171 -21.89 -0.42 34.12
C CYS E 171 -22.72 0.54 33.28
N PHE E 172 -23.84 0.04 32.75
CA PHE E 172 -24.70 0.88 31.92
C PHE E 172 -25.29 2.02 32.73
N ASN E 173 -25.61 1.77 34.00
CA ASN E 173 -26.19 2.83 34.83
C ASN E 173 -25.22 3.99 35.01
N GLN E 174 -23.96 3.67 35.32
CA GLN E 174 -22.98 4.73 35.52
C GLN E 174 -22.62 5.41 34.20
N ALA E 175 -22.62 4.64 33.10
CA ALA E 175 -22.42 5.28 31.80
C ALA E 175 -23.51 6.30 31.53
N LEU E 176 -24.77 5.93 31.78
CA LEU E 176 -25.87 6.86 31.58
C LEU E 176 -25.76 8.07 32.50
N SER E 177 -25.39 7.85 33.76
CA SER E 177 -25.29 8.97 34.70
C SER E 177 -24.20 9.94 34.26
N ARG E 178 -23.05 9.42 33.80
CA ARG E 178 -22.00 10.31 33.33
C ARG E 178 -22.44 11.07 32.08
N ARG E 179 -23.07 10.37 31.14
CA ARG E 179 -23.55 11.02 29.92
C ARG E 179 -24.54 12.14 30.25
N TYR E 180 -25.38 11.91 31.26
CA TYR E 180 -26.34 12.93 31.64
C TYR E 180 -25.70 14.08 32.40
N GLN E 181 -24.69 13.79 33.22
CA GLN E 181 -24.02 14.85 33.97
C GLN E 181 -23.17 15.73 33.05
N SER E 182 -22.70 15.17 31.94
CA SER E 182 -21.85 15.93 31.03
C SER E 182 -22.58 17.08 30.35
N ILE E 183 -23.92 17.09 30.36
CA ILE E 183 -24.63 18.14 29.64
C ILE E 183 -24.44 19.49 30.32
N LEU E 184 -24.14 19.50 31.62
CA LEU E 184 -23.89 20.77 32.30
C LEU E 184 -22.68 21.49 31.70
N LYS E 185 -21.62 20.75 31.41
CA LYS E 185 -20.46 21.33 30.75
C LYS E 185 -20.72 21.52 29.25
N ARG E 186 -21.48 20.61 28.64
CA ARG E 186 -21.76 20.73 27.21
C ARG E 186 -22.61 21.95 26.89
N LYS E 187 -23.36 22.45 27.87
CA LYS E 187 -24.27 23.57 27.60
C LYS E 187 -23.52 24.90 27.46
N GLU E 188 -22.36 25.03 28.10
CA GLU E 188 -21.62 26.29 28.03
C GLU E 188 -20.68 26.34 26.85
N VAL E 189 -20.23 25.19 26.35
CA VAL E 189 -19.33 25.18 25.21
C VAL E 189 -20.06 25.67 23.97
N CYS E 190 -21.36 25.35 23.86
CA CYS E 190 -22.13 25.86 22.73
C CYS E 190 -22.28 27.36 22.80
N ILE E 191 -22.50 27.90 24.00
CA ILE E 191 -22.55 29.35 24.18
C ILE E 191 -21.24 29.97 23.75
N LYS E 192 -20.11 29.43 24.24
CA LYS E 192 -18.82 30.01 23.92
C LYS E 192 -18.50 29.90 22.43
N GLU E 193 -18.97 28.84 21.78
CA GLU E 193 -18.61 28.62 20.38
C GLU E 193 -19.49 29.39 19.41
N TRP E 194 -20.76 29.59 19.74
CA TRP E 194 -21.66 30.30 18.84
C TRP E 194 -21.95 31.73 19.30
N GLU E 195 -21.30 32.19 20.37
CA GLU E 195 -21.36 33.59 20.79
C GLU E 195 -22.79 34.03 21.06
N LEU E 196 -23.52 33.22 21.82
CA LEU E 196 -24.91 33.55 22.12
C LEU E 196 -25.00 34.62 23.19
N LYS E 197 -26.02 35.45 23.08
CA LYS E 197 -26.34 36.46 24.07
C LYS E 197 -27.54 35.94 24.86
N ILE E 198 -27.26 35.18 25.91
CA ILE E 198 -28.28 34.52 26.71
C ILE E 198 -28.33 35.17 28.08
N ASN E 199 -29.49 35.72 28.41
CA ASN E 199 -29.71 36.30 29.73
C ASN E 199 -30.15 35.18 30.69
N ASN E 200 -30.66 35.56 31.85
CA ASN E 200 -31.21 34.57 32.77
C ASN E 200 -32.38 33.84 32.12
N ASP E 201 -32.80 32.75 32.76
CA ASP E 201 -33.86 31.87 32.30
C ASP E 201 -33.52 31.17 30.99
N GLY E 202 -32.26 31.21 30.56
CA GLY E 202 -31.86 30.55 29.34
C GLY E 202 -32.40 31.16 28.07
N ARG E 203 -33.05 32.31 28.14
CA ARG E 203 -33.61 32.94 26.96
C ARG E 203 -32.55 33.74 26.22
N LEU E 204 -32.83 34.01 24.95
CA LEU E 204 -31.91 34.76 24.09
C LEU E 204 -32.34 36.21 24.02
N VAL E 205 -31.36 37.11 23.98
CA VAL E 205 -31.59 38.53 23.82
C VAL E 205 -31.02 39.04 22.50
N ASN E 206 -30.73 38.14 21.58
CA ASN E 206 -30.17 38.47 20.27
C ASN E 206 -28.87 39.26 20.39
N THR F 3 -3.36 10.97 46.61
CA THR F 3 -3.83 10.37 47.85
C THR F 3 -5.34 10.57 48.00
N LEU F 4 -5.86 10.21 49.18
CA LEU F 4 -7.30 10.26 49.42
C LEU F 4 -7.56 10.12 50.91
N GLU F 5 -8.56 10.83 51.41
CA GLU F 5 -8.98 10.73 52.80
C GLU F 5 -10.30 9.97 52.90
N TYR F 6 -10.51 9.35 54.05
CA TYR F 6 -11.71 8.56 54.31
C TYR F 6 -12.45 9.14 55.51
N ASN F 7 -13.68 9.58 55.29
CA ASN F 7 -14.50 10.06 56.39
C ASN F 7 -14.98 8.88 57.23
N ALA F 8 -15.18 9.13 58.52
CA ALA F 8 -15.55 8.10 59.47
C ALA F 8 -17.05 8.04 59.75
N ASN F 9 -17.63 9.15 60.22
CA ASN F 9 -19.05 9.15 60.55
C ASN F 9 -19.91 9.09 59.31
N SER F 10 -19.52 9.78 58.24
CA SER F 10 -20.25 9.74 56.99
C SER F 10 -19.81 8.60 56.08
N LYS F 11 -18.60 8.08 56.30
CA LYS F 11 -18.04 7.00 55.49
C LYS F 11 -17.92 7.40 54.02
N LEU F 12 -17.57 8.66 53.78
CA LEU F 12 -17.35 9.17 52.43
C LEU F 12 -15.87 9.19 52.12
N ILE F 13 -15.53 8.81 50.91
CA ILE F 13 -14.14 8.79 50.46
C ILE F 13 -13.88 10.05 49.64
N THR F 14 -12.88 10.83 50.05
CA THR F 14 -12.55 12.08 49.40
C THR F 14 -11.05 12.11 49.10
N ALA F 15 -10.68 12.71 47.97
CA ALA F 15 -9.29 12.86 47.61
C ALA F 15 -8.74 14.11 48.28
N SER F 16 -7.78 13.92 49.19
CA SER F 16 -7.16 15.03 49.90
C SER F 16 -6.10 15.74 49.08
N ASP F 17 -5.92 15.36 47.82
CA ASP F 17 -4.92 16.00 46.97
C ASP F 17 -5.40 17.38 46.54
N ALA F 18 -4.43 18.24 46.19
CA ALA F 18 -4.75 19.58 45.73
C ALA F 18 -5.34 19.54 44.32
N VAL F 19 -4.70 18.81 43.41
CA VAL F 19 -5.15 18.69 42.02
C VAL F 19 -5.32 17.21 41.71
N VAL F 20 -6.49 16.86 41.18
CA VAL F 20 -6.81 15.47 40.85
C VAL F 20 -7.34 15.41 39.42
N ALA F 21 -7.14 14.27 38.79
CA ALA F 21 -7.60 14.07 37.43
C ALA F 21 -9.11 13.90 37.39
N LEU F 22 -9.67 13.92 36.18
CA LEU F 22 -11.11 13.77 36.02
C LEU F 22 -11.54 12.33 36.24
N SER F 23 -10.77 11.38 35.74
CA SER F 23 -11.10 9.97 35.93
C SER F 23 -11.11 9.60 37.41
N THR F 24 -10.07 10.03 38.14
CA THR F 24 -10.02 9.75 39.57
C THR F 24 -11.22 10.38 40.29
N GLU F 25 -11.55 11.62 39.91
CA GLU F 25 -12.67 12.30 40.55
C GLU F 25 -13.98 11.58 40.32
N THR F 26 -14.28 11.24 39.06
CA THR F 26 -15.55 10.58 38.77
C THR F 26 -15.60 9.18 39.36
N ASN F 27 -14.46 8.49 39.45
CA ASN F 27 -14.46 7.17 40.07
C ASN F 27 -14.70 7.28 41.56
N ILE F 28 -14.10 8.29 42.22
CA ILE F 28 -14.36 8.51 43.63
C ILE F 28 -15.82 8.82 43.85
N ASP F 29 -16.42 9.63 42.98
CA ASP F 29 -17.84 9.95 43.11
C ASP F 29 -18.70 8.71 42.92
N GLN F 30 -18.37 7.87 41.95
CA GLN F 30 -19.14 6.64 41.74
C GLN F 30 -19.03 5.73 42.95
N ILE F 31 -17.84 5.61 43.53
CA ILE F 31 -17.67 4.76 44.70
C ILE F 31 -18.45 5.32 45.88
N ASN F 32 -18.46 6.64 46.04
CA ASN F 32 -19.24 7.24 47.11
C ASN F 32 -20.73 6.98 46.91
N VAL F 33 -21.19 7.06 45.67
CA VAL F 33 -22.61 6.76 45.38
C VAL F 33 -22.91 5.31 45.72
N LEU F 34 -22.01 4.40 45.34
CA LEU F 34 -22.20 2.99 45.67
C LEU F 34 -22.26 2.77 47.16
N THR F 35 -21.40 3.45 47.92
CA THR F 35 -21.41 3.29 49.37
C THR F 35 -22.70 3.83 49.98
N THR F 36 -23.15 5.00 49.51
CA THR F 36 -24.41 5.55 50.01
C THR F 36 -25.58 4.63 49.69
N SER F 37 -25.55 3.98 48.53
CA SER F 37 -26.63 3.05 48.19
C SER F 37 -26.56 1.79 49.04
N LEU F 38 -25.35 1.30 49.30
CA LEU F 38 -25.19 0.12 50.14
C LEU F 38 -25.59 0.41 51.59
N ILE F 39 -25.42 1.65 52.03
CA ILE F 39 -25.83 2.02 53.39
C ILE F 39 -27.34 1.93 53.52
N GLY F 40 -28.08 2.44 52.53
CA GLY F 40 -29.52 2.40 52.57
C GLY F 40 -30.09 1.02 52.35
N GLU F 41 -29.51 0.28 51.41
CA GLU F 41 -29.98 -1.07 51.10
C GLU F 41 -29.48 -2.04 52.15
N THR F 42 -30.37 -2.91 52.63
CA THR F 42 -30.06 -3.75 53.79
C THR F 42 -29.59 -5.16 53.41
N ASN F 43 -30.18 -5.75 52.37
CA ASN F 43 -29.90 -7.14 52.08
C ASN F 43 -28.49 -7.29 51.51
N PRO F 44 -27.73 -8.29 51.95
CA PRO F 44 -26.36 -8.44 51.40
C PRO F 44 -26.35 -8.84 49.94
N ASN F 45 -27.19 -9.79 49.54
CA ASN F 45 -27.28 -10.23 48.15
C ASN F 45 -28.48 -9.54 47.51
N PHE F 46 -28.30 -8.26 47.19
CA PHE F 46 -29.38 -7.48 46.62
C PHE F 46 -29.62 -7.86 45.16
N THR F 47 -30.87 -7.84 44.75
CA THR F 47 -31.32 -8.18 43.41
C THR F 47 -31.46 -6.93 42.55
N PRO F 48 -31.28 -7.06 41.24
CA PRO F 48 -31.44 -5.90 40.36
C PRO F 48 -32.87 -5.40 40.24
N GLN F 49 -33.79 -6.02 40.98
CA GLN F 49 -35.17 -5.57 40.98
C GLN F 49 -35.25 -4.15 41.53
N PRO F 50 -35.93 -3.23 40.85
CA PRO F 50 -35.95 -1.83 41.32
C PRO F 50 -36.75 -1.69 42.60
N ASN F 51 -36.59 -0.53 43.23
CA ASN F 51 -37.32 -0.18 44.44
C ASN F 51 -38.74 0.22 44.09
N GLU F 52 -39.60 0.29 45.10
CA GLU F 52 -41.00 0.63 44.91
C GLU F 52 -41.36 2.00 45.48
N ALA F 53 -40.96 2.28 46.72
CA ALA F 53 -41.30 3.57 47.33
C ALA F 53 -40.64 4.72 46.59
N LEU F 54 -39.41 4.52 46.13
CA LEU F 54 -38.73 5.57 45.37
C LEU F 54 -39.44 5.86 44.06
N SER F 55 -39.80 4.82 43.32
CA SER F 55 -40.54 5.01 42.08
C SER F 55 -41.89 5.65 42.35
N LYS F 56 -42.52 5.31 43.48
CA LYS F 56 -43.80 5.90 43.83
C LYS F 56 -43.65 7.39 44.09
N MET F 57 -42.62 7.78 44.84
CA MET F 57 -42.38 9.20 45.09
C MET F 57 -42.08 9.94 43.78
N ILE F 58 -41.29 9.32 42.90
CA ILE F 58 -40.99 9.93 41.62
C ILE F 58 -42.28 10.15 40.82
N LYS F 59 -43.13 9.13 40.77
CA LYS F 59 -44.39 9.25 40.05
C LYS F 59 -45.28 10.32 40.66
N GLY F 60 -45.30 10.40 42.00
CA GLY F 60 -46.11 11.40 42.65
C GLY F 60 -45.65 12.82 42.34
N LEU F 61 -44.34 13.06 42.39
CA LEU F 61 -43.82 14.37 42.05
C LEU F 61 -44.08 14.68 40.57
N PHE F 62 -43.96 13.67 39.71
CA PHE F 62 -44.24 13.87 38.30
C PHE F 62 -45.70 14.25 38.07
N GLU F 63 -46.62 13.62 38.79
CA GLU F 63 -48.03 13.95 38.62
C GLU F 63 -48.34 15.33 39.19
N SER F 64 -47.70 15.69 40.32
CA SER F 64 -47.90 17.03 40.87
C SER F 64 -47.39 18.09 39.90
N GLY F 65 -46.29 17.80 39.20
CA GLY F 65 -45.84 18.73 38.16
C GLY F 65 -46.78 18.78 36.98
N MET F 66 -47.25 17.61 36.52
CA MET F 66 -48.16 17.56 35.38
C MET F 66 -49.48 18.26 35.67
N LYS F 67 -49.92 18.28 36.93
CA LYS F 67 -51.17 18.95 37.26
C LYS F 67 -51.10 20.45 36.94
N ASN F 68 -49.94 21.07 37.13
CA ASN F 68 -49.80 22.49 36.83
C ASN F 68 -50.00 22.78 35.34
N LEU F 69 -49.86 21.78 34.48
CA LEU F 69 -50.15 21.98 33.07
C LEU F 69 -51.63 22.23 32.83
N GLN F 70 -52.50 21.43 33.48
CA GLN F 70 -53.93 21.69 33.41
C GLN F 70 -54.27 23.02 34.07
N GLN F 71 -53.49 23.42 35.08
CA GLN F 71 -53.63 24.73 35.69
C GLN F 71 -52.97 25.83 34.88
N LYS F 72 -52.37 25.49 33.73
CA LYS F 72 -51.66 26.45 32.88
C LYS F 72 -50.53 27.13 33.64
N LYS F 73 -49.85 26.37 34.49
CA LYS F 73 -48.72 26.86 35.28
C LYS F 73 -47.46 26.16 34.76
N LEU F 74 -46.75 26.82 33.85
CA LEU F 74 -45.65 26.21 33.13
C LEU F 74 -44.30 26.39 33.85
N ASN F 75 -44.28 27.07 34.99
CA ASN F 75 -43.04 27.29 35.73
C ASN F 75 -42.88 26.31 36.88
N GLU F 76 -43.85 26.25 37.78
CA GLU F 76 -43.84 25.25 38.84
C GLU F 76 -43.87 23.83 38.29
N ALA F 77 -44.55 23.61 37.18
CA ALA F 77 -44.54 22.29 36.55
C ALA F 77 -43.13 21.89 36.13
N LEU F 78 -42.43 22.80 35.45
CA LEU F 78 -41.06 22.50 35.03
C LEU F 78 -40.15 22.32 36.23
N LYS F 79 -40.34 23.13 37.27
CA LYS F 79 -39.53 22.99 38.48
C LYS F 79 -39.74 21.61 39.12
N ASN F 80 -41.00 21.19 39.25
CA ASN F 80 -41.28 19.88 39.84
C ASN F 80 -40.74 18.76 38.97
N VAL F 81 -40.83 18.89 37.65
CA VAL F 81 -40.33 17.85 36.76
C VAL F 81 -38.83 17.73 36.86
N SER F 82 -38.13 18.87 36.91
CA SER F 82 -36.68 18.85 37.07
C SER F 82 -36.29 18.24 38.42
N LEU F 83 -37.03 18.57 39.47
CA LEU F 83 -36.76 17.99 40.78
C LEU F 83 -36.97 16.47 40.75
N ALA F 84 -38.02 16.01 40.08
CA ALA F 84 -38.28 14.58 39.99
C ALA F 84 -37.18 13.88 39.21
N ILE F 85 -36.71 14.48 38.12
CA ILE F 85 -35.63 13.89 37.34
C ILE F 85 -34.36 13.82 38.17
N GLU F 86 -34.06 14.90 38.91
CA GLU F 86 -32.88 14.89 39.76
C GLU F 86 -32.96 13.81 40.83
N MET F 87 -34.13 13.66 41.44
CA MET F 87 -34.27 12.62 42.47
C MET F 87 -34.15 11.23 41.86
N ALA F 88 -34.73 11.02 40.68
CA ALA F 88 -34.63 9.72 40.03
C ALA F 88 -33.19 9.40 39.66
N GLN F 89 -32.42 10.43 39.31
CA GLN F 89 -31.02 10.19 38.95
C GLN F 89 -30.11 10.06 40.16
N ARG F 90 -30.49 10.66 41.29
CA ARG F 90 -29.65 10.67 42.48
C ARG F 90 -29.94 9.51 43.43
N LYS F 91 -31.18 9.42 43.92
CA LYS F 91 -31.53 8.50 44.98
C LYS F 91 -31.86 7.10 44.47
N ARG F 92 -31.44 6.77 43.25
CA ARG F 92 -31.66 5.45 42.68
C ARG F 92 -30.34 4.72 42.60
N ALA F 93 -30.29 3.52 43.18
CA ALA F 93 -29.05 2.77 43.21
C ALA F 93 -28.66 2.32 41.80
N PRO F 94 -27.36 2.20 41.53
CA PRO F 94 -26.94 1.79 40.18
C PRO F 94 -27.25 0.34 39.85
N TRP F 95 -27.50 -0.50 40.86
CA TRP F 95 -27.78 -1.90 40.58
C TRP F 95 -29.22 -2.15 40.16
N GLU F 96 -30.03 -1.11 40.06
CA GLU F 96 -31.40 -1.29 39.58
C GLU F 96 -31.40 -1.62 38.10
N ALA F 97 -32.52 -2.17 37.65
CA ALA F 97 -32.63 -2.65 36.27
C ALA F 97 -32.46 -1.51 35.28
N PHE F 98 -31.48 -1.65 34.39
CA PHE F 98 -31.24 -0.61 33.38
C PHE F 98 -32.40 -0.51 32.41
N ALA F 99 -32.95 -1.66 31.98
CA ALA F 99 -34.08 -1.69 31.07
C ALA F 99 -35.35 -1.13 31.69
N ILE F 100 -35.36 -0.89 33.00
CA ILE F 100 -36.48 -0.22 33.65
C ILE F 100 -36.14 1.21 34.04
N GLN F 101 -34.90 1.49 34.42
CA GLN F 101 -34.50 2.84 34.76
C GLN F 101 -34.44 3.75 33.54
N LEU F 102 -34.18 3.18 32.37
CA LEU F 102 -34.05 3.97 31.16
C LEU F 102 -35.39 4.48 30.63
N PRO F 103 -36.42 3.65 30.49
CA PRO F 103 -37.68 4.15 29.91
C PRO F 103 -38.36 5.21 30.76
N GLU F 104 -38.33 5.09 32.09
CA GLU F 104 -38.90 6.14 32.92
C GLU F 104 -38.17 7.46 32.73
N LEU F 105 -36.84 7.40 32.67
CA LEU F 105 -36.07 8.61 32.38
C LEU F 105 -36.46 9.21 31.04
N HIS F 106 -36.61 8.36 30.02
CA HIS F 106 -36.98 8.85 28.70
C HIS F 106 -38.34 9.53 28.74
N PHE F 107 -39.32 8.89 29.38
CA PHE F 107 -40.67 9.43 29.44
C PHE F 107 -40.72 10.76 30.19
N MET F 108 -39.98 10.87 31.30
CA MET F 108 -39.97 12.13 32.03
C MET F 108 -39.23 13.21 31.26
N LEU F 109 -38.13 12.84 30.58
CA LEU F 109 -37.37 13.82 29.82
C LEU F 109 -38.16 14.34 28.64
N ARG F 110 -39.01 13.51 28.03
CA ARG F 110 -39.83 13.99 26.92
C ARG F 110 -40.80 15.08 27.39
N SER F 111 -41.43 14.85 28.54
CA SER F 111 -42.33 15.85 29.09
C SER F 111 -41.57 17.13 29.45
N LYS F 112 -40.41 16.99 30.08
CA LYS F 112 -39.60 18.17 30.38
C LYS F 112 -39.23 18.92 29.12
N ILE F 113 -38.88 18.18 28.07
CA ILE F 113 -38.51 18.80 26.79
C ILE F 113 -39.67 19.60 26.24
N ASP F 114 -40.86 19.00 26.19
CA ASP F 114 -42.01 19.70 25.66
C ASP F 114 -42.31 20.94 26.50
N LEU F 115 -42.19 20.84 27.81
CA LEU F 115 -42.49 21.97 28.68
C LEU F 115 -41.51 23.12 28.46
N CYS F 116 -40.21 22.81 28.44
CA CYS F 116 -39.24 23.89 28.27
C CYS F 116 -39.29 24.46 26.86
N LEU F 117 -39.69 23.66 25.87
CA LEU F 117 -39.83 24.17 24.52
C LEU F 117 -41.03 25.11 24.40
N ILE F 118 -42.12 24.76 25.08
CA ILE F 118 -43.28 25.65 25.07
C ILE F 118 -43.00 26.92 25.85
N LEU F 119 -42.27 26.82 26.96
CA LEU F 119 -42.00 27.99 27.80
C LEU F 119 -41.12 28.99 27.07
N GLY F 120 -40.02 28.53 26.48
CA GLY F 120 -39.13 29.40 25.76
C GLY F 120 -37.66 29.13 26.01
N LYS F 121 -37.36 28.30 27.01
CA LYS F 121 -36.00 27.90 27.30
C LYS F 121 -35.53 26.92 26.23
N HIS F 122 -34.69 27.40 25.31
CA HIS F 122 -34.31 26.63 24.13
C HIS F 122 -32.99 25.89 24.28
N LEU F 123 -31.99 26.49 24.92
CA LEU F 123 -30.68 25.84 24.98
C LEU F 123 -30.74 24.54 25.80
N GLU F 124 -31.41 24.58 26.94
CA GLU F 124 -31.58 23.37 27.73
C GLU F 124 -32.38 22.33 26.95
N ALA F 125 -33.39 22.77 26.21
CA ALA F 125 -34.15 21.84 25.38
C ALA F 125 -33.26 21.16 24.35
N LEU F 126 -32.42 21.95 23.67
CA LEU F 126 -31.53 21.38 22.67
C LEU F 126 -30.55 20.39 23.29
N GLN F 127 -30.01 20.73 24.46
CA GLN F 127 -29.10 19.82 25.14
C GLN F 127 -29.81 18.52 25.51
N ASP F 128 -31.07 18.62 25.97
CA ASP F 128 -31.80 17.42 26.37
C ASP F 128 -32.13 16.55 25.18
N LEU F 129 -32.56 17.15 24.06
CA LEU F 129 -32.79 16.36 22.86
C LEU F 129 -31.50 15.69 22.40
N ASP F 130 -30.38 16.41 22.46
CA ASP F 130 -29.11 15.84 22.04
C ASP F 130 -28.74 14.64 22.90
N PHE F 131 -28.91 14.76 24.22
CA PHE F 131 -28.61 13.65 25.12
C PHE F 131 -29.54 12.47 24.84
N LEU F 132 -30.84 12.72 24.73
CA LEU F 132 -31.79 11.64 24.51
C LEU F 132 -31.58 10.96 23.18
N LEU F 133 -31.09 11.69 22.17
CA LEU F 133 -30.84 11.09 20.88
C LEU F 133 -29.53 10.32 20.86
N GLY F 134 -28.51 10.80 21.59
CA GLY F 134 -27.25 10.08 21.65
C GLY F 134 -27.26 8.89 22.57
N THR F 135 -28.22 8.83 23.50
CA THR F 135 -28.29 7.72 24.44
C THR F 135 -29.02 6.51 23.89
N GLY F 136 -29.50 6.58 22.65
CA GLY F 136 -30.08 5.40 22.02
C GLY F 136 -31.56 5.47 21.73
N LEU F 137 -32.08 6.66 21.41
CA LEU F 137 -33.49 6.82 21.06
C LEU F 137 -33.55 7.66 19.79
N ILE F 138 -34.11 7.09 18.72
CA ILE F 138 -34.24 7.75 17.44
C ILE F 138 -35.69 7.67 17.02
N GLN F 139 -36.37 8.81 16.99
CA GLN F 139 -37.77 8.89 16.58
C GLN F 139 -37.99 10.21 15.86
N PRO F 140 -38.86 10.22 14.85
CA PRO F 140 -39.10 11.46 14.11
C PRO F 140 -39.73 12.56 14.96
N ASP F 141 -40.35 12.22 16.08
CA ASP F 141 -40.90 13.23 16.97
C ASP F 141 -39.82 14.04 17.68
N VAL F 142 -38.57 13.62 17.59
CA VAL F 142 -37.45 14.33 18.21
C VAL F 142 -36.74 15.23 17.22
N PHE F 143 -36.54 14.75 15.99
CA PHE F 143 -35.86 15.54 14.98
C PHE F 143 -36.62 16.82 14.67
N VAL F 144 -37.95 16.78 14.68
CA VAL F 144 -38.74 17.98 14.40
C VAL F 144 -38.48 19.04 15.47
N ARG F 145 -38.49 18.65 16.74
CA ARG F 145 -38.24 19.59 17.81
C ARG F 145 -36.80 20.09 17.78
N LYS F 146 -35.86 19.22 17.43
CA LYS F 146 -34.47 19.64 17.34
C LYS F 146 -34.28 20.68 16.26
N ALA F 147 -34.86 20.44 15.07
CA ALA F 147 -34.79 21.42 14.00
C ALA F 147 -35.48 22.72 14.39
N ASP F 148 -36.62 22.63 15.08
CA ASP F 148 -37.31 23.84 15.53
C ASP F 148 -36.42 24.64 16.46
N CYS F 149 -35.75 23.97 17.41
CA CYS F 149 -34.89 24.66 18.34
C CYS F 149 -33.70 25.29 17.64
N LEU F 150 -33.06 24.54 16.75
CA LEU F 150 -31.92 25.07 16.01
C LEU F 150 -32.30 26.28 15.17
N LEU F 151 -33.47 26.25 14.55
CA LEU F 151 -33.92 27.40 13.78
C LEU F 151 -34.24 28.58 14.70
N LYS F 152 -34.74 28.29 15.91
CA LYS F 152 -35.01 29.36 16.85
C LYS F 152 -33.72 30.04 17.32
N LEU F 153 -32.67 29.26 17.55
CA LEU F 153 -31.39 29.81 18.00
C LEU F 153 -30.40 29.99 16.87
N ARG F 154 -30.88 29.98 15.63
CA ARG F 154 -30.10 30.39 14.46
C ARG F 154 -28.84 29.54 14.27
N GLN F 155 -29.06 28.26 14.01
CA GLN F 155 -28.02 27.34 13.55
C GLN F 155 -28.58 26.62 12.34
N TRP F 156 -28.44 27.22 11.16
CA TRP F 156 -29.14 26.76 9.98
C TRP F 156 -28.53 25.51 9.36
N GLU F 157 -27.20 25.39 9.35
CA GLU F 157 -26.57 24.23 8.76
C GLU F 157 -26.93 22.96 9.51
N GLU F 158 -26.73 22.97 10.83
CA GLU F 158 -27.08 21.80 11.63
C GLU F 158 -28.58 21.54 11.60
N ALA F 159 -29.39 22.60 11.52
CA ALA F 159 -30.82 22.41 11.41
C ALA F 159 -31.18 21.65 10.14
N ARG F 160 -30.62 22.07 9.00
CA ARG F 160 -30.91 21.39 7.75
C ARG F 160 -30.39 19.96 7.77
N ALA F 161 -29.21 19.75 8.36
CA ALA F 161 -28.66 18.40 8.43
C ALA F 161 -29.55 17.48 9.27
N THR F 162 -29.97 17.96 10.44
CA THR F 162 -30.83 17.14 11.29
C THR F 162 -32.18 16.89 10.64
N CYS F 163 -32.73 17.89 9.96
CA CYS F 163 -34.01 17.70 9.29
C CYS F 163 -33.89 16.69 8.16
N GLU F 164 -32.78 16.74 7.41
CA GLU F 164 -32.56 15.76 6.36
C GLU F 164 -32.41 14.36 6.93
N ARG F 165 -31.68 14.23 8.04
CA ARG F 165 -31.56 12.91 8.67
C ARG F 165 -32.91 12.40 9.15
N GLY F 166 -33.75 13.30 9.68
CA GLY F 166 -35.08 12.88 10.12
C GLY F 166 -35.94 12.44 8.95
N LEU F 167 -35.92 13.19 7.85
CA LEU F 167 -36.67 12.80 6.67
C LEU F 167 -36.15 11.51 6.06
N ALA F 168 -34.86 11.22 6.23
CA ALA F 168 -34.28 9.99 5.69
C ALA F 168 -34.79 8.74 6.40
N LEU F 169 -35.59 8.89 7.46
CA LEU F 169 -36.15 7.75 8.17
C LEU F 169 -37.66 7.61 7.97
N ALA F 170 -38.40 8.70 8.10
CA ALA F 170 -39.85 8.70 7.88
C ALA F 170 -40.16 9.79 6.87
N PRO F 171 -39.90 9.54 5.58
CA PRO F 171 -40.11 10.58 4.57
C PRO F 171 -41.57 10.93 4.33
N GLU F 172 -42.51 10.26 5.00
CA GLU F 172 -43.93 10.53 4.83
C GLU F 172 -44.44 11.59 5.80
N ASP F 173 -43.54 12.21 6.56
CA ASP F 173 -43.94 13.27 7.47
C ASP F 173 -44.31 14.54 6.70
N MET F 174 -45.28 15.27 7.24
CA MET F 174 -45.69 16.54 6.66
C MET F 174 -45.08 17.75 7.36
N LYS F 175 -44.63 17.58 8.60
CA LYS F 175 -43.97 18.66 9.33
C LYS F 175 -42.49 18.77 9.00
N LEU F 176 -41.81 17.63 8.82
CA LEU F 176 -40.40 17.65 8.44
C LEU F 176 -40.20 18.35 7.10
N ARG F 177 -41.11 18.14 6.16
CA ARG F 177 -40.96 18.77 4.85
C ARG F 177 -41.14 20.29 4.95
N ALA F 178 -42.12 20.73 5.73
CA ALA F 178 -42.30 22.17 5.92
C ALA F 178 -41.11 22.79 6.62
N LEU F 179 -40.57 22.09 7.63
CA LEU F 179 -39.37 22.58 8.31
C LEU F 179 -38.19 22.64 7.35
N LEU F 180 -38.07 21.66 6.46
CA LEU F 180 -37.01 21.67 5.47
C LEU F 180 -37.16 22.84 4.51
N ILE F 181 -38.39 23.13 4.09
CA ILE F 181 -38.63 24.25 3.19
C ILE F 181 -38.26 25.57 3.88
N GLU F 182 -38.70 25.73 5.12
CA GLU F 182 -38.36 26.95 5.86
C GLU F 182 -36.86 27.07 6.07
N THR F 183 -36.19 25.96 6.35
CA THR F 183 -34.74 25.99 6.55
C THR F 183 -34.03 26.36 5.27
N ALA F 184 -34.46 25.81 4.14
CA ALA F 184 -33.85 26.14 2.86
C ALA F 184 -34.05 27.62 2.54
N ARG F 185 -35.25 28.14 2.77
CA ARG F 185 -35.51 29.56 2.52
C ARG F 185 -34.64 30.44 3.42
N ASN F 186 -34.55 30.09 4.71
CA ASN F 186 -33.75 30.87 5.63
C ASN F 186 -32.28 30.83 5.25
N LEU F 187 -31.79 29.68 4.81
CA LEU F 187 -30.38 29.57 4.43
C LEU F 187 -30.11 30.31 3.14
N ALA F 188 -31.06 30.30 2.20
CA ALA F 188 -30.89 31.05 0.97
C ALA F 188 -30.87 32.55 1.23
N GLU F 189 -31.71 33.03 2.14
CA GLU F 189 -31.62 34.42 2.56
C GLU F 189 -30.33 34.69 3.32
N TYR F 190 -29.86 33.71 4.09
CA TYR F 190 -28.64 33.84 4.86
C TYR F 190 -27.42 33.99 3.95
N ASN F 191 -27.44 33.33 2.81
CA ASN F 191 -26.36 33.49 1.84
C ASN F 191 -26.71 34.52 0.77
N GLY F 192 -27.99 34.73 0.50
CA GLY F 192 -28.40 35.69 -0.51
C GLY F 192 -29.05 36.93 0.10
N UNK G 1 1.20 -44.42 16.04
CA UNK G 1 1.70 -43.55 17.09
C UNK G 1 2.78 -42.61 16.56
N UNK G 2 3.24 -41.70 17.41
CA UNK G 2 4.28 -40.76 16.99
C UNK G 2 5.60 -41.48 16.73
N UNK G 3 5.87 -42.57 17.45
CA UNK G 3 7.08 -43.33 17.22
C UNK G 3 7.10 -43.95 15.83
N UNK G 4 5.96 -44.49 15.40
CA UNK G 4 5.86 -45.07 14.06
C UNK G 4 6.08 -44.00 12.99
N UNK G 5 5.51 -42.80 13.18
CA UNK G 5 5.69 -41.73 12.23
C UNK G 5 7.14 -41.28 12.17
N UNK G 6 7.79 -41.16 13.33
CA UNK G 6 9.20 -40.76 13.35
C UNK G 6 10.08 -41.82 12.69
N UNK G 7 9.79 -43.10 12.93
CA UNK G 7 10.57 -44.16 12.30
C UNK G 7 10.38 -44.16 10.79
N UNK G 8 9.13 -43.95 10.33
CA UNK G 8 8.89 -43.89 8.90
C UNK G 8 9.60 -42.70 8.26
N UNK G 9 9.59 -41.56 8.93
CA UNK G 9 10.29 -40.39 8.40
C UNK G 9 11.80 -40.64 8.33
N UNK G 10 12.36 -41.24 9.37
CA UNK G 10 13.80 -41.53 9.36
C UNK G 10 14.14 -42.54 8.27
N UNK G 11 13.29 -43.55 8.07
CA UNK G 11 13.54 -44.53 7.02
C UNK G 11 13.46 -43.90 5.64
N UNK G 12 12.49 -43.00 5.43
CA UNK G 12 12.39 -42.31 4.15
C UNK G 12 13.61 -41.42 3.91
N UNK G 13 14.08 -40.73 4.96
CA UNK G 13 15.27 -39.90 4.81
C UNK G 13 16.49 -40.74 4.47
N UNK G 14 16.66 -41.88 5.16
CA UNK G 14 17.80 -42.75 4.87
C UNK G 14 17.71 -43.31 3.45
N UNK G 15 16.51 -43.69 3.01
CA UNK G 15 16.35 -44.21 1.66
C UNK G 15 16.67 -43.16 0.61
N UNK G 16 16.22 -41.92 0.83
CA UNK G 16 16.55 -40.84 -0.11
C UNK G 16 18.04 -40.54 -0.13
N UNK G 17 18.68 -40.57 1.05
CA UNK G 17 20.12 -40.34 1.10
C UNK G 17 20.87 -41.45 0.37
N UNK G 18 20.41 -42.69 0.50
CA UNK G 18 21.07 -43.80 -0.20
C UNK G 18 20.84 -43.70 -1.71
N UNK G 19 19.66 -43.23 -2.11
CA UNK G 19 19.39 -43.05 -3.54
C UNK G 19 20.17 -41.88 -4.11
N UNK G 20 20.57 -40.93 -3.26
CA UNK G 20 21.32 -39.78 -3.75
C UNK G 20 22.73 -40.17 -4.19
N UNK G 21 23.25 -41.27 -3.67
CA UNK G 21 24.61 -41.69 -4.04
C UNK G 21 24.65 -42.15 -5.49
N UNK G 22 25.79 -41.90 -6.15
CA UNK G 22 25.97 -42.25 -7.55
C UNK G 22 26.85 -43.48 -7.74
N UNK G 23 27.27 -44.13 -6.67
CA UNK G 23 28.12 -45.31 -6.74
C UNK G 23 27.34 -46.52 -6.25
N UNK G 24 27.21 -47.53 -7.11
CA UNK G 24 26.48 -48.74 -6.77
C UNK G 24 26.99 -49.90 -7.62
N UNK G 25 26.91 -51.11 -7.06
CA UNK G 25 27.36 -52.29 -7.78
C UNK G 25 26.33 -52.76 -8.80
N UNK G 26 25.04 -52.60 -8.51
CA UNK G 26 23.97 -52.97 -9.42
C UNK G 26 23.69 -51.90 -10.47
N UNK G 27 24.63 -50.99 -10.70
CA UNK G 27 24.41 -49.90 -11.65
C UNK G 27 24.12 -50.43 -13.06
N UNK G 28 24.63 -51.62 -13.38
CA UNK G 28 24.41 -52.19 -14.71
C UNK G 28 22.93 -52.48 -14.93
N UNK G 29 22.26 -53.09 -13.95
CA UNK G 29 20.85 -53.40 -14.11
C UNK G 29 20.00 -52.14 -14.17
N UNK G 30 20.36 -51.13 -13.37
CA UNK G 30 19.63 -49.86 -13.41
C UNK G 30 19.79 -49.17 -14.76
N UNK G 31 21.01 -49.18 -15.31
CA UNK G 31 21.22 -48.59 -16.63
C UNK G 31 20.48 -49.36 -17.71
N UNK G 32 20.44 -50.70 -17.59
CA UNK G 32 19.68 -51.49 -18.55
C UNK G 32 18.20 -51.18 -18.49
N UNK G 33 17.65 -51.04 -17.27
CA UNK G 33 16.24 -50.68 -17.13
C UNK G 33 15.95 -49.29 -17.67
N UNK G 34 16.86 -48.34 -17.43
CA UNK G 34 16.68 -47.00 -17.97
C UNK G 34 16.72 -47.00 -19.49
N UNK G 35 17.63 -47.78 -20.08
CA UNK G 35 17.68 -47.87 -21.53
C UNK G 35 16.43 -48.53 -22.09
N UNK G 36 15.91 -49.54 -21.39
CA UNK G 36 14.67 -50.18 -21.84
C UNK G 36 13.50 -49.21 -21.78
N UNK G 37 13.41 -48.41 -20.71
CA UNK G 37 12.35 -47.40 -20.62
C UNK G 37 12.48 -46.36 -21.71
N UNK G 38 13.71 -45.91 -21.99
CA UNK G 38 13.93 -44.94 -23.06
C UNK G 38 13.54 -45.52 -24.42
N UNK G 39 13.86 -46.80 -24.64
CA UNK G 39 13.50 -47.45 -25.90
C UNK G 39 11.98 -47.58 -26.03
N UNK G 40 11.30 -47.91 -24.93
CA UNK G 40 9.84 -47.99 -24.98
C UNK G 40 9.21 -46.63 -25.26
N UNK G 41 9.74 -45.57 -24.64
CA UNK G 41 9.22 -44.23 -24.89
C UNK G 41 9.48 -43.82 -26.35
N UNK G 42 10.65 -44.15 -26.88
CA UNK G 42 10.95 -43.81 -28.26
C UNK G 42 10.05 -44.60 -29.22
N UNK G 43 9.76 -45.85 -28.89
CA UNK G 43 8.85 -46.64 -29.73
C UNK G 43 7.44 -46.07 -29.69
N UNK G 44 6.99 -45.63 -28.52
CA UNK G 44 5.68 -44.99 -28.43
C UNK G 44 5.63 -43.70 -29.25
N UNK G 45 6.69 -42.89 -29.17
CA UNK G 45 6.73 -41.66 -29.95
C UNK G 45 6.75 -41.95 -31.45
N UNK G 46 7.49 -42.98 -31.86
CA UNK G 46 7.53 -43.34 -33.27
C UNK G 46 6.19 -43.85 -33.76
N UNK G 47 5.49 -44.64 -32.94
CA UNK G 47 4.17 -45.10 -33.31
C UNK G 47 3.19 -43.94 -33.42
N UNK G 48 3.28 -42.97 -32.50
CA UNK G 48 2.43 -41.80 -32.59
C UNK G 48 2.72 -41.00 -33.85
N UNK G 49 3.99 -40.84 -34.20
CA UNK G 49 4.35 -40.12 -35.41
C UNK G 49 3.85 -40.85 -36.66
N UNK G 50 3.95 -42.19 -36.66
CA UNK G 50 3.45 -42.96 -37.79
C UNK G 50 1.94 -42.84 -37.92
N UNK G 51 1.22 -42.87 -36.80
CA UNK G 51 -0.23 -42.69 -36.84
C UNK G 51 -0.60 -41.30 -37.34
N UNK G 52 0.16 -40.28 -36.92
CA UNK G 52 -0.10 -38.93 -37.38
C UNK G 52 0.16 -38.80 -38.89
N UNK G 53 1.21 -39.45 -39.38
CA UNK G 53 1.50 -39.41 -40.81
C UNK G 53 0.44 -40.15 -41.60
N UNK G 54 -0.04 -41.28 -41.09
CA UNK G 54 -1.08 -42.04 -41.78
C UNK G 54 -2.41 -41.31 -41.78
N UNK G 55 -2.71 -40.56 -40.71
CA UNK G 55 -3.95 -39.80 -40.66
C UNK G 55 -3.95 -38.68 -41.68
N UNK G 56 -2.81 -38.05 -41.91
CA UNK G 56 -2.70 -36.97 -42.88
C UNK G 56 -2.50 -37.51 -44.29
#